data_1OB9
# 
_entry.id   1OB9 
# 
_audit_conform.dict_name       mmcif_pdbx.dic 
_audit_conform.dict_version    5.382 
_audit_conform.dict_location   http://mmcif.pdb.org/dictionaries/ascii/mmcif_pdbx.dic 
# 
loop_
_database_2.database_id 
_database_2.database_code 
_database_2.pdbx_database_accession 
_database_2.pdbx_DOI 
PDB   1OB9         pdb_00001ob9 10.2210/pdb1ob9/pdb 
PDBE  EBI-12016    ?            ?                   
WWPDB D_1290012016 ?            ?                   
# 
_pdbx_database_related.db_name        PDB 
_pdbx_database_related.db_id          1OB8 
_pdbx_database_related.content_type   unspecified 
_pdbx_database_related.details        'HOLLIDAY JUNCTION RESOLVING ENZYME' 
# 
_pdbx_database_status.status_code                     REL 
_pdbx_database_status.entry_id                        1OB9 
_pdbx_database_status.deposit_site                    PDBE 
_pdbx_database_status.process_site                    PDBE 
_pdbx_database_status.SG_entry                        . 
_pdbx_database_status.recvd_initial_deposition_date   2003-01-28 
_pdbx_database_status.pdb_format_compatible           Y 
_pdbx_database_status.status_code_sf                  REL 
_pdbx_database_status.status_code_mr                  ? 
_pdbx_database_status.status_code_cs                  ? 
_pdbx_database_status.methods_development_category    ? 
_pdbx_database_status.status_code_nmr_data            ? 
# 
loop_
_audit_author.name 
_audit_author.pdbx_ordinal 
_audit_author.identifier_ORCID 
'Middleton, C.L.' 1 ? 
'Parker, J.L.'    2 ? 
'Richard, D.J.'   3 ? 
'White, M.F.'     4 ? 
'Bond, C.S.'      5 ? 
# 
_citation.id                        primary 
_citation.title                     'Substrate Recognition and Catalysis by the Holliday Junction Resolving Enzyme Hje.' 
_citation.journal_abbrev            'Nucleic Acids Res.' 
_citation.journal_volume            32 
_citation.page_first                5442 
_citation.page_last                 ? 
_citation.year                      2004 
_citation.journal_id_ASTM           NARHAD 
_citation.country                   UK 
_citation.journal_id_ISSN           0305-1048 
_citation.journal_id_CSD            0389 
_citation.book_publisher            ? 
_citation.pdbx_database_id_PubMed   15479781 
_citation.pdbx_database_id_DOI      10.1093/NAR/GKH869 
# 
loop_
_citation_author.citation_id 
_citation_author.name 
_citation_author.ordinal 
_citation_author.identifier_ORCID 
primary 'Middleton, C.L.' 1 ? 
primary 'Parker, J.L.'    2 ? 
primary 'Richard, D.J.'   3 ? 
primary 'White, M.F.'     4 ? 
primary 'Bond, C.S.'      5 ? 
# 
_cell.entry_id           1OB9 
_cell.length_a           76.570 
_cell.length_b           76.570 
_cell.length_c           88.944 
_cell.angle_alpha        90.00 
_cell.angle_beta         90.00 
_cell.angle_gamma        90.00 
_cell.Z_PDB              8 
_cell.pdbx_unique_axis   ? 
# 
_symmetry.entry_id                         1OB9 
_symmetry.space_group_name_H-M             'I 41' 
_symmetry.pdbx_full_space_group_name_H-M   ? 
_symmetry.cell_setting                     ? 
_symmetry.Int_Tables_number                80 
# 
loop_
_entity.id 
_entity.type 
_entity.src_method 
_entity.pdbx_description 
_entity.formula_weight 
_entity.pdbx_number_of_molecules 
_entity.pdbx_ec 
_entity.pdbx_mutation 
_entity.pdbx_fragment 
_entity.details 
1 polymer     man 'HOLLIDAY JUNCTION RESOLVASE' 15475.105 1   ? ? ? ? 
2 non-polymer syn 1,2-ETHANEDIOL                62.068    1   ? ? ? ? 
3 non-polymer syn 'FORMIC ACID'                 46.025    7   ? ? ? ? 
4 water       nat water                         18.015    151 ? ? ? ? 
# 
_entity_name_com.entity_id   1 
_entity_name_com.name        'HOLLIDAY JUNCTION ENDONUCLEASE' 
# 
_entity_poly.entity_id                      1 
_entity_poly.type                           'polypeptide(L)' 
_entity_poly.nstd_linkage                   no 
_entity_poly.nstd_monomer                   no 
_entity_poly.pdbx_seq_one_letter_code       
;MNRDIGKNAERELVSILRGEGFNAVRIPTSNSSPNPLPDIFATKGNTLLSIECKSTWENKVKVKEHQVRKLLDFLSMFTM
KGVPLIAIKFKQVHEWRVLVPEKAEDIIVTIDNSIPIEDLFKILEKRIEEKILTP
;
_entity_poly.pdbx_seq_one_letter_code_can   
;MNRDIGKNAERELVSILRGEGFNAVRIPTSNSSPNPLPDIFATKGNTLLSIECKSTWENKVKVKEHQVRKLLDFLSMFTM
KGVPLIAIKFKQVHEWRVLVPEKAEDIIVTIDNSIPIEDLFKILEKRIEEKILTP
;
_entity_poly.pdbx_strand_id                 A 
_entity_poly.pdbx_target_identifier         ? 
# 
loop_
_entity_poly_seq.entity_id 
_entity_poly_seq.num 
_entity_poly_seq.mon_id 
_entity_poly_seq.hetero 
1 1   MET n 
1 2   ASN n 
1 3   ARG n 
1 4   ASP n 
1 5   ILE n 
1 6   GLY n 
1 7   LYS n 
1 8   ASN n 
1 9   ALA n 
1 10  GLU n 
1 11  ARG n 
1 12  GLU n 
1 13  LEU n 
1 14  VAL n 
1 15  SER n 
1 16  ILE n 
1 17  LEU n 
1 18  ARG n 
1 19  GLY n 
1 20  GLU n 
1 21  GLY n 
1 22  PHE n 
1 23  ASN n 
1 24  ALA n 
1 25  VAL n 
1 26  ARG n 
1 27  ILE n 
1 28  PRO n 
1 29  THR n 
1 30  SER n 
1 31  ASN n 
1 32  SER n 
1 33  SER n 
1 34  PRO n 
1 35  ASN n 
1 36  PRO n 
1 37  LEU n 
1 38  PRO n 
1 39  ASP n 
1 40  ILE n 
1 41  PHE n 
1 42  ALA n 
1 43  THR n 
1 44  LYS n 
1 45  GLY n 
1 46  ASN n 
1 47  THR n 
1 48  LEU n 
1 49  LEU n 
1 50  SER n 
1 51  ILE n 
1 52  GLU n 
1 53  CYS n 
1 54  LYS n 
1 55  SER n 
1 56  THR n 
1 57  TRP n 
1 58  GLU n 
1 59  ASN n 
1 60  LYS n 
1 61  VAL n 
1 62  LYS n 
1 63  VAL n 
1 64  LYS n 
1 65  GLU n 
1 66  HIS n 
1 67  GLN n 
1 68  VAL n 
1 69  ARG n 
1 70  LYS n 
1 71  LEU n 
1 72  LEU n 
1 73  ASP n 
1 74  PHE n 
1 75  LEU n 
1 76  SER n 
1 77  MET n 
1 78  PHE n 
1 79  THR n 
1 80  MET n 
1 81  LYS n 
1 82  GLY n 
1 83  VAL n 
1 84  PRO n 
1 85  LEU n 
1 86  ILE n 
1 87  ALA n 
1 88  ILE n 
1 89  LYS n 
1 90  PHE n 
1 91  LYS n 
1 92  GLN n 
1 93  VAL n 
1 94  HIS n 
1 95  GLU n 
1 96  TRP n 
1 97  ARG n 
1 98  VAL n 
1 99  LEU n 
1 100 VAL n 
1 101 PRO n 
1 102 GLU n 
1 103 LYS n 
1 104 ALA n 
1 105 GLU n 
1 106 ASP n 
1 107 ILE n 
1 108 ILE n 
1 109 VAL n 
1 110 THR n 
1 111 ILE n 
1 112 ASP n 
1 113 ASN n 
1 114 SER n 
1 115 ILE n 
1 116 PRO n 
1 117 ILE n 
1 118 GLU n 
1 119 ASP n 
1 120 LEU n 
1 121 PHE n 
1 122 LYS n 
1 123 ILE n 
1 124 LEU n 
1 125 GLU n 
1 126 LYS n 
1 127 ARG n 
1 128 ILE n 
1 129 GLU n 
1 130 GLU n 
1 131 LYS n 
1 132 ILE n 
1 133 LEU n 
1 134 THR n 
1 135 PRO n 
# 
_entity_src_gen.entity_id                          1 
_entity_src_gen.pdbx_src_id                        1 
_entity_src_gen.pdbx_alt_source_flag               sample 
_entity_src_gen.pdbx_seq_type                      ? 
_entity_src_gen.pdbx_beg_seq_num                   ? 
_entity_src_gen.pdbx_end_seq_num                   ? 
_entity_src_gen.gene_src_common_name               ? 
_entity_src_gen.gene_src_genus                     ? 
_entity_src_gen.pdbx_gene_src_gene                 ? 
_entity_src_gen.gene_src_species                   ? 
_entity_src_gen.gene_src_strain                    ? 
_entity_src_gen.gene_src_tissue                    ? 
_entity_src_gen.gene_src_tissue_fraction           ? 
_entity_src_gen.gene_src_details                   ? 
_entity_src_gen.pdbx_gene_src_fragment             ? 
_entity_src_gen.pdbx_gene_src_scientific_name      'SULFOLOBUS SOLFATARICUS' 
_entity_src_gen.pdbx_gene_src_ncbi_taxonomy_id     2287 
_entity_src_gen.pdbx_gene_src_variant              ? 
_entity_src_gen.pdbx_gene_src_cell_line            ? 
_entity_src_gen.pdbx_gene_src_atcc                 ? 
_entity_src_gen.pdbx_gene_src_organ                ? 
_entity_src_gen.pdbx_gene_src_organelle            ? 
_entity_src_gen.pdbx_gene_src_cell                 ? 
_entity_src_gen.pdbx_gene_src_cellular_location    ? 
_entity_src_gen.host_org_common_name               ? 
_entity_src_gen.pdbx_host_org_scientific_name      'ESCHERICHIA COLI  BL21(DE3)' 
_entity_src_gen.pdbx_host_org_ncbi_taxonomy_id     469008 
_entity_src_gen.host_org_genus                     ? 
_entity_src_gen.pdbx_host_org_gene                 ? 
_entity_src_gen.pdbx_host_org_organ                ? 
_entity_src_gen.host_org_species                   ? 
_entity_src_gen.pdbx_host_org_tissue               ? 
_entity_src_gen.pdbx_host_org_tissue_fraction      ? 
_entity_src_gen.pdbx_host_org_strain               ? 
_entity_src_gen.pdbx_host_org_variant              RIL 
_entity_src_gen.pdbx_host_org_cell_line            ? 
_entity_src_gen.pdbx_host_org_atcc                 ? 
_entity_src_gen.pdbx_host_org_culture_collection   ? 
_entity_src_gen.pdbx_host_org_cell                 ? 
_entity_src_gen.pdbx_host_org_organelle            ? 
_entity_src_gen.pdbx_host_org_cellular_location    ? 
_entity_src_gen.pdbx_host_org_vector_type          ? 
_entity_src_gen.pdbx_host_org_vector               ? 
_entity_src_gen.host_org_details                   ? 
_entity_src_gen.expression_system_id               ? 
_entity_src_gen.plasmid_name                       PET19B 
_entity_src_gen.plasmid_details                    ? 
_entity_src_gen.pdbx_description                   ? 
# 
_struct_ref.id                         1 
_struct_ref.db_name                    UNP 
_struct_ref.db_code                    Q97YX6 
_struct_ref.entity_id                  1 
_struct_ref.pdbx_seq_one_letter_code   ? 
_struct_ref.pdbx_align_begin           ? 
_struct_ref.pdbx_db_accession          Q97YX6 
_struct_ref.pdbx_db_isoform            ? 
# 
_struct_ref_seq.align_id                      1 
_struct_ref_seq.ref_id                        1 
_struct_ref_seq.pdbx_PDB_id_code              1OB9 
_struct_ref_seq.pdbx_strand_id                A 
_struct_ref_seq.seq_align_beg                 1 
_struct_ref_seq.pdbx_seq_align_beg_ins_code   ? 
_struct_ref_seq.seq_align_end                 135 
_struct_ref_seq.pdbx_seq_align_end_ins_code   ? 
_struct_ref_seq.pdbx_db_accession             Q97YX6 
_struct_ref_seq.db_align_beg                  1 
_struct_ref_seq.pdbx_db_align_beg_ins_code    ? 
_struct_ref_seq.db_align_end                  135 
_struct_ref_seq.pdbx_db_align_end_ins_code    ? 
_struct_ref_seq.pdbx_auth_seq_align_beg       1 
_struct_ref_seq.pdbx_auth_seq_align_end       135 
# 
loop_
_chem_comp.id 
_chem_comp.type 
_chem_comp.mon_nstd_flag 
_chem_comp.name 
_chem_comp.pdbx_synonyms 
_chem_comp.formula 
_chem_comp.formula_weight 
ALA 'L-peptide linking' y ALANINE         ?                 'C3 H7 N O2'     89.093  
ARG 'L-peptide linking' y ARGININE        ?                 'C6 H15 N4 O2 1' 175.209 
ASN 'L-peptide linking' y ASPARAGINE      ?                 'C4 H8 N2 O3'    132.118 
ASP 'L-peptide linking' y 'ASPARTIC ACID' ?                 'C4 H7 N O4'     133.103 
CYS 'L-peptide linking' y CYSTEINE        ?                 'C3 H7 N O2 S'   121.158 
EDO non-polymer         . 1,2-ETHANEDIOL  'ETHYLENE GLYCOL' 'C2 H6 O2'       62.068  
FMT non-polymer         . 'FORMIC ACID'   ?                 'C H2 O2'        46.025  
GLN 'L-peptide linking' y GLUTAMINE       ?                 'C5 H10 N2 O3'   146.144 
GLU 'L-peptide linking' y 'GLUTAMIC ACID' ?                 'C5 H9 N O4'     147.129 
GLY 'peptide linking'   y GLYCINE         ?                 'C2 H5 N O2'     75.067  
HIS 'L-peptide linking' y HISTIDINE       ?                 'C6 H10 N3 O2 1' 156.162 
HOH non-polymer         . WATER           ?                 'H2 O'           18.015  
ILE 'L-peptide linking' y ISOLEUCINE      ?                 'C6 H13 N O2'    131.173 
LEU 'L-peptide linking' y LEUCINE         ?                 'C6 H13 N O2'    131.173 
LYS 'L-peptide linking' y LYSINE          ?                 'C6 H15 N2 O2 1' 147.195 
MET 'L-peptide linking' y METHIONINE      ?                 'C5 H11 N O2 S'  149.211 
PHE 'L-peptide linking' y PHENYLALANINE   ?                 'C9 H11 N O2'    165.189 
PRO 'L-peptide linking' y PROLINE         ?                 'C5 H9 N O2'     115.130 
SER 'L-peptide linking' y SERINE          ?                 'C3 H7 N O3'     105.093 
THR 'L-peptide linking' y THREONINE       ?                 'C4 H9 N O3'     119.119 
TRP 'L-peptide linking' y TRYPTOPHAN      ?                 'C11 H12 N2 O2'  204.225 
VAL 'L-peptide linking' y VALINE          ?                 'C5 H11 N O2'    117.146 
# 
_exptl.entry_id          1OB9 
_exptl.method            'X-RAY DIFFRACTION' 
_exptl.crystals_number   1 
# 
_exptl_crystal.id                    1 
_exptl_crystal.density_meas          ? 
_exptl_crystal.density_Matthews      4.07 
_exptl_crystal.density_percent_sol   69.51 
_exptl_crystal.description           ? 
# 
_exptl_crystal_grow.crystal_id      1 
_exptl_crystal_grow.method          ? 
_exptl_crystal_grow.temp            293 
_exptl_crystal_grow.temp_details    ? 
_exptl_crystal_grow.pH              7.50 
_exptl_crystal_grow.pdbx_pH_range   ? 
_exptl_crystal_grow.pdbx_details    
'0.1M HEPES PH 7.5,2.0M AMMONIUM FORMATE,PASSED THROUGH MOTHER LIQUOR WITH 20%ETHYLENE GLYCOL,293K' 
# 
_diffrn.id                     1 
_diffrn.ambient_temp           100.0 
_diffrn.ambient_temp_details   ? 
_diffrn.crystal_id             1 
# 
_diffrn_detector.diffrn_id              1 
_diffrn_detector.detector               'IMAGE PLATE' 
_diffrn_detector.type                   'RIGAKU IMAGE PLATE' 
_diffrn_detector.pdbx_collection_date   2002-09-16 
_diffrn_detector.details                'OSMIC MIRRORS' 
# 
_diffrn_radiation.diffrn_id                        1 
_diffrn_radiation.wavelength_id                    1 
_diffrn_radiation.pdbx_monochromatic_or_laue_m_l   M 
_diffrn_radiation.monochromator                    ? 
_diffrn_radiation.pdbx_diffrn_protocol             'SINGLE WAVELENGTH' 
_diffrn_radiation.pdbx_scattering_type             x-ray 
# 
_diffrn_radiation_wavelength.id           1 
_diffrn_radiation_wavelength.wavelength   1.5418 
_diffrn_radiation_wavelength.wt           1.0 
# 
_diffrn_source.diffrn_id                   1 
_diffrn_source.source                      'ROTATING ANODE' 
_diffrn_source.type                        'RIGAKU RU200' 
_diffrn_source.pdbx_synchrotron_site       ? 
_diffrn_source.pdbx_synchrotron_beamline   ? 
_diffrn_source.pdbx_wavelength             1.5418 
_diffrn_source.pdbx_wavelength_list        ? 
# 
_reflns.pdbx_diffrn_id               1 
_reflns.pdbx_ordinal                 1 
_reflns.entry_id                     1OB9 
_reflns.observed_criterion_sigma_I   ? 
_reflns.observed_criterion_sigma_F   ? 
_reflns.d_resolution_low             30.000 
_reflns.d_resolution_high            2.000 
_reflns.number_obs                   50200 
_reflns.number_all                   ? 
_reflns.percent_possible_obs         97.8 
_reflns.pdbx_Rmerge_I_obs            ? 
_reflns.pdbx_Rsym_value              0.07900 
_reflns.pdbx_netI_over_sigmaI        11.9000 
_reflns.B_iso_Wilson_estimate        ? 
_reflns.pdbx_redundancy              2.960 
# 
_reflns_shell.pdbx_diffrn_id         1 
_reflns_shell.pdbx_ordinal           1 
_reflns_shell.d_res_high             2.00 
_reflns_shell.d_res_low              2.07 
_reflns_shell.percent_possible_all   95.9 
_reflns_shell.Rmerge_I_obs           ? 
_reflns_shell.pdbx_Rsym_value        0.54400 
_reflns_shell.meanI_over_sigI_obs    2.460 
_reflns_shell.pdbx_redundancy        ? 
# 
_refine.pdbx_refine_id                           'X-RAY DIFFRACTION' 
_refine.entry_id                                 1OB9 
_refine.pdbx_diffrn_id                           1 
_refine.pdbx_TLS_residual_ADP_flag               ? 
_refine.ls_number_reflns_obs                     16088 
_refine.ls_number_reflns_all                     ? 
_refine.pdbx_ls_sigma_I                          ? 
_refine.pdbx_ls_sigma_F                          ? 
_refine.pdbx_data_cutoff_high_absF               ? 
_refine.pdbx_data_cutoff_low_absF                ? 
_refine.pdbx_data_cutoff_high_rms_absF           ? 
_refine.ls_d_res_low                             27.63 
_refine.ls_d_res_high                            2.00 
_refine.ls_percent_reflns_obs                    97.7 
_refine.ls_R_factor_obs                          ? 
_refine.ls_R_factor_all                          ? 
_refine.ls_R_factor_R_work                       0.200 
_refine.ls_R_factor_R_free                       0.240 
_refine.ls_R_factor_R_free_error                 ? 
_refine.ls_R_factor_R_free_error_details         ? 
_refine.ls_percent_reflns_R_free                 5.000 
_refine.ls_number_reflns_R_free                  855 
_refine.ls_number_parameters                     ? 
_refine.ls_number_restraints                     ? 
_refine.occupancy_min                            ? 
_refine.occupancy_max                            ? 
_refine.correlation_coeff_Fo_to_Fc               0.947 
_refine.correlation_coeff_Fo_to_Fc_free          0.923 
_refine.B_iso_mean                               35.18 
_refine.aniso_B[1][1]                            0.00000 
_refine.aniso_B[2][2]                            0.00000 
_refine.aniso_B[3][3]                            -0.01000 
_refine.aniso_B[1][2]                            0.00000 
_refine.aniso_B[1][3]                            0.00000 
_refine.aniso_B[2][3]                            0.00000 
_refine.solvent_model_details                    'BABINET MODEL PLUS MASK' 
_refine.solvent_model_param_ksol                 ? 
_refine.solvent_model_param_bsol                 ? 
_refine.pdbx_solvent_vdw_probe_radii             1.40 
_refine.pdbx_solvent_ion_probe_radii             0.80 
_refine.pdbx_solvent_shrinkage_radii             0.80 
_refine.pdbx_ls_cross_valid_method               THROUGHOUT 
_refine.details                                  'HYDROGENS HAVE BEEN ADDED IN THE RIDING POSITIONS' 
_refine.pdbx_starting_model                      'PDB ENTRY 1OB8' 
_refine.pdbx_method_to_determine_struct          'MOLECULAR REPLACEMENT' 
_refine.pdbx_isotropic_thermal_model             ? 
_refine.pdbx_stereochemistry_target_values       'MAXIMUM LIKELIHOOD' 
_refine.pdbx_stereochem_target_val_spec_case     ? 
_refine.pdbx_R_Free_selection_details            RANDOM 
_refine.pdbx_overall_ESU_R                       0.133 
_refine.pdbx_overall_ESU_R_Free                  0.134 
_refine.overall_SU_ML                            0.103 
_refine.pdbx_overall_phase_error                 ? 
_refine.overall_SU_B                             3.817 
_refine.overall_SU_R_Cruickshank_DPI             ? 
_refine.pdbx_overall_SU_R_free_Cruickshank_DPI   ? 
_refine.pdbx_overall_SU_R_Blow_DPI               ? 
_refine.pdbx_overall_SU_R_free_Blow_DPI          ? 
# 
_refine_hist.pdbx_refine_id                   'X-RAY DIFFRACTION' 
_refine_hist.cycle_id                         LAST 
_refine_hist.pdbx_number_atoms_protein        995 
_refine_hist.pdbx_number_atoms_nucleic_acid   0 
_refine_hist.pdbx_number_atoms_ligand         25 
_refine_hist.number_atoms_solvent             151 
_refine_hist.number_atoms_total               1171 
_refine_hist.d_res_high                       2.00 
_refine_hist.d_res_low                        27.63 
# 
loop_
_refine_ls_restr.type 
_refine_ls_restr.dev_ideal 
_refine_ls_restr.dev_ideal_target 
_refine_ls_restr.weight 
_refine_ls_restr.number 
_refine_ls_restr.pdbx_refine_id 
_refine_ls_restr.pdbx_restraint_function 
r_bond_refined_d             0.012 0.022 ? 1041 'X-RAY DIFFRACTION' ? 
r_bond_other_d               0.003 0.020 ? 986  'X-RAY DIFFRACTION' ? 
r_angle_refined_deg          1.313 1.979 ? 1392 'X-RAY DIFFRACTION' ? 
r_angle_other_deg            0.782 3.000 ? 2312 'X-RAY DIFFRACTION' ? 
r_dihedral_angle_1_deg       7.276 5.000 ? 124  'X-RAY DIFFRACTION' ? 
r_dihedral_angle_2_deg       ?     ?     ? ?    'X-RAY DIFFRACTION' ? 
r_dihedral_angle_3_deg       ?     ?     ? ?    'X-RAY DIFFRACTION' ? 
r_dihedral_angle_4_deg       ?     ?     ? ?    'X-RAY DIFFRACTION' ? 
r_chiral_restr               0.076 0.200 ? 163  'X-RAY DIFFRACTION' ? 
r_gen_planes_refined         0.005 0.020 ? 1084 'X-RAY DIFFRACTION' ? 
r_gen_planes_other           0.002 0.020 ? 184  'X-RAY DIFFRACTION' ? 
r_nbd_refined                0.211 0.200 ? 179  'X-RAY DIFFRACTION' ? 
r_nbd_other                  0.228 0.200 ? 1133 'X-RAY DIFFRACTION' ? 
r_nbtor_refined              ?     ?     ? ?    'X-RAY DIFFRACTION' ? 
r_nbtor_other                0.084 0.200 ? 630  'X-RAY DIFFRACTION' ? 
r_xyhbond_nbd_refined        0.208 0.200 ? 81   'X-RAY DIFFRACTION' ? 
r_xyhbond_nbd_other          ?     ?     ? ?    'X-RAY DIFFRACTION' ? 
r_metal_ion_refined          ?     ?     ? ?    'X-RAY DIFFRACTION' ? 
r_metal_ion_other            ?     ?     ? ?    'X-RAY DIFFRACTION' ? 
r_symmetry_vdw_refined       0.107 0.200 ? 12   'X-RAY DIFFRACTION' ? 
r_symmetry_vdw_other         0.210 0.200 ? 40   'X-RAY DIFFRACTION' ? 
r_symmetry_hbond_refined     0.270 0.200 ? 7    'X-RAY DIFFRACTION' ? 
r_symmetry_hbond_other       ?     ?     ? ?    'X-RAY DIFFRACTION' ? 
r_symmetry_metal_ion_refined ?     ?     ? ?    'X-RAY DIFFRACTION' ? 
r_symmetry_metal_ion_other   ?     ?     ? ?    'X-RAY DIFFRACTION' ? 
r_mcbond_it                  0.852 1.500 ? 640  'X-RAY DIFFRACTION' ? 
r_mcbond_other               ?     ?     ? ?    'X-RAY DIFFRACTION' ? 
r_mcangle_it                 1.563 2.000 ? 1031 'X-RAY DIFFRACTION' ? 
r_mcangle_other              ?     ?     ? ?    'X-RAY DIFFRACTION' ? 
r_scbond_it                  2.025 3.000 ? 401  'X-RAY DIFFRACTION' ? 
r_scbond_other               ?     ?     ? ?    'X-RAY DIFFRACTION' ? 
r_scangle_it                 3.483 4.500 ? 361  'X-RAY DIFFRACTION' ? 
r_scangle_other              ?     ?     ? ?    'X-RAY DIFFRACTION' ? 
r_long_range_B_refined       ?     ?     ? ?    'X-RAY DIFFRACTION' ? 
r_long_range_B_other         ?     ?     ? ?    'X-RAY DIFFRACTION' ? 
r_rigid_bond_restr           ?     ?     ? ?    'X-RAY DIFFRACTION' ? 
r_sphericity_free            ?     ?     ? ?    'X-RAY DIFFRACTION' ? 
r_sphericity_bonded          ?     ?     ? ?    'X-RAY DIFFRACTION' ? 
# 
_refine_ls_shell.pdbx_refine_id                   'X-RAY DIFFRACTION' 
_refine_ls_shell.pdbx_total_number_of_bins_used   20 
_refine_ls_shell.d_res_high                       2.00 
_refine_ls_shell.d_res_low                        2.05 
_refine_ls_shell.number_reflns_R_work             1187 
_refine_ls_shell.R_factor_R_work                  0.3080 
_refine_ls_shell.percent_reflns_obs               ? 
_refine_ls_shell.R_factor_R_free                  0.3440 
_refine_ls_shell.R_factor_R_free_error            ? 
_refine_ls_shell.percent_reflns_R_free            ? 
_refine_ls_shell.number_reflns_R_free             57 
_refine_ls_shell.number_reflns_all                ? 
_refine_ls_shell.R_factor_all                     ? 
# 
_struct.entry_id                  1OB9 
_struct.title                     'Holliday Junction Resolving Enzyme' 
_struct.pdbx_model_details        ? 
_struct.pdbx_CASP_flag            ? 
_struct.pdbx_model_type_details   ? 
# 
_struct_keywords.entry_id        1OB9 
_struct_keywords.pdbx_keywords   HYDROLASE 
_struct_keywords.text            
'HYDROLASE, ENZYME, HOMOLOGOUS RECOMBINATION, HOLLIDAY JUNCTION RESOLVING ENZYME, NUCLEASE, ARCHAEA, THERMOPHILE' 
# 
loop_
_struct_asym.id 
_struct_asym.pdbx_blank_PDB_chainid_flag 
_struct_asym.pdbx_modified 
_struct_asym.entity_id 
_struct_asym.details 
A N N 1 ? 
B N N 2 ? 
C N N 3 ? 
D N N 3 ? 
E N N 3 ? 
F N N 3 ? 
G N N 3 ? 
H N N 3 ? 
I N N 3 ? 
J N N 4 ? 
# 
loop_
_struct_conf.conf_type_id 
_struct_conf.id 
_struct_conf.pdbx_PDB_helix_id 
_struct_conf.beg_label_comp_id 
_struct_conf.beg_label_asym_id 
_struct_conf.beg_label_seq_id 
_struct_conf.pdbx_beg_PDB_ins_code 
_struct_conf.end_label_comp_id 
_struct_conf.end_label_asym_id 
_struct_conf.end_label_seq_id 
_struct_conf.pdbx_end_PDB_ins_code 
_struct_conf.beg_auth_comp_id 
_struct_conf.beg_auth_asym_id 
_struct_conf.beg_auth_seq_id 
_struct_conf.end_auth_comp_id 
_struct_conf.end_auth_asym_id 
_struct_conf.end_auth_seq_id 
_struct_conf.pdbx_PDB_helix_class 
_struct_conf.details 
_struct_conf.pdbx_PDB_helix_length 
HELX_P HELX_P1 1 GLY A 6   ? GLU A 20  ? GLY A 6   GLU A 20  1 ? 15 
HELX_P HELX_P2 2 LYS A 64  ? MET A 77  ? LYS A 64  MET A 77  1 ? 14 
HELX_P HELX_P3 3 ILE A 117 ? GLU A 129 ? ILE A 117 GLU A 129 1 ? 13 
# 
_struct_conf_type.id          HELX_P 
_struct_conf_type.criteria    ? 
_struct_conf_type.reference   ? 
# 
loop_
_struct_sheet.id 
_struct_sheet.type 
_struct_sheet.number_strands 
_struct_sheet.details 
AA ? 6 ? 
AB ? 2 ? 
# 
loop_
_struct_sheet_order.sheet_id 
_struct_sheet_order.range_id_1 
_struct_sheet_order.range_id_2 
_struct_sheet_order.offset 
_struct_sheet_order.sense 
AA 1 2 ? anti-parallel 
AA 2 3 ? anti-parallel 
AA 3 4 ? parallel      
AA 4 5 ? anti-parallel 
AA 5 6 ? anti-parallel 
AB 1 2 ? anti-parallel 
# 
loop_
_struct_sheet_range.sheet_id 
_struct_sheet_range.id 
_struct_sheet_range.beg_label_comp_id 
_struct_sheet_range.beg_label_asym_id 
_struct_sheet_range.beg_label_seq_id 
_struct_sheet_range.pdbx_beg_PDB_ins_code 
_struct_sheet_range.end_label_comp_id 
_struct_sheet_range.end_label_asym_id 
_struct_sheet_range.end_label_seq_id 
_struct_sheet_range.pdbx_end_PDB_ins_code 
_struct_sheet_range.beg_auth_comp_id 
_struct_sheet_range.beg_auth_asym_id 
_struct_sheet_range.beg_auth_seq_id 
_struct_sheet_range.end_auth_comp_id 
_struct_sheet_range.end_auth_asym_id 
_struct_sheet_range.end_auth_seq_id 
AA 1 ASN A 23  ? ARG A 26  ? ASN A 23  ARG A 26  
AA 2 ILE A 40  ? LYS A 44  ? ILE A 40  LYS A 44  
AA 3 THR A 47  ? THR A 56  ? THR A 47  THR A 56  
AA 4 LYS A 81  ? PHE A 90  ? LYS A 81  PHE A 90  
AA 5 GLU A 95  ? LEU A 99  ? GLU A 95  LEU A 99  
AA 6 ILE A 115 ? PRO A 116 ? ILE A 115 PRO A 116 
AB 1 LYS A 60  ? VAL A 63  ? LYS A 60  VAL A 63  
AB 2 ILE A 107 ? THR A 110 ? ILE A 107 THR A 110 
# 
loop_
_pdbx_struct_sheet_hbond.sheet_id 
_pdbx_struct_sheet_hbond.range_id_1 
_pdbx_struct_sheet_hbond.range_id_2 
_pdbx_struct_sheet_hbond.range_1_label_atom_id 
_pdbx_struct_sheet_hbond.range_1_label_comp_id 
_pdbx_struct_sheet_hbond.range_1_label_asym_id 
_pdbx_struct_sheet_hbond.range_1_label_seq_id 
_pdbx_struct_sheet_hbond.range_1_PDB_ins_code 
_pdbx_struct_sheet_hbond.range_1_auth_atom_id 
_pdbx_struct_sheet_hbond.range_1_auth_comp_id 
_pdbx_struct_sheet_hbond.range_1_auth_asym_id 
_pdbx_struct_sheet_hbond.range_1_auth_seq_id 
_pdbx_struct_sheet_hbond.range_2_label_atom_id 
_pdbx_struct_sheet_hbond.range_2_label_comp_id 
_pdbx_struct_sheet_hbond.range_2_label_asym_id 
_pdbx_struct_sheet_hbond.range_2_label_seq_id 
_pdbx_struct_sheet_hbond.range_2_PDB_ins_code 
_pdbx_struct_sheet_hbond.range_2_auth_atom_id 
_pdbx_struct_sheet_hbond.range_2_auth_comp_id 
_pdbx_struct_sheet_hbond.range_2_auth_asym_id 
_pdbx_struct_sheet_hbond.range_2_auth_seq_id 
AA 1 2 N VAL A 25 ? N VAL A 25 O PHE A 41  ? O PHE A 41  
AA 2 3 N LYS A 44 ? N LYS A 44 O THR A 47  ? O THR A 47  
AA 3 4 N LEU A 48 ? N LEU A 48 O LYS A 81  ? O LYS A 81  
AA 4 5 N PHE A 90 ? N PHE A 90 O GLU A 95  ? O GLU A 95  
AA 5 6 N VAL A 98 ? N VAL A 98 O ILE A 115 ? O ILE A 115 
AB 1 2 N VAL A 63 ? N VAL A 63 O ILE A 107 ? O ILE A 107 
# 
loop_
_struct_site.id 
_struct_site.pdbx_evidence_code 
_struct_site.pdbx_auth_asym_id 
_struct_site.pdbx_auth_comp_id 
_struct_site.pdbx_auth_seq_id 
_struct_site.pdbx_auth_ins_code 
_struct_site.pdbx_num_residues 
_struct_site.details 
AC1 Software ? ? ? ? 5 'BINDING SITE FOR RESIDUE EDO A1130' 
AC2 Software ? ? ? ? 3 'BINDING SITE FOR RESIDUE FMT A1131' 
AC3 Software ? ? ? ? 4 'BINDING SITE FOR RESIDUE FMT A1132' 
AC4 Software ? ? ? ? 3 'BINDING SITE FOR RESIDUE FMT A1133' 
AC5 Software ? ? ? ? 5 'BINDING SITE FOR RESIDUE FMT A1134' 
AC6 Software ? ? ? ? 3 'BINDING SITE FOR RESIDUE FMT A1135' 
AC7 Software ? ? ? ? 3 'BINDING SITE FOR RESIDUE FMT A1136' 
AC8 Software ? ? ? ? 5 'BINDING SITE FOR RESIDUE FMT A1137' 
# 
loop_
_struct_site_gen.id 
_struct_site_gen.site_id 
_struct_site_gen.pdbx_num_res 
_struct_site_gen.label_comp_id 
_struct_site_gen.label_asym_id 
_struct_site_gen.label_seq_id 
_struct_site_gen.pdbx_auth_ins_code 
_struct_site_gen.auth_comp_id 
_struct_site_gen.auth_asym_id 
_struct_site_gen.auth_seq_id 
_struct_site_gen.label_atom_id 
_struct_site_gen.label_alt_id 
_struct_site_gen.symmetry 
_struct_site_gen.details 
1  AC1 5 GLU A 58  ? GLU A 58   . ? 1_555 ? 
2  AC1 5 ASN A 59  ? ASN A 59   . ? 1_555 ? 
3  AC1 5 GLN A 92  ? GLN A 92   . ? 1_555 ? 
4  AC1 5 VAL A 100 ? VAL A 100  . ? 1_555 ? 
5  AC1 5 HOH J .   ? HOH A 2106 . ? 1_555 ? 
6  AC2 3 SER A 76  ? SER A 76   . ? 1_555 ? 
7  AC2 3 LYS A 89  ? LYS A 89   . ? 1_555 ? 
8  AC2 3 HIS A 94  ? HIS A 94   . ? 1_555 ? 
9  AC3 4 ARG A 18  ? ARG A 18   . ? 1_555 ? 
10 AC3 4 PHE A 22  ? PHE A 22   . ? 1_555 ? 
11 AC3 4 FMT F .   ? FMT A 1134 . ? 1_555 ? 
12 AC3 4 HOH J .   ? HOH A 2145 . ? 1_555 ? 
13 AC4 3 ASN A 46  ? ASN A 46   . ? 1_555 ? 
14 AC4 3 THR A 79  ? THR A 79   . ? 1_555 ? 
15 AC4 3 MET A 80  ? MET A 80   . ? 1_555 ? 
16 AC5 5 ARG A 18  ? ARG A 18   . ? 1_555 ? 
17 AC5 5 ASN A 23  ? ASN A 23   . ? 1_555 ? 
18 AC5 5 ALA A 24  ? ALA A 24   . ? 1_555 ? 
19 AC5 5 FMT D .   ? FMT A 1132 . ? 1_555 ? 
20 AC5 5 HOH J .   ? HOH A 2146 . ? 1_555 ? 
21 AC6 3 GLU A 20  ? GLU A 20   . ? 1_555 ? 
22 AC6 3 LYS A 44  ? LYS A 44   . ? 1_555 ? 
23 AC6 3 HOH J .   ? HOH A 2147 . ? 1_555 ? 
24 AC7 3 ARG A 97  ? ARG A 97   . ? 1_555 ? 
25 AC7 3 HOH J .   ? HOH A 2148 . ? 1_555 ? 
26 AC7 3 HOH J .   ? HOH A 2150 . ? 1_555 ? 
27 AC8 5 GLU A 102 ? GLU A 102  . ? 1_555 ? 
28 AC8 5 GLU A 105 ? GLU A 105  . ? 1_555 ? 
29 AC8 5 ILE A 107 ? ILE A 107  . ? 1_555 ? 
30 AC8 5 HOH J .   ? HOH A 2119 . ? 1_555 ? 
31 AC8 5 HOH J .   ? HOH A 2151 . ? 1_555 ? 
# 
_atom_sites.entry_id                    1OB9 
_atom_sites.fract_transf_matrix[1][1]   -0.00623423 
_atom_sites.fract_transf_matrix[1][2]   -0.00389836 
_atom_sites.fract_transf_matrix[1][3]   -0.01079355 
_atom_sites.fract_transf_matrix[2][1]   -0.00181900 
_atom_sites.fract_transf_matrix[2][2]   -0.01179242 
_atom_sites.fract_transf_matrix[2][3]   0.00530976 
_atom_sites.fract_transf_matrix[3][1]   -0.00975446 
_atom_sites.fract_transf_matrix[3][2]   0.00347617 
_atom_sites.fract_transf_matrix[3][3]   0.00437855 
_atom_sites.fract_transf_vector[1]      0.334510 
_atom_sites.fract_transf_vector[2]      0.074280 
_atom_sites.fract_transf_vector[3]      -0.001427 
# 
loop_
_atom_type.symbol 
C 
N 
O 
S 
# 
loop_
_atom_site.group_PDB 
_atom_site.id 
_atom_site.type_symbol 
_atom_site.label_atom_id 
_atom_site.label_alt_id 
_atom_site.label_comp_id 
_atom_site.label_asym_id 
_atom_site.label_entity_id 
_atom_site.label_seq_id 
_atom_site.pdbx_PDB_ins_code 
_atom_site.Cartn_x 
_atom_site.Cartn_y 
_atom_site.Cartn_z 
_atom_site.occupancy 
_atom_site.B_iso_or_equiv 
_atom_site.pdbx_formal_charge 
_atom_site.auth_seq_id 
_atom_site.auth_comp_id 
_atom_site.auth_asym_id 
_atom_site.auth_atom_id 
_atom_site.pdbx_PDB_model_num 
ATOM   1    N N   A GLY A 1 6   ? -10.868 8.232   5.353   0.67 52.07 ? 6    GLY A N   1 
ATOM   2    N N   B GLY A 1 6   ? -11.950 6.686   3.461   0.33 51.88 ? 6    GLY A N   1 
ATOM   3    C CA  A GLY A 1 6   ? -10.668 7.370   4.143   0.67 52.10 ? 6    GLY A CA  1 
ATOM   4    C CA  B GLY A 1 6   ? -10.705 7.272   4.040   0.33 51.96 ? 6    GLY A CA  1 
ATOM   5    C C   . GLY A 1 6   ? -9.996  8.169   3.043   1.00 52.13 ? 6    GLY A C   1 
ATOM   6    O O   . GLY A 1 6   ? -8.798  7.994   2.773   1.00 51.93 ? 6    GLY A O   1 
ATOM   7    N N   . LYS A 1 7   ? -10.756 9.101   2.470   1.00 51.52 ? 7    LYS A N   1 
ATOM   8    C CA  . LYS A 1 7   ? -10.281 10.000  1.422   1.00 51.20 ? 7    LYS A CA  1 
ATOM   9    C C   . LYS A 1 7   ? -9.048  10.813  1.820   1.00 49.69 ? 7    LYS A C   1 
ATOM   10   O O   . LYS A 1 7   ? -8.133  11.007  1.025   1.00 49.27 ? 7    LYS A O   1 
ATOM   11   C CB  . LYS A 1 7   ? -11.416 10.945  0.994   1.00 51.68 ? 7    LYS A CB  1 
ATOM   12   C CG  . LYS A 1 7   ? -11.199 11.635  -0.363  1.00 53.65 ? 7    LYS A CG  1 
ATOM   13   C CD  . LYS A 1 7   ? -12.532 11.932  -1.122  1.00 55.58 ? 7    LYS A CD  1 
ATOM   14   C CE  . LYS A 1 7   ? -13.281 10.644  -1.553  1.00 56.43 ? 7    LYS A CE  1 
ATOM   15   N NZ  . LYS A 1 7   ? -13.532 10.532  -3.039  1.00 57.02 ? 7    LYS A NZ  1 
ATOM   16   N N   . ASN A 1 8   ? -9.010  11.260  3.062   1.00 48.17 ? 8    ASN A N   1 
ATOM   17   C CA  . ASN A 1 8   ? -7.958  12.167  3.512   1.00 46.87 ? 8    ASN A CA  1 
ATOM   18   C C   . ASN A 1 8   ? -6.592  11.517  3.745   1.00 44.59 ? 8    ASN A C   1 
ATOM   19   O O   . ASN A 1 8   ? -5.556  12.088  3.422   1.00 43.99 ? 8    ASN A O   1 
ATOM   20   C CB  . ASN A 1 8   ? -8.447  12.886  4.763   1.00 47.64 ? 8    ASN A CB  1 
ATOM   21   C CG  . ASN A 1 8   ? -9.661  13.737  4.475   1.00 49.37 ? 8    ASN A CG  1 
ATOM   22   O OD1 . ASN A 1 8   ? -9.650  14.538  3.536   1.00 51.18 ? 8    ASN A OD1 1 
ATOM   23   N ND2 . ASN A 1 8   ? -10.723 13.549  5.248   1.00 51.25 ? 8    ASN A ND2 1 
ATOM   24   N N   . ALA A 1 9   ? -6.608  10.333  4.330   1.00 42.44 ? 9    ALA A N   1 
ATOM   25   C CA  . ALA A 1 9   ? -5.413  9.526   4.499   1.00 40.97 ? 9    ALA A CA  1 
ATOM   26   C C   . ALA A 1 9   ? -4.835  9.119   3.138   1.00 39.31 ? 9    ALA A C   1 
ATOM   27   O O   . ALA A 1 9   ? -3.630  9.152   2.950   1.00 39.15 ? 9    ALA A O   1 
ATOM   28   C CB  . ALA A 1 9   ? -5.748  8.287   5.333   1.00 40.47 ? 9    ALA A CB  1 
ATOM   29   N N   . GLU A 1 10  ? -5.697  8.746   2.200   1.00 38.00 ? 10   GLU A N   1 
ATOM   30   C CA  . GLU A 1 10  ? -5.258  8.400   0.857   1.00 37.63 ? 10   GLU A CA  1 
ATOM   31   C C   . GLU A 1 10  ? -4.570  9.584   0.193   1.00 36.98 ? 10   GLU A C   1 
ATOM   32   O O   . GLU A 1 10  ? -3.475  9.447   -0.325  1.00 36.35 ? 10   GLU A O   1 
ATOM   33   C CB  . GLU A 1 10  ? -6.422  7.913   -0.004  1.00 37.18 ? 10   GLU A CB  1 
ATOM   34   C CG  . GLU A 1 10  ? -6.801  6.474   0.279   1.00 38.05 ? 10   GLU A CG  1 
ATOM   35   C CD  . GLU A 1 10  ? -7.966  5.965   -0.557  1.00 37.92 ? 10   GLU A CD  1 
ATOM   36   O OE1 . GLU A 1 10  ? -8.348  6.614   -1.533  1.00 39.35 ? 10   GLU A OE1 1 
ATOM   37   O OE2 . GLU A 1 10  ? -8.501  4.889   -0.234  1.00 42.49 ? 10   GLU A OE2 1 
ATOM   38   N N   . ARG A 1 11  ? -5.197  10.748  0.252   1.00 36.55 ? 11   ARG A N   1 
ATOM   39   C CA  . ARG A 1 11  ? -4.617  11.960  -0.341  1.00 37.80 ? 11   ARG A CA  1 
ATOM   40   C C   . ARG A 1 11  ? -3.286  12.297  0.310   1.00 36.66 ? 11   ARG A C   1 
ATOM   41   O O   . ARG A 1 11  ? -2.358  12.758  -0.355  1.00 37.30 ? 11   ARG A O   1 
ATOM   42   C CB  . ARG A 1 11  ? -5.586  13.152  -0.256  1.00 37.90 ? 11   ARG A CB  1 
ATOM   43   C CG  . ARG A 1 11  ? -6.753  13.086  -1.243  1.00 41.50 ? 11   ARG A CG  1 
ATOM   44   C CD  . ARG A 1 11  ? -7.744  14.266  -1.101  1.00 47.46 ? 11   ARG A CD  1 
ATOM   45   N NE  . ARG A 1 11  ? -8.831  14.228  -2.091  1.00 52.95 ? 11   ARG A NE  1 
ATOM   46   C CZ  . ARG A 1 11  ? -10.122 14.520  -1.843  1.00 57.03 ? 11   ARG A CZ  1 
ATOM   47   N NH1 . ARG A 1 11  ? -10.529 14.891  -0.625  1.00 57.98 ? 11   ARG A NH1 1 
ATOM   48   N NH2 . ARG A 1 11  ? -11.023 14.452  -2.830  1.00 58.35 ? 11   ARG A NH2 1 
ATOM   49   N N   . GLU A 1 12  ? -3.163  12.028  1.604   1.00 36.42 ? 12   GLU A N   1 
ATOM   50   C CA  . GLU A 1 12  ? -1.902  12.246  2.287   1.00 35.59 ? 12   GLU A CA  1 
ATOM   51   C C   . GLU A 1 12  ? -0.828  11.253  1.788   1.00 34.94 ? 12   GLU A C   1 
ATOM   52   O O   . GLU A 1 12  ? 0.316   11.634  1.494   1.00 34.71 ? 12   GLU A O   1 
ATOM   53   C CB  . GLU A 1 12  ? -2.100  12.148  3.807   1.00 35.91 ? 12   GLU A CB  1 
ATOM   54   C CG  . GLU A 1 12  ? -0.831  12.350  4.615   1.00 37.29 ? 12   GLU A CG  1 
ATOM   55   C CD  . GLU A 1 12  ? -1.098  12.332  6.123   1.00 39.36 ? 12   GLU A CD  1 
ATOM   56   O OE1 . GLU A 1 12  ? -2.006  13.048  6.575   1.00 44.53 ? 12   GLU A OE1 1 
ATOM   57   O OE2 . GLU A 1 12  ? -0.414  11.621  6.860   1.00 34.40 ? 12   GLU A OE2 1 
ATOM   58   N N   . LEU A 1 13  ? -1.192  9.980   1.670   1.00 34.08 ? 13   LEU A N   1 
ATOM   59   C CA  . LEU A 1 13  ? -0.250  8.986   1.174   1.00 33.41 ? 13   LEU A CA  1 
ATOM   60   C C   . LEU A 1 13  ? 0.227   9.310   -0.238  1.00 32.53 ? 13   LEU A C   1 
ATOM   61   O O   . LEU A 1 13  ? 1.384   9.149   -0.536  1.00 30.04 ? 13   LEU A O   1 
ATOM   62   C CB  . LEU A 1 13  ? -0.845  7.572   1.224   1.00 33.23 ? 13   LEU A CB  1 
ATOM   63   C CG  . LEU A 1 13  ? 0.107   6.422   0.850   1.00 32.70 ? 13   LEU A CG  1 
ATOM   64   C CD1 . LEU A 1 13  ? 1.382   6.425   1.658   1.00 33.33 ? 13   LEU A CD1 1 
ATOM   65   C CD2 . LEU A 1 13  ? -0.597  5.106   1.003   1.00 31.63 ? 13   LEU A CD2 1 
ATOM   66   N N   . VAL A 1 14  ? -0.700  9.689   -1.107  1.00 33.41 ? 14   VAL A N   1 
ATOM   67   C CA  . VAL A 1 14  ? -0.389  10.121  -2.466  1.00 34.47 ? 14   VAL A CA  1 
ATOM   68   C C   . VAL A 1 14  ? 0.634   11.262  -2.433  1.00 34.53 ? 14   VAL A C   1 
ATOM   69   O O   . VAL A 1 14  ? 1.606   11.235  -3.169  1.00 34.75 ? 14   VAL A O   1 
ATOM   70   C CB  . VAL A 1 14  ? -1.667  10.536  -3.225  1.00 34.21 ? 14   VAL A CB  1 
ATOM   71   C CG1 . VAL A 1 14  ? -1.349  11.329  -4.516  1.00 35.16 ? 14   VAL A CG1 1 
ATOM   72   C CG2 . VAL A 1 14  ? -2.483  9.294   -3.563  1.00 35.33 ? 14   VAL A CG2 1 
ATOM   73   N N   . SER A 1 15  ? 0.447   12.236  -1.544  1.00 35.13 ? 15   SER A N   1 
ATOM   74   C CA  . SER A 1 15  ? 1.368   13.369  -1.475  1.00 34.88 ? 15   SER A CA  1 
ATOM   75   C C   . SER A 1 15  ? 2.761   12.913  -1.025  1.00 35.62 ? 15   SER A C   1 
ATOM   76   O O   . SER A 1 15  ? 3.771   13.411  -1.517  1.00 35.29 ? 15   SER A O   1 
ATOM   77   C CB  A SER A 1 15  ? 0.839   14.468  -0.535  0.67 35.56 ? 15   SER A CB  1 
ATOM   78   C CB  B SER A 1 15  ? 0.814   14.457  -0.548  0.33 35.36 ? 15   SER A CB  1 
ATOM   79   O OG  A SER A 1 15  ? 1.887   15.347  -0.151  0.67 33.81 ? 15   SER A OG  1 
ATOM   80   O OG  B SER A 1 15  ? -0.454  14.900  -1.001  0.33 34.64 ? 15   SER A OG  1 
ATOM   81   N N   . ILE A 1 16  ? 2.822   11.963  -0.094  1.00 35.37 ? 16   ILE A N   1 
ATOM   82   C CA  . ILE A 1 16  ? 4.101   11.410  0.368   1.00 35.89 ? 16   ILE A CA  1 
ATOM   83   C C   . ILE A 1 16  ? 4.791   10.614  -0.749  1.00 35.75 ? 16   ILE A C   1 
ATOM   84   O O   . ILE A 1 16  ? 6.011   10.646  -0.899  1.00 36.35 ? 16   ILE A O   1 
ATOM   85   C CB  . ILE A 1 16  ? 3.869   10.452  1.586   1.00 35.35 ? 16   ILE A CB  1 
ATOM   86   C CG1 . ILE A 1 16  ? 3.522   11.263  2.841   1.00 36.57 ? 16   ILE A CG1 1 
ATOM   87   C CG2 . ILE A 1 16  ? 5.057   9.533   1.815   1.00 34.72 ? 16   ILE A CG2 1 
ATOM   88   C CD1 . ILE A 1 16  ? 3.273   10.397  4.059   1.00 37.00 ? 16   ILE A CD1 1 
ATOM   89   N N   . LEU A 1 17  ? 4.005   9.858   -1.492  1.00 35.95 ? 17   LEU A N   1 
ATOM   90   C CA  . LEU A 1 17  ? 4.526   9.101   -2.641  1.00 36.16 ? 17   LEU A CA  1 
ATOM   91   C C   . LEU A 1 17  ? 5.142   10.049  -3.676  1.00 36.67 ? 17   LEU A C   1 
ATOM   92   O O   . LEU A 1 17  ? 6.248   9.824   -4.133  1.00 36.24 ? 17   LEU A O   1 
ATOM   93   C CB  . LEU A 1 17  ? 3.419   8.250   -3.272  1.00 35.63 ? 17   LEU A CB  1 
ATOM   94   C CG  . LEU A 1 17  ? 3.039   7.037   -2.416  1.00 34.24 ? 17   LEU A CG  1 
ATOM   95   C CD1 . LEU A 1 17  ? 1.722   6.462   -2.866  1.00 32.87 ? 17   LEU A CD1 1 
ATOM   96   C CD2 . LEU A 1 17  ? 4.123   5.985   -2.449  1.00 34.04 ? 17   LEU A CD2 1 
ATOM   97   N N   . ARG A 1 18  ? 4.419   11.115  -4.007  1.00 37.74 ? 18   ARG A N   1 
ATOM   98   C CA  . ARG A 1 18  ? 4.884   12.119  -4.971  1.00 38.23 ? 18   ARG A CA  1 
ATOM   99   C C   . ARG A 1 18  ? 6.180   12.812  -4.528  1.00 38.36 ? 18   ARG A C   1 
ATOM   100  O O   . ARG A 1 18  ? 7.035   13.090  -5.347  1.00 38.00 ? 18   ARG A O   1 
ATOM   101  C CB  . ARG A 1 18  ? 3.788   13.149  -5.233  1.00 38.41 ? 18   ARG A CB  1 
ATOM   102  C CG  . ARG A 1 18  ? 2.703   12.651  -6.136  1.00 40.22 ? 18   ARG A CG  1 
ATOM   103  C CD  . ARG A 1 18  ? 1.451   13.491  -6.105  1.00 43.77 ? 18   ARG A CD  1 
ATOM   104  N NE  . ARG A 1 18  ? 0.368   12.913  -6.904  1.00 45.57 ? 18   ARG A NE  1 
ATOM   105  C CZ  . ARG A 1 18  ? -0.849  13.457  -7.023  1.00 47.22 ? 18   ARG A CZ  1 
ATOM   106  N NH1 . ARG A 1 18  ? -1.158  14.582  -6.379  1.00 46.88 ? 18   ARG A NH1 1 
ATOM   107  N NH2 . ARG A 1 18  ? -1.775  12.862  -7.769  1.00 46.96 ? 18   ARG A NH2 1 
ATOM   108  N N   . GLY A 1 19  ? 6.341   13.050  -3.231  1.00 38.67 ? 19   GLY A N   1 
ATOM   109  C CA  . GLY A 1 19  ? 7.569   13.628  -2.713  1.00 38.94 ? 19   GLY A CA  1 
ATOM   110  C C   . GLY A 1 19  ? 8.753   12.684  -2.701  1.00 39.41 ? 19   GLY A C   1 
ATOM   111  O O   . GLY A 1 19  ? 9.899   13.110  -2.566  1.00 40.25 ? 19   GLY A O   1 
ATOM   112  N N   . GLU A 1 20  ? 8.483   11.389  -2.790  1.00 39.02 ? 20   GLU A N   1 
ATOM   113  C CA  . GLU A 1 20  ? 9.521   10.390  -2.957  1.00 38.79 ? 20   GLU A CA  1 
ATOM   114  C C   . GLU A 1 20  ? 9.876   10.211  -4.460  1.00 37.93 ? 20   GLU A C   1 
ATOM   115  O O   . GLU A 1 20  ? 10.854  9.563   -4.786  1.00 37.62 ? 20   GLU A O   1 
ATOM   116  C CB  . GLU A 1 20  ? 9.062   9.066   -2.325  1.00 39.17 ? 20   GLU A CB  1 
ATOM   117  C CG  . GLU A 1 20  ? 10.037  7.890   -2.390  1.00 39.65 ? 20   GLU A CG  1 
ATOM   118  C CD  . GLU A 1 20  ? 11.370  8.127   -1.665  1.00 42.25 ? 20   GLU A CD  1 
ATOM   119  O OE1 . GLU A 1 20  ? 11.436  9.048   -0.810  1.00 39.79 ? 20   GLU A OE1 1 
ATOM   120  O OE2 . GLU A 1 20  ? 12.352  7.379   -1.964  1.00 42.73 ? 20   GLU A OE2 1 
ATOM   121  N N   . GLY A 1 21  ? 9.090   10.797  -5.354  1.00 37.07 ? 21   GLY A N   1 
ATOM   122  C CA  . GLY A 1 21  ? 9.386   10.770  -6.782  1.00 37.49 ? 21   GLY A CA  1 
ATOM   123  C C   . GLY A 1 21  ? 8.493   9.831   -7.590  1.00 37.22 ? 21   GLY A C   1 
ATOM   124  O O   . GLY A 1 21  ? 8.710   9.639   -8.788  1.00 37.15 ? 21   GLY A O   1 
ATOM   125  N N   . PHE A 1 22  ? 7.487   9.254   -6.929  1.00 36.98 ? 22   PHE A N   1 
ATOM   126  C CA  . PHE A 1 22  ? 6.496   8.386   -7.570  1.00 36.65 ? 22   PHE A CA  1 
ATOM   127  C C   . PHE A 1 22  ? 5.348   9.210   -8.159  1.00 36.72 ? 22   PHE A C   1 
ATOM   128  O O   . PHE A 1 22  ? 4.887   10.172  -7.555  1.00 37.55 ? 22   PHE A O   1 
ATOM   129  C CB  . PHE A 1 22  ? 5.886   7.402   -6.535  1.00 36.70 ? 22   PHE A CB  1 
ATOM   130  C CG  . PHE A 1 22  ? 6.757   6.214   -6.202  1.00 36.87 ? 22   PHE A CG  1 
ATOM   131  C CD1 . PHE A 1 22  ? 7.783   6.321   -5.282  1.00 38.33 ? 22   PHE A CD1 1 
ATOM   132  C CD2 . PHE A 1 22  ? 6.518   4.974   -6.784  1.00 37.98 ? 22   PHE A CD2 1 
ATOM   133  C CE1 . PHE A 1 22  ? 8.559   5.225   -4.953  1.00 38.27 ? 22   PHE A CE1 1 
ATOM   134  C CE2 . PHE A 1 22  ? 7.300   3.883   -6.473  1.00 37.58 ? 22   PHE A CE2 1 
ATOM   135  C CZ  . PHE A 1 22  ? 8.321   4.000   -5.565  1.00 38.69 ? 22   PHE A CZ  1 
ATOM   136  N N   . ASN A 1 23  ? 4.890   8.846   -9.345  1.00 36.71 ? 23   ASN A N   1 
ATOM   137  C CA  . ASN A 1 23  ? 3.553   9.201   -9.783  1.00 36.20 ? 23   ASN A CA  1 
ATOM   138  C C   . ASN A 1 23  ? 2.571   8.333   -8.982  1.00 35.35 ? 23   ASN A C   1 
ATOM   139  O O   . ASN A 1 23  ? 2.727   7.136   -8.907  1.00 34.66 ? 23   ASN A O   1 
ATOM   140  C CB  . ASN A 1 23  ? 3.394   8.942   -11.275 1.00 36.50 ? 23   ASN A CB  1 
ATOM   141  C CG  . ASN A 1 23  ? 3.941   10.090  -12.134 1.00 39.47 ? 23   ASN A CG  1 
ATOM   142  O OD1 . ASN A 1 23  ? 3.328   11.168  -12.230 1.00 46.39 ? 23   ASN A OD1 1 
ATOM   143  N ND2 . ASN A 1 23  ? 5.076   9.864   -12.752 1.00 39.09 ? 23   ASN A ND2 1 
ATOM   144  N N   . ALA A 1 24  ? 1.613   8.951   -8.324  1.00 34.41 ? 24   ALA A N   1 
ATOM   145  C CA  . ALA A 1 24  ? 0.641   8.216   -7.538  1.00 34.63 ? 24   ALA A CA  1 
ATOM   146  C C   . ALA A 1 24  ? -0.766  8.714   -7.825  1.00 34.74 ? 24   ALA A C   1 
ATOM   147  O O   . ALA A 1 24  ? -0.987  9.908   -8.047  1.00 35.32 ? 24   ALA A O   1 
ATOM   148  C CB  . ALA A 1 24  ? 0.978   8.323   -6.054  1.00 34.05 ? 24   ALA A CB  1 
ATOM   149  N N   . VAL A 1 25  ? -1.720  7.800   -7.785  1.00 34.21 ? 25   VAL A N   1 
ATOM   150  C CA  . VAL A 1 25  ? -3.099  8.110   -8.125  1.00 34.57 ? 25   VAL A CA  1 
ATOM   151  C C   . VAL A 1 25  ? -4.046  7.288   -7.248  1.00 35.01 ? 25   VAL A C   1 
ATOM   152  O O   . VAL A 1 25  ? -3.870  6.079   -7.094  1.00 34.20 ? 25   VAL A O   1 
ATOM   153  C CB  . VAL A 1 25  ? -3.387  7.808   -9.615  1.00 34.21 ? 25   VAL A CB  1 
ATOM   154  C CG1 . VAL A 1 25  ? -4.832  8.151   -9.963  1.00 35.17 ? 25   VAL A CG1 1 
ATOM   155  C CG2 . VAL A 1 25  ? -2.419  8.579   -10.538 1.00 35.58 ? 25   VAL A CG2 1 
ATOM   156  N N   . ARG A 1 26  ? -5.044  7.955   -6.688  1.00 36.17 ? 26   ARG A N   1 
ATOM   157  C CA  . ARG A 1 26  ? -6.141  7.320   -5.961  1.00 38.27 ? 26   ARG A CA  1 
ATOM   158  C C   . ARG A 1 26  ? -7.181  6.744   -6.926  1.00 38.87 ? 26   ARG A C   1 
ATOM   159  O O   . ARG A 1 26  ? -7.516  7.398   -7.897  1.00 37.82 ? 26   ARG A O   1 
ATOM   160  C CB  . ARG A 1 26  ? -6.888  8.357   -5.122  1.00 39.45 ? 26   ARG A CB  1 
ATOM   161  C CG  . ARG A 1 26  ? -6.317  8.723   -3.800  1.00 43.03 ? 26   ARG A CG  1 
ATOM   162  C CD  . ARG A 1 26  ? -7.271  9.635   -2.977  1.00 47.64 ? 26   ARG A CD  1 
ATOM   163  N NE  . ARG A 1 26  ? -8.628  9.540   -3.518  1.00 51.81 ? 26   ARG A NE  1 
ATOM   164  C CZ  . ARG A 1 26  ? -9.721  9.108   -2.877  1.00 54.80 ? 26   ARG A CZ  1 
ATOM   165  N NH1 . ARG A 1 26  ? -9.686  8.740   -1.607  1.00 56.12 ? 26   ARG A NH1 1 
ATOM   166  N NH2 . ARG A 1 26  ? -10.881 9.043   -3.533  1.00 54.25 ? 26   ARG A NH2 1 
ATOM   167  N N   . ILE A 1 27  ? -7.723  5.562   -6.624  1.00 39.79 ? 27   ILE A N   1 
ATOM   168  C CA  . ILE A 1 27  ? -8.832  4.983   -7.376  1.00 42.29 ? 27   ILE A CA  1 
ATOM   169  C C   . ILE A 1 27  ? -10.076 5.074   -6.494  1.00 45.70 ? 27   ILE A C   1 
ATOM   170  O O   . ILE A 1 27  ? -10.067 4.611   -5.346  1.00 44.54 ? 27   ILE A O   1 
ATOM   171  C CB  . ILE A 1 27  ? -8.543  3.517   -7.801  1.00 41.49 ? 27   ILE A CB  1 
ATOM   172  C CG1 . ILE A 1 27  ? -7.334  3.456   -8.735  1.00 40.03 ? 27   ILE A CG1 1 
ATOM   173  C CG2 . ILE A 1 27  ? -9.751  2.881   -8.507  1.00 42.02 ? 27   ILE A CG2 1 
ATOM   174  C CD1 . ILE A 1 27  ? -6.951  2.061   -9.125  1.00 40.58 ? 27   ILE A CD1 1 
ATOM   175  N N   . PRO A 1 28  ? -11.138 5.678   -7.040  1.00 50.31 ? 28   PRO A N   1 
ATOM   176  C CA  . PRO A 1 28  ? -12.235 6.211   -6.222  1.00 53.03 ? 28   PRO A CA  1 
ATOM   177  C C   . PRO A 1 28  ? -13.097 5.171   -5.544  1.00 55.77 ? 28   PRO A C   1 
ATOM   178  O O   . PRO A 1 28  ? -13.100 5.112   -4.309  1.00 56.00 ? 28   PRO A O   1 
ATOM   179  C CB  . PRO A 1 28  ? -13.069 7.021   -7.225  1.00 53.14 ? 28   PRO A CB  1 
ATOM   180  C CG  . PRO A 1 28  ? -12.781 6.393   -8.583  1.00 51.90 ? 28   PRO A CG  1 
ATOM   181  C CD  . PRO A 1 28  ? -11.375 5.888   -8.487  1.00 50.45 ? 28   PRO A CD  1 
ATOM   182  N N   . THR A 1 29  ? -13.821 4.369   -6.320  1.00 59.05 ? 29   THR A N   1 
ATOM   183  C CA  . THR A 1 29  ? -14.896 3.547   -5.755  1.00 61.43 ? 29   THR A CA  1 
ATOM   184  C C   . THR A 1 29  ? -14.443 2.108   -5.573  1.00 63.39 ? 29   THR A C   1 
ATOM   185  O O   . THR A 1 29  ? -15.278 1.191   -5.488  1.00 64.07 ? 29   THR A O   1 
ATOM   186  C CB  . THR A 1 29  ? -16.225 3.686   -6.595  1.00 61.76 ? 29   THR A CB  1 
ATOM   187  O OG1 . THR A 1 29  ? -17.104 4.617   -5.950  1.00 62.72 ? 29   THR A OG1 1 
ATOM   188  C CG2 . THR A 1 29  ? -17.086 2.390   -6.670  1.00 61.61 ? 29   THR A CG2 1 
ATOM   189  N N   . SER A 1 30  ? -13.127 1.894   -5.489  1.00 64.89 ? 30   SER A N   1 
ATOM   190  C CA  . SER A 1 30  ? -12.649 0.625   -4.972  1.00 65.99 ? 30   SER A CA  1 
ATOM   191  C C   . SER A 1 30  ? -13.543 0.345   -3.762  1.00 67.23 ? 30   SER A C   1 
ATOM   192  O O   . SER A 1 30  ? -13.341 0.908   -2.678  1.00 68.23 ? 30   SER A O   1 
ATOM   193  C CB  . SER A 1 30  ? -11.177 0.701   -4.567  1.00 65.90 ? 30   SER A CB  1 
ATOM   194  O OG  . SER A 1 30  ? -10.368 0.951   -5.696  1.00 65.30 ? 30   SER A OG  1 
ATOM   195  N N   . ASN A 1 31  ? -14.573 -0.469  -3.985  1.00 68.09 ? 31   ASN A N   1 
ATOM   196  C CA  . ASN A 1 31  ? -15.500 -0.895  -2.947  1.00 68.63 ? 31   ASN A CA  1 
ATOM   197  C C   . ASN A 1 31  ? -15.308 -2.402  -2.823  1.00 68.81 ? 31   ASN A C   1 
ATOM   198  O O   . ASN A 1 31  ? -14.660 -3.005  -3.688  1.00 69.12 ? 31   ASN A O   1 
ATOM   199  C CB  . ASN A 1 31  ? -16.952 -0.565  -3.355  1.00 68.86 ? 31   ASN A CB  1 
ATOM   200  C CG  . ASN A 1 31  ? -17.797 -0.031  -2.190  1.00 70.05 ? 31   ASN A CG  1 
ATOM   201  O OD1 . ASN A 1 31  ? -17.922 -0.676  -1.137  1.00 70.97 ? 31   ASN A OD1 1 
ATOM   202  N ND2 . ASN A 1 31  ? -18.393 1.147   -2.385  1.00 71.23 ? 31   ASN A ND2 1 
ATOM   203  N N   . SER A 1 32  ? -15.881 -3.015  -1.782  1.00 68.81 ? 32   SER A N   1 
ATOM   204  C CA  . SER A 1 32  ? -15.890 -4.483  -1.627  1.00 68.37 ? 32   SER A CA  1 
ATOM   205  C C   . SER A 1 32  ? -16.268 -5.286  -2.903  1.00 67.47 ? 32   SER A C   1 
ATOM   206  O O   . SER A 1 32  ? -16.118 -6.520  -2.922  1.00 68.29 ? 32   SER A O   1 
ATOM   207  C CB  . SER A 1 32  ? -16.818 -4.879  -0.468  1.00 68.84 ? 32   SER A CB  1 
ATOM   208  O OG  . SER A 1 32  ? -16.308 -4.417  0.777   1.00 69.94 ? 32   SER A OG  1 
ATOM   209  N N   . SER A 1 33  ? -16.796 -4.586  -3.922  1.00 65.73 ? 33   SER A N   1 
ATOM   210  C CA  . SER A 1 33  ? -16.914 -5.041  -5.336  1.00 63.98 ? 33   SER A CA  1 
ATOM   211  C C   . SER A 1 33  ? -15.836 -6.035  -5.877  1.00 61.84 ? 33   SER A C   1 
ATOM   212  O O   . SER A 1 33  ? -14.801 -6.252  -5.252  1.00 61.96 ? 33   SER A O   1 
ATOM   213  C CB  . SER A 1 33  ? -16.996 -3.793  -6.252  1.00 64.17 ? 33   SER A CB  1 
ATOM   214  O OG  . SER A 1 33  ? -15.879 -3.666  -7.121  1.00 64.53 ? 33   SER A OG  1 
ATOM   215  N N   . PRO A 1 34  ? -16.077 -6.643  -7.038  1.00 58.94 ? 34   PRO A N   1 
ATOM   216  C CA  . PRO A 1 34  ? -15.166 -7.687  -7.543  1.00 57.02 ? 34   PRO A CA  1 
ATOM   217  C C   . PRO A 1 34  ? -13.889 -7.178  -8.234  1.00 54.37 ? 34   PRO A C   1 
ATOM   218  O O   . PRO A 1 34  ? -12.895 -7.917  -8.292  1.00 54.16 ? 34   PRO A O   1 
ATOM   219  C CB  . PRO A 1 34  ? -16.039 -8.446  -8.554  1.00 57.18 ? 34   PRO A CB  1 
ATOM   220  C CG  . PRO A 1 34  ? -17.000 -7.416  -9.068  1.00 58.26 ? 34   PRO A CG  1 
ATOM   221  C CD  . PRO A 1 34  ? -17.218 -6.425  -7.948  1.00 58.94 ? 34   PRO A CD  1 
ATOM   222  N N   . ASN A 1 35  ? -13.919 -5.954  -8.755  1.00 51.33 ? 35   ASN A N   1 
ATOM   223  C CA  . ASN A 1 35  ? -12.826 -5.451  -9.572  1.00 49.01 ? 35   ASN A CA  1 
ATOM   224  C C   . ASN A 1 35  ? -11.482 -5.463  -8.820  1.00 46.05 ? 35   ASN A C   1 
ATOM   225  O O   . ASN A 1 35  ? -11.403 -4.995  -7.678  1.00 45.12 ? 35   ASN A O   1 
ATOM   226  C CB  . ASN A 1 35  ? -13.153 -4.047  -10.107 1.00 49.46 ? 35   ASN A CB  1 
ATOM   227  C CG  . ASN A 1 35  ? -14.233 -4.065  -11.201 1.00 51.35 ? 35   ASN A CG  1 
ATOM   228  O OD1 . ASN A 1 35  ? -14.536 -5.114  -11.779 1.00 54.59 ? 35   ASN A OD1 1 
ATOM   229  N ND2 . ASN A 1 35  ? -14.811 -2.897  -11.486 1.00 51.60 ? 35   ASN A ND2 1 
ATOM   230  N N   . PRO A 1 36  ? -10.452 -6.047  -9.446  1.00 43.06 ? 36   PRO A N   1 
ATOM   231  C CA  . PRO A 1 36  ? -9.097  -6.053  -8.887  1.00 40.94 ? 36   PRO A CA  1 
ATOM   232  C C   . PRO A 1 36  ? -8.432  -4.674  -8.998  1.00 39.51 ? 36   PRO A C   1 
ATOM   233  O O   . PRO A 1 36  ? -7.635  -4.447  -9.925  1.00 38.77 ? 36   PRO A O   1 
ATOM   234  C CB  . PRO A 1 36  ? -8.367  -7.100  -9.754  1.00 41.77 ? 36   PRO A CB  1 
ATOM   235  C CG  . PRO A 1 36  ? -9.081  -7.065  -11.091 1.00 41.39 ? 36   PRO A CG  1 
ATOM   236  C CD  . PRO A 1 36  ? -10.504 -6.733  -10.756 1.00 42.41 ? 36   PRO A CD  1 
ATOM   237  N N   . LEU A 1 37  ? -8.781  -3.768  -8.075  1.00 37.15 ? 37   LEU A N   1 
ATOM   238  C CA  . LEU A 1 37  ? -8.278  -2.403  -8.064  1.00 35.68 ? 37   LEU A CA  1 
ATOM   239  C C   . LEU A 1 37  ? -7.768  -2.039  -6.662  1.00 33.91 ? 37   LEU A C   1 
ATOM   240  O O   . LEU A 1 37  ? -8.465  -2.223  -5.697  1.00 34.21 ? 37   LEU A O   1 
ATOM   241  C CB  . LEU A 1 37  ? -9.368  -1.417  -8.475  1.00 35.33 ? 37   LEU A CB  1 
ATOM   242  C CG  . LEU A 1 37  ? -10.038 -1.604  -9.834  1.00 36.24 ? 37   LEU A CG  1 
ATOM   243  C CD1 . LEU A 1 37  ? -11.145 -0.576  -9.996  1.00 37.85 ? 37   LEU A CD1 1 
ATOM   244  C CD2 . LEU A 1 37  ? -9.042  -1.517  -10.990 1.00 37.45 ? 37   LEU A CD2 1 
ATOM   245  N N   . PRO A 1 38  ? -6.555  -1.528  -6.561  1.00 32.43 ? 38   PRO A N   1 
ATOM   246  C CA  . PRO A 1 38  ? -6.042  -1.046  -5.283  1.00 31.72 ? 38   PRO A CA  1 
ATOM   247  C C   . PRO A 1 38  ? -6.696  0.289   -4.932  1.00 31.15 ? 38   PRO A C   1 
ATOM   248  O O   . PRO A 1 38  ? -7.407  0.855   -5.743  1.00 29.57 ? 38   PRO A O   1 
ATOM   249  C CB  . PRO A 1 38  ? -4.551  -0.867  -5.559  1.00 31.54 ? 38   PRO A CB  1 
ATOM   250  C CG  . PRO A 1 38  ? -4.495  -0.530  -7.001  1.00 32.65 ? 38   PRO A CG  1 
ATOM   251  C CD  . PRO A 1 38  ? -5.589  -1.342  -7.656  1.00 32.17 ? 38   PRO A CD  1 
ATOM   252  N N   . ASP A 1 39  ? -6.481  0.767   -3.711  1.00 31.48 ? 39   ASP A N   1 
ATOM   253  C CA  . ASP A 1 39  ? -6.924  2.105   -3.344  1.00 31.09 ? 39   ASP A CA  1 
ATOM   254  C C   . ASP A 1 39  ? -6.059  3.115   -4.078  1.00 31.15 ? 39   ASP A C   1 
ATOM   255  O O   . ASP A 1 39  ? -6.544  4.166   -4.503  1.00 31.49 ? 39   ASP A O   1 
ATOM   256  C CB  . ASP A 1 39  ? -6.795  2.326   -1.836  1.00 31.51 ? 39   ASP A CB  1 
ATOM   257  C CG  . ASP A 1 39  ? -7.747  1.474   -1.033  1.00 31.71 ? 39   ASP A CG  1 
ATOM   258  O OD1 . ASP A 1 39  ? -8.850  1.156   -1.546  1.00 34.34 ? 39   ASP A OD1 1 
ATOM   259  O OD2 . ASP A 1 39  ? -7.465  1.075   0.121   1.00 29.92 ? 39   ASP A OD2 1 
ATOM   260  N N   . ILE A 1 40  ? -4.771  2.802   -4.184  1.00 30.73 ? 40   ILE A N   1 
ATOM   261  C CA  . ILE A 1 40  ? -3.791  3.681   -4.808  1.00 30.24 ? 40   ILE A CA  1 
ATOM   262  C C   . ILE A 1 40  ? -2.839  2.836   -5.627  1.00 31.22 ? 40   ILE A C   1 
ATOM   263  O O   . ILE A 1 40  ? -2.446  1.748   -5.206  1.00 30.77 ? 40   ILE A O   1 
ATOM   264  C CB  . ILE A 1 40  ? -2.964  4.471   -3.719  1.00 30.08 ? 40   ILE A CB  1 
ATOM   265  C CG1 . ILE A 1 40  ? -3.828  5.517   -3.025  1.00 30.22 ? 40   ILE A CG1 1 
ATOM   266  C CG2 . ILE A 1 40  ? -1.755  5.129   -4.362  1.00 30.93 ? 40   ILE A CG2 1 
ATOM   267  C CD1 . ILE A 1 40  ? -3.334  5.962   -1.695  1.00 31.55 ? 40   ILE A CD1 1 
ATOM   268  N N   . PHE A 1 41  ? -2.449  3.332   -6.797  1.00 30.71 ? 41   PHE A N   1 
ATOM   269  C CA  . PHE A 1 41  ? -1.324  2.755   -7.480  1.00 31.19 ? 41   PHE A CA  1 
ATOM   270  C C   . PHE A 1 41  ? -0.318  3.848   -7.727  1.00 30.13 ? 41   PHE A C   1 
ATOM   271  O O   . PHE A 1 41  ? -0.679  5.013   -7.813  1.00 29.55 ? 41   PHE A O   1 
ATOM   272  C CB  . PHE A 1 41  ? -1.738  2.015   -8.767  1.00 31.20 ? 41   PHE A CB  1 
ATOM   273  C CG  . PHE A 1 41  ? -2.183  2.901   -9.874  1.00 32.45 ? 41   PHE A CG  1 
ATOM   274  C CD1 . PHE A 1 41  ? -3.499  3.334   -9.943  1.00 36.11 ? 41   PHE A CD1 1 
ATOM   275  C CD2 . PHE A 1 41  ? -1.307  3.261   -10.896 1.00 36.40 ? 41   PHE A CD2 1 
ATOM   276  C CE1 . PHE A 1 41  ? -3.929  4.156   -10.983 1.00 36.10 ? 41   PHE A CE1 1 
ATOM   277  C CE2 . PHE A 1 41  ? -1.734  4.076   -11.942 1.00 36.89 ? 41   PHE A CE2 1 
ATOM   278  C CZ  . PHE A 1 41  ? -3.049  4.523   -11.979 1.00 36.33 ? 41   PHE A CZ  1 
ATOM   279  N N   . ALA A 1 42  ? 0.946   3.460   -7.801  1.00 30.24 ? 42   ALA A N   1 
ATOM   280  C CA  . ALA A 1 42  ? 2.061   4.425   -7.950  1.00 30.13 ? 42   ALA A CA  1 
ATOM   281  C C   . ALA A 1 42  ? 3.184   3.802   -8.756  1.00 30.65 ? 42   ALA A C   1 
ATOM   282  O O   . ALA A 1 42  ? 3.430   2.602   -8.644  1.00 28.90 ? 42   ALA A O   1 
ATOM   283  C CB  . ALA A 1 42  ? 2.580   4.831   -6.598  1.00 30.07 ? 42   ALA A CB  1 
ATOM   284  N N   . THR A 1 43  ? 3.874   4.614   -9.570  1.00 30.82 ? 43   THR A N   1 
ATOM   285  C CA  . THR A 1 43  ? 5.039   4.163   -10.304 1.00 30.60 ? 43   THR A CA  1 
ATOM   286  C C   . THR A 1 43  ? 6.236   5.123   -10.196 1.00 31.54 ? 43   THR A C   1 
ATOM   287  O O   . THR A 1 43  ? 6.089   6.351   -10.040 1.00 29.79 ? 43   THR A O   1 
ATOM   288  C CB  . THR A 1 43  ? 4.731   4.016   -11.801 1.00 31.41 ? 43   THR A CB  1 
ATOM   289  O OG1 . THR A 1 43  ? 4.393   5.304   -12.331 1.00 29.23 ? 43   THR A OG1 1 
ATOM   290  C CG2 . THR A 1 43  ? 3.511   3.147   -12.049 1.00 30.24 ? 43   THR A CG2 1 
ATOM   291  N N   . LYS A 1 44  ? 7.407   4.513   -10.307 1.00 32.49 ? 44   LYS A N   1 
ATOM   292  C CA  . LYS A 1 44  ? 8.694   5.204   -10.395 1.00 33.54 ? 44   LYS A CA  1 
ATOM   293  C C   . LYS A 1 44  ? 9.620   4.258   -11.128 1.00 33.55 ? 44   LYS A C   1 
ATOM   294  O O   . LYS A 1 44  ? 9.830   3.141   -10.668 1.00 32.49 ? 44   LYS A O   1 
ATOM   295  C CB  . LYS A 1 44  ? 9.244   5.479   -9.000  1.00 33.20 ? 44   LYS A CB  1 
ATOM   296  C CG  . LYS A 1 44  ? 10.515  6.311   -9.042  1.00 35.25 ? 44   LYS A CG  1 
ATOM   297  C CD  . LYS A 1 44  ? 10.937  6.733   -7.652  1.00 34.55 ? 44   LYS A CD  1 
ATOM   298  C CE  . LYS A 1 44  ? 12.197  7.600   -7.756  1.00 36.82 ? 44   LYS A CE  1 
ATOM   299  N NZ  . LYS A 1 44  ? 12.723  7.877   -6.428  1.00 36.75 ? 44   LYS A NZ  1 
ATOM   300  N N   . GLY A 1 45  ? 10.121  4.680   -12.294 1.00 34.19 ? 45   GLY A N   1 
ATOM   301  C CA  . GLY A 1 45  ? 10.854  3.782   -13.169 1.00 34.81 ? 45   GLY A CA  1 
ATOM   302  C C   . GLY A 1 45  ? 10.007  2.586   -13.566 1.00 34.75 ? 45   GLY A C   1 
ATOM   303  O O   . GLY A 1 45  ? 8.841   2.740   -13.906 1.00 35.92 ? 45   GLY A O   1 
ATOM   304  N N   . ASN A 1 46  ? 10.584  1.397   -13.467 1.00 34.11 ? 46   ASN A N   1 
ATOM   305  C CA  . ASN A 1 46  ? 9.911   0.160   -13.820 1.00 33.94 ? 46   ASN A CA  1 
ATOM   306  C C   . ASN A 1 46  ? 9.188   -0.512  -12.634 1.00 32.88 ? 46   ASN A C   1 
ATOM   307  O O   . ASN A 1 46  ? 8.775   -1.670  -12.730 1.00 32.88 ? 46   ASN A O   1 
ATOM   308  C CB  . ASN A 1 46  ? 10.953  -0.801  -14.428 1.00 33.78 ? 46   ASN A CB  1 
ATOM   309  C CG  . ASN A 1 46  ? 10.331  -1.989  -15.153 1.00 35.20 ? 46   ASN A CG  1 
ATOM   310  O OD1 . ASN A 1 46  ? 10.728  -3.143  -14.928 1.00 36.83 ? 46   ASN A OD1 1 
ATOM   311  N ND2 . ASN A 1 46  ? 9.381   -1.720  -16.045 1.00 35.60 ? 46   ASN A ND2 1 
ATOM   312  N N   . THR A 1 47  ? 9.072   0.198   -11.518 1.00 32.23 ? 47   THR A N   1 
ATOM   313  C CA  . THR A 1 47  ? 8.354   -0.297  -10.338 1.00 32.14 ? 47   THR A CA  1 
ATOM   314  C C   . THR A 1 47  ? 6.931   0.240   -10.223 1.00 31.17 ? 47   THR A C   1 
ATOM   315  O O   . THR A 1 47  ? 6.723   1.457   -10.259 1.00 31.40 ? 47   THR A O   1 
ATOM   316  C CB  . THR A 1 47  ? 9.116   0.112   -9.072  1.00 32.28 ? 47   THR A CB  1 
ATOM   317  O OG1 . THR A 1 47  ? 10.371  -0.577  -9.019  1.00 32.31 ? 47   THR A OG1 1 
ATOM   318  C CG2 . THR A 1 47  ? 8.393   -0.330  -7.817  1.00 32.52 ? 47   THR A CG2 1 
ATOM   319  N N   . LEU A 1 48  ? 5.984   -0.668  -9.996  1.00 29.75 ? 48   LEU A N   1 
ATOM   320  C CA  . LEU A 1 48  ? 4.581   -0.347  -9.738  1.00 29.75 ? 48   LEU A CA  1 
ATOM   321  C C   . LEU A 1 48  ? 4.175   -0.765  -8.337  1.00 29.15 ? 48   LEU A C   1 
ATOM   322  O O   . LEU A 1 48  ? 4.337   -1.927  -7.983  1.00 29.05 ? 48   LEU A O   1 
ATOM   323  C CB  . LEU A 1 48  ? 3.691   -1.072  -10.759 1.00 28.67 ? 48   LEU A CB  1 
ATOM   324  C CG  . LEU A 1 48  ? 2.157   -1.105  -10.629 1.00 29.02 ? 48   LEU A CG  1 
ATOM   325  C CD1 . LEU A 1 48  ? 1.524   0.233   -10.849 1.00 31.55 ? 48   LEU A CD1 1 
ATOM   326  C CD2 . LEU A 1 48  ? 1.585   -2.083  -11.666 1.00 30.41 ? 48   LEU A CD2 1 
ATOM   327  N N   . LEU A 1 49  ? 3.655   0.169   -7.537  1.00 29.27 ? 49   LEU A N   1 
ATOM   328  C CA  . LEU A 1 49  ? 3.071   -0.160  -6.225  1.00 29.46 ? 49   LEU A CA  1 
ATOM   329  C C   . LEU A 1 49  ? 1.556   -0.361  -6.292  1.00 29.51 ? 49   LEU A C   1 
ATOM   330  O O   . LEU A 1 49  ? 0.849   0.413   -6.928  1.00 29.29 ? 49   LEU A O   1 
ATOM   331  C CB  . LEU A 1 49  ? 3.368   0.944   -5.203  1.00 30.37 ? 49   LEU A CB  1 
ATOM   332  C CG  . LEU A 1 49  ? 4.816   1.418   -5.089  1.00 29.64 ? 49   LEU A CG  1 
ATOM   333  C CD1 . LEU A 1 49  ? 4.974   2.361   -3.908  1.00 31.29 ? 49   LEU A CD1 1 
ATOM   334  C CD2 . LEU A 1 49  ? 5.738   0.238   -4.949  1.00 31.39 ? 49   LEU A CD2 1 
ATOM   335  N N   . SER A 1 50  ? 1.061   -1.388  -5.598  1.00 29.30 ? 50   SER A N   1 
ATOM   336  C CA  . SER A 1 50  ? -0.367  -1.676  -5.521  1.00 29.25 ? 50   SER A CA  1 
ATOM   337  C C   . SER A 1 50  ? -0.762  -1.641  -4.048  1.00 29.52 ? 50   SER A C   1 
ATOM   338  O O   . SER A 1 50  ? -0.423  -2.551  -3.294  1.00 29.73 ? 50   SER A O   1 
ATOM   339  C CB  . SER A 1 50  ? -0.645  -3.047  -6.111  1.00 28.65 ? 50   SER A CB  1 
ATOM   340  O OG  . SER A 1 50  ? -2.023  -3.308  -6.259  1.00 27.91 ? 50   SER A OG  1 
ATOM   341  N N   . ILE A 1 51  ? -1.517  -0.619  -3.654  1.00 30.69 ? 51   ILE A N   1 
ATOM   342  C CA  . ILE A 1 51  ? -1.642  -0.255  -2.230  1.00 31.27 ? 51   ILE A CA  1 
ATOM   343  C C   . ILE A 1 51  ? -3.087  -0.331  -1.704  1.00 32.05 ? 51   ILE A C   1 
ATOM   344  O O   . ILE A 1 51  ? -4.004  0.272   -2.280  1.00 30.46 ? 51   ILE A O   1 
ATOM   345  C CB  . ILE A 1 51  ? -1.105  1.173   -2.031  1.00 31.51 ? 51   ILE A CB  1 
ATOM   346  C CG1 . ILE A 1 51  ? 0.385   1.271   -2.424  1.00 31.06 ? 51   ILE A CG1 1 
ATOM   347  C CG2 . ILE A 1 51  ? -1.323  1.679   -0.562  1.00 31.76 ? 51   ILE A CG2 1 
ATOM   348  C CD1 . ILE A 1 51  ? 0.844   2.725   -2.681  1.00 31.48 ? 51   ILE A CD1 1 
ATOM   349  N N   . GLU A 1 52  ? -3.264  -1.066  -0.604  1.00 33.33 ? 52   GLU A N   1 
ATOM   350  C CA  . GLU A 1 52  ? -4.430  -0.924  0.256   1.00 34.11 ? 52   GLU A CA  1 
ATOM   351  C C   . GLU A 1 52  ? -4.071  0.042   1.398   1.00 34.36 ? 52   GLU A C   1 
ATOM   352  O O   . GLU A 1 52  ? -3.099  -0.144  2.127   1.00 32.41 ? 52   GLU A O   1 
ATOM   353  C CB  . GLU A 1 52  ? -4.971  -2.256  0.792   1.00 35.27 ? 52   GLU A CB  1 
ATOM   354  C CG  . GLU A 1 52  ? -6.141  -2.032  1.775   1.00 38.17 ? 52   GLU A CG  1 
ATOM   355  C CD  . GLU A 1 52  ? -7.049  -3.236  1.984   1.00 44.83 ? 52   GLU A CD  1 
ATOM   356  O OE1 . GLU A 1 52  ? -6.580  -4.383  1.824   1.00 45.33 ? 52   GLU A OE1 1 
ATOM   357  O OE2 . GLU A 1 52  ? -8.237  -3.034  2.364   1.00 48.72 ? 52   GLU A OE2 1 
ATOM   358  N N   . CYS A 1 53  ? -4.854  1.106   1.491   1.00 34.57 ? 53   CYS A N   1 
ATOM   359  C CA  . CYS A 1 53  ? -4.564  2.220   2.369   1.00 35.36 ? 53   CYS A CA  1 
ATOM   360  C C   . CYS A 1 53  ? -5.594  2.284   3.487   1.00 35.72 ? 53   CYS A C   1 
ATOM   361  O O   . CYS A 1 53  ? -6.791  2.333   3.234   1.00 35.05 ? 53   CYS A O   1 
ATOM   362  C CB  . CYS A 1 53  ? -4.608  3.525   1.586   1.00 35.61 ? 53   CYS A CB  1 
ATOM   363  S SG  . CYS A 1 53  ? -4.166  4.917   2.617   1.00 36.64 ? 53   CYS A SG  1 
ATOM   364  N N   . LYS A 1 54  ? -5.108  2.335   4.715   1.00 36.40 ? 54   LYS A N   1 
ATOM   365  C CA  . LYS A 1 54  ? -5.951  2.382   5.901   1.00 36.84 ? 54   LYS A CA  1 
ATOM   366  C C   . LYS A 1 54  ? -5.265  3.236   6.962   1.00 36.41 ? 54   LYS A C   1 
ATOM   367  O O   . LYS A 1 54  ? -4.056  3.265   7.050   1.00 35.41 ? 54   LYS A O   1 
ATOM   368  C CB  . LYS A 1 54  ? -6.203  0.969   6.441   1.00 37.52 ? 54   LYS A CB  1 
ATOM   369  C CG  . LYS A 1 54  ? -7.185  0.111   5.596   1.00 42.47 ? 54   LYS A CG  1 
ATOM   370  C CD  . LYS A 1 54  ? -7.749  -1.096  6.383   1.00 46.38 ? 54   LYS A CD  1 
ATOM   371  C CE  . LYS A 1 54  ? -9.096  -1.595  5.834   1.00 48.50 ? 54   LYS A CE  1 
ATOM   372  N NZ  . LYS A 1 54  ? -10.014 -2.079  6.942   1.00 49.85 ? 54   LYS A NZ  1 
ATOM   373  N N   . SER A 1 55  ? -6.055  3.974   7.729   1.00 36.32 ? 55   SER A N   1 
ATOM   374  C CA  . SER A 1 55  ? -5.555  4.688   8.893   1.00 36.66 ? 55   SER A CA  1 
ATOM   375  C C   . SER A 1 55  ? -6.378  4.214   10.072  1.00 36.14 ? 55   SER A C   1 
ATOM   376  O O   . SER A 1 55  ? -7.541  3.838   9.911   1.00 36.43 ? 55   SER A O   1 
ATOM   377  C CB  . SER A 1 55  ? -5.670  6.196   8.712   1.00 36.69 ? 55   SER A CB  1 
ATOM   378  O OG  . SER A 1 55  ? -7.013  6.568   8.476   1.00 39.88 ? 55   SER A OG  1 
ATOM   379  N N   . THR A 1 56  ? -5.779  4.228   11.256  1.00 35.81 ? 56   THR A N   1 
ATOM   380  C CA  . THR A 1 56  ? -6.463  3.722   12.444  1.00 34.74 ? 56   THR A CA  1 
ATOM   381  C C   . THR A 1 56  ? -5.877  4.304   13.717  1.00 34.29 ? 56   THR A C   1 
ATOM   382  O O   . THR A 1 56  ? -4.706  4.681   13.781  1.00 33.24 ? 56   THR A O   1 
ATOM   383  C CB  . THR A 1 56  ? -6.388  2.168   12.447  1.00 34.87 ? 56   THR A CB  1 
ATOM   384  O OG1 . THR A 1 56  ? -7.136  1.619   13.545  1.00 34.13 ? 56   THR A OG1 1 
ATOM   385  C CG2 . THR A 1 56  ? -4.954  1.690   12.655  1.00 35.20 ? 56   THR A CG2 1 
ATOM   386  N N   . TRP A 1 57  ? -6.700  4.357   14.752  1.00 34.26 ? 57   TRP A N   1 
ATOM   387  C CA  . TRP A 1 57  ? -6.208  4.737   16.069  1.00 34.34 ? 57   TRP A CA  1 
ATOM   388  C C   . TRP A 1 57  ? -5.937  3.526   16.957  1.00 34.46 ? 57   TRP A C   1 
ATOM   389  O O   . TRP A 1 57  ? -5.470  3.677   18.073  1.00 34.25 ? 57   TRP A O   1 
ATOM   390  C CB  . TRP A 1 57  ? -7.185  5.691   16.736  1.00 34.07 ? 57   TRP A CB  1 
ATOM   391  C CG  . TRP A 1 57  ? -7.135  7.120   16.222  1.00 32.42 ? 57   TRP A CG  1 
ATOM   392  C CD1 . TRP A 1 57  ? -8.034  7.709   15.383  1.00 32.68 ? 57   TRP A CD1 1 
ATOM   393  C CD2 . TRP A 1 57  ? -6.205  8.142   16.593  1.00 31.76 ? 57   TRP A CD2 1 
ATOM   394  N NE1 . TRP A 1 57  ? -7.710  9.031   15.184  1.00 31.38 ? 57   TRP A NE1 1 
ATOM   395  C CE2 . TRP A 1 57  ? -6.590  9.327   15.912  1.00 31.39 ? 57   TRP A CE2 1 
ATOM   396  C CE3 . TRP A 1 57  ? -5.077  8.182   17.424  1.00 29.44 ? 57   TRP A CE3 1 
ATOM   397  C CZ2 . TRP A 1 57  ? -5.880  10.521  16.015  1.00 29.83 ? 57   TRP A CZ2 1 
ATOM   398  C CZ3 . TRP A 1 57  ? -4.375  9.365   17.538  1.00 31.12 ? 57   TRP A CZ3 1 
ATOM   399  C CH2 . TRP A 1 57  ? -4.787  10.534  16.852  1.00 31.05 ? 57   TRP A CH2 1 
ATOM   400  N N   . GLU A 1 58  ? -6.252  2.334   16.461  1.00 35.88 ? 58   GLU A N   1 
ATOM   401  C CA  . GLU A 1 58  ? -5.835  1.087   17.110  1.00 36.03 ? 58   GLU A CA  1 
ATOM   402  C C   . GLU A 1 58  ? -4.383  0.765   16.764  1.00 36.86 ? 58   GLU A C   1 
ATOM   403  O O   . GLU A 1 58  ? -3.744  1.446   15.945  1.00 36.20 ? 58   GLU A O   1 
ATOM   404  C CB  A GLU A 1 58  ? -6.766  -0.076  16.767  0.67 36.07 ? 58   GLU A CB  1 
ATOM   405  C CB  B GLU A 1 58  ? -6.734  -0.077  16.673  0.33 36.29 ? 58   GLU A CB  1 
ATOM   406  C CG  A GLU A 1 58  ? -7.784  -0.393  17.851  0.67 34.99 ? 58   GLU A CG  1 
ATOM   407  C CG  B GLU A 1 58  ? -8.184  -0.004  17.128  0.33 35.93 ? 58   GLU A CG  1 
ATOM   408  C CD  A GLU A 1 58  ? -7.242  -1.236  19.016  0.67 34.00 ? 58   GLU A CD  1 
ATOM   409  C CD  B GLU A 1 58  ? -8.846  -1.375  17.165  0.33 37.18 ? 58   GLU A CD  1 
ATOM   410  O OE1 A GLU A 1 58  ? -6.021  -1.194  19.364  0.67 32.40 ? 58   GLU A OE1 1 
ATOM   411  O OE1 B GLU A 1 58  ? -8.681  -2.098  18.174  0.33 37.77 ? 58   GLU A OE1 1 
ATOM   412  O OE2 A GLU A 1 58  ? -8.076  -1.933  19.625  0.67 32.73 ? 58   GLU A OE2 1 
ATOM   413  O OE2 B GLU A 1 58  ? -9.526  -1.741  16.186  0.33 37.14 ? 58   GLU A OE2 1 
ATOM   414  N N   . ASN A 1 59  ? -3.859  -0.267  17.412  1.00 37.60 ? 59   ASN A N   1 
ATOM   415  C CA  . ASN A 1 59  ? -2.479  -0.691  17.228  1.00 38.96 ? 59   ASN A CA  1 
ATOM   416  C C   . ASN A 1 59  ? -2.373  -1.890  16.277  1.00 39.44 ? 59   ASN A C   1 
ATOM   417  O O   . ASN A 1 59  ? -1.315  -2.455  16.117  1.00 40.26 ? 59   ASN A O   1 
ATOM   418  C CB  . ASN A 1 59  ? -1.837  -0.996  18.592  1.00 39.27 ? 59   ASN A CB  1 
ATOM   419  C CG  . ASN A 1 59  ? -2.347  -2.288  19.217  1.00 39.62 ? 59   ASN A CG  1 
ATOM   420  O OD1 . ASN A 1 59  ? -3.392  -2.818  18.839  1.00 40.38 ? 59   ASN A OD1 1 
ATOM   421  N ND2 . ASN A 1 59  ? -1.598  -2.802  20.179  1.00 41.25 ? 59   ASN A ND2 1 
ATOM   422  N N   . LYS A 1 60  ? -3.493  -2.259  15.663  1.00 40.20 ? 60   LYS A N   1 
ATOM   423  C CA  . LYS A 1 60  ? -3.535  -3.314  14.669  1.00 40.87 ? 60   LYS A CA  1 
ATOM   424  C C   . LYS A 1 60  ? -4.697  -3.096  13.707  1.00 40.31 ? 60   LYS A C   1 
ATOM   425  O O   . LYS A 1 60  ? -5.673  -2.421  14.042  1.00 40.59 ? 60   LYS A O   1 
ATOM   426  C CB  . LYS A 1 60  ? -3.672  -4.691  15.344  1.00 41.16 ? 60   LYS A CB  1 
ATOM   427  C CG  . LYS A 1 60  ? -4.988  -4.927  16.091  1.00 43.95 ? 60   LYS A CG  1 
ATOM   428  C CD  . LYS A 1 60  ? -4.779  -5.709  17.419  1.00 47.34 ? 60   LYS A CD  1 
ATOM   429  C CE  . LYS A 1 60  ? -4.151  -7.104  17.211  1.00 48.18 ? 60   LYS A CE  1 
ATOM   430  N NZ  . LYS A 1 60  ? -2.915  -7.329  18.034  1.00 49.38 ? 60   LYS A NZ  1 
ATOM   431  N N   . VAL A 1 61  ? -4.585  -3.678  12.522  1.00 39.87 ? 61   VAL A N   1 
ATOM   432  C CA  . VAL A 1 61  ? -5.601  -3.560  11.470  1.00 40.46 ? 61   VAL A CA  1 
ATOM   433  C C   . VAL A 1 61  ? -5.717  -4.894  10.759  1.00 40.17 ? 61   VAL A C   1 
ATOM   434  O O   . VAL A 1 61  ? -4.714  -5.448  10.319  1.00 38.51 ? 61   VAL A O   1 
ATOM   435  C CB  . VAL A 1 61  ? -5.189  -2.529  10.397  1.00 40.33 ? 61   VAL A CB  1 
ATOM   436  C CG1 . VAL A 1 61  ? -6.211  -2.479  9.246   1.00 42.14 ? 61   VAL A CG1 1 
ATOM   437  C CG2 . VAL A 1 61  ? -5.019  -1.175  11.008  1.00 41.50 ? 61   VAL A CG2 1 
ATOM   438  N N   . LYS A 1 62  ? -6.943  -5.374  10.616  1.00 40.68 ? 62   LYS A N   1 
ATOM   439  C CA  . LYS A 1 62  ? -7.204  -6.594  9.902   1.00 41.55 ? 62   LYS A CA  1 
ATOM   440  C C   . LYS A 1 62  ? -7.572  -6.208  8.496   1.00 41.26 ? 62   LYS A C   1 
ATOM   441  O O   . LYS A 1 62  ? -8.390  -5.332  8.277   1.00 41.57 ? 62   LYS A O   1 
ATOM   442  C CB  . LYS A 1 62  ? -8.360  -7.361  10.524  1.00 42.34 ? 62   LYS A CB  1 
ATOM   443  C CG  . LYS A 1 62  ? -8.568  -8.737  9.920   1.00 44.44 ? 62   LYS A CG  1 
ATOM   444  C CD  . LYS A 1 62  ? -9.673  -9.475  10.660  1.00 47.66 ? 62   LYS A CD  1 
ATOM   445  C CE  . LYS A 1 62  ? -9.467  -10.985 10.658  1.00 49.53 ? 62   LYS A CE  1 
ATOM   446  N NZ  . LYS A 1 62  ? -9.967  -11.585 11.931  1.00 49.50 ? 62   LYS A NZ  1 
ATOM   447  N N   . VAL A 1 63  ? -6.941  -6.856  7.540   1.00 41.39 ? 63   VAL A N   1 
ATOM   448  C CA  . VAL A 1 63  ? -7.295  -6.667  6.150   1.00 41.32 ? 63   VAL A CA  1 
ATOM   449  C C   . VAL A 1 63  ? -7.742  -8.019  5.637   1.00 41.43 ? 63   VAL A C   1 
ATOM   450  O O   . VAL A 1 63  ? -7.180  -9.030  6.016   1.00 41.76 ? 63   VAL A O   1 
ATOM   451  C CB  . VAL A 1 63  ? -6.095  -6.105  5.380   1.00 41.33 ? 63   VAL A CB  1 
ATOM   452  C CG1 . VAL A 1 63  ? -6.340  -6.201  3.904   1.00 42.15 ? 63   VAL A CG1 1 
ATOM   453  C CG2 . VAL A 1 63  ? -5.879  -4.684  5.777   1.00 39.91 ? 63   VAL A CG2 1 
ATOM   454  N N   . LYS A 1 64  ? -8.777  -8.041  4.805   1.00 42.10 ? 64   LYS A N   1 
ATOM   455  C CA  . LYS A 1 64  ? -9.379  -9.299  4.385   1.00 42.66 ? 64   LYS A CA  1 
ATOM   456  C C   . LYS A 1 64  ? -8.788  -9.833  3.086   1.00 42.38 ? 64   LYS A C   1 
ATOM   457  O O   . LYS A 1 64  ? -8.327  -9.066  2.234   1.00 41.96 ? 64   LYS A O   1 
ATOM   458  C CB  . LYS A 1 64  ? -10.892 -9.122  4.242   1.00 43.45 ? 64   LYS A CB  1 
ATOM   459  C CG  . LYS A 1 64  ? -11.602 -8.749  5.573   1.00 45.86 ? 64   LYS A CG  1 
ATOM   460  C CD  . LYS A 1 64  ? -11.557 -9.894  6.595   1.00 49.16 ? 64   LYS A CD  1 
ATOM   461  C CE  . LYS A 1 64  ? -12.915 -10.558 6.761   1.00 51.75 ? 64   LYS A CE  1 
ATOM   462  N NZ  . LYS A 1 64  ? -13.412 -11.091 5.457   1.00 53.62 ? 64   LYS A NZ  1 
ATOM   463  N N   . GLU A 1 65  ? -8.836  -11.154 2.942   1.00 42.29 ? 65   GLU A N   1 
ATOM   464  C CA  . GLU A 1 65  ? -8.311  -11.865 1.786   1.00 42.09 ? 65   GLU A CA  1 
ATOM   465  C C   . GLU A 1 65  ? -8.827  -11.260 0.491   1.00 41.74 ? 65   GLU A C   1 
ATOM   466  O O   . GLU A 1 65  ? -8.060  -11.038 -0.438  1.00 41.37 ? 65   GLU A O   1 
ATOM   467  C CB  . GLU A 1 65  ? -8.724  -13.355 1.867   1.00 42.65 ? 65   GLU A CB  1 
ATOM   468  C CG  . GLU A 1 65  ? -8.260  -14.213 0.694   1.00 43.82 ? 65   GLU A CG  1 
ATOM   469  C CD  . GLU A 1 65  ? -8.734  -15.659 0.779   1.00 47.15 ? 65   GLU A CD  1 
ATOM   470  O OE1 . GLU A 1 65  ? -9.305  -16.053 1.817   1.00 48.03 ? 65   GLU A OE1 1 
ATOM   471  O OE2 . GLU A 1 65  ? -8.527  -16.411 -0.196  1.00 47.03 ? 65   GLU A OE2 1 
ATOM   472  N N   . HIS A 1 66  ? -10.125 -10.977 0.450   1.00 41.28 ? 66   HIS A N   1 
ATOM   473  C CA  . HIS A 1 66  ? -10.788 -10.463 -0.749  1.00 41.19 ? 66   HIS A CA  1 
ATOM   474  C C   . HIS A 1 66  ? -10.125 -9.133  -1.165  1.00 39.36 ? 66   HIS A C   1 
ATOM   475  O O   . HIS A 1 66  ? -9.920  -8.908  -2.340  1.00 37.90 ? 66   HIS A O   1 
ATOM   476  C CB  . HIS A 1 66  ? -12.300 -10.299 -0.483  1.00 42.04 ? 66   HIS A CB  1 
ATOM   477  C CG  . HIS A 1 66  ? -13.103 -9.847  -1.670  1.00 46.92 ? 66   HIS A CG  1 
ATOM   478  N ND1 . HIS A 1 66  ? -13.296 -10.636 -2.788  1.00 51.69 ? 66   HIS A ND1 1 
ATOM   479  C CD2 . HIS A 1 66  ? -13.801 -8.706  -1.895  1.00 50.24 ? 66   HIS A CD2 1 
ATOM   480  C CE1 . HIS A 1 66  ? -14.056 -9.989  -3.658  1.00 52.29 ? 66   HIS A CE1 1 
ATOM   481  N NE2 . HIS A 1 66  ? -14.385 -8.820  -3.137  1.00 49.88 ? 66   HIS A NE2 1 
ATOM   482  N N   . GLN A 1 67  ? -9.745  -8.302  -0.191  1.00 37.88 ? 67   GLN A N   1 
ATOM   483  C CA  . GLN A 1 67  ? -9.093  -7.014  -0.464  1.00 37.39 ? 67   GLN A CA  1 
ATOM   484  C C   . GLN A 1 67  ? -7.623  -7.153  -0.826  1.00 35.54 ? 67   GLN A C   1 
ATOM   485  O O   . GLN A 1 67  ? -7.129  -6.468  -1.723  1.00 35.80 ? 67   GLN A O   1 
ATOM   486  C CB  . GLN A 1 67  ? -9.243  -6.055  0.720   1.00 37.82 ? 67   GLN A CB  1 
ATOM   487  C CG  . GLN A 1 67  ? -10.673 -5.847  1.203   1.00 40.89 ? 67   GLN A CG  1 
ATOM   488  C CD  . GLN A 1 67  ? -11.634 -5.493  0.099   1.00 42.61 ? 67   GLN A CD  1 
ATOM   489  O OE1 . GLN A 1 67  ? -11.446 -4.500  -0.598  1.00 44.93 ? 67   GLN A OE1 1 
ATOM   490  N NE2 . GLN A 1 67  ? -12.666 -6.305  -0.071  1.00 43.49 ? 67   GLN A NE2 1 
ATOM   491  N N   . VAL A 1 68  ? -6.915  -8.026  -0.129  1.00 34.41 ? 68   VAL A N   1 
ATOM   492  C CA  . VAL A 1 68  ? -5.530  -8.294  -0.435  1.00 33.02 ? 68   VAL A CA  1 
ATOM   493  C C   . VAL A 1 68  ? -5.405  -8.813  -1.862  1.00 32.95 ? 68   VAL A C   1 
ATOM   494  O O   . VAL A 1 68  ? -4.474  -8.425  -2.593  1.00 31.55 ? 68   VAL A O   1 
ATOM   495  C CB  . VAL A 1 68  ? -4.900  -9.323  0.506   1.00 33.36 ? 68   VAL A CB  1 
ATOM   496  C CG1 . VAL A 1 68  ? -3.455  -9.565  0.109   1.00 32.00 ? 68   VAL A CG1 1 
ATOM   497  C CG2 . VAL A 1 68  ? -4.970  -8.858  2.002   1.00 33.40 ? 68   VAL A CG2 1 
ATOM   498  N N   . ARG A 1 69  ? -6.335  -9.689  -2.243  1.00 32.40 ? 69   ARG A N   1 
ATOM   499  C CA  . ARG A 1 69  ? -6.324  -10.327 -3.560  1.00 33.06 ? 69   ARG A CA  1 
ATOM   500  C C   . ARG A 1 69  ? -6.443  -9.312  -4.684  1.00 32.55 ? 69   ARG A C   1 
ATOM   501  O O   . ARG A 1 69  ? -5.860  -9.511  -5.740  1.00 33.00 ? 69   ARG A O   1 
ATOM   502  C CB  . ARG A 1 69  ? -7.455  -11.370 -3.692  1.00 33.21 ? 69   ARG A CB  1 
ATOM   503  C CG  . ARG A 1 69  ? -7.271  -12.352 -4.865  1.00 35.02 ? 69   ARG A CG  1 
ATOM   504  C CD  . ARG A 1 69  ? -8.377  -13.422 -5.013  1.00 38.97 ? 69   ARG A CD  1 
ATOM   505  N NE  . ARG A 1 69  ? -8.348  -14.447 -3.953  1.00 41.33 ? 69   ARG A NE  1 
ATOM   506  C CZ  . ARG A 1 69  ? -7.433  -15.415 -3.832  1.00 42.75 ? 69   ARG A CZ  1 
ATOM   507  N NH1 . ARG A 1 69  ? -6.408  -15.527 -4.678  1.00 42.24 ? 69   ARG A NH1 1 
ATOM   508  N NH2 . ARG A 1 69  ? -7.540  -16.283 -2.834  1.00 43.18 ? 69   ARG A NH2 1 
ATOM   509  N N   . LYS A 1 70  ? -7.228  -8.248  -4.478  1.00 32.48 ? 70   LYS A N   1 
ATOM   510  C CA  . LYS A 1 70  ? -7.323  -7.165  -5.467  1.00 32.30 ? 70   LYS A CA  1 
ATOM   511  C C   . LYS A 1 70  ? -5.957  -6.558  -5.765  1.00 31.38 ? 70   LYS A C   1 
ATOM   512  O O   . LYS A 1 70  ? -5.659  -6.232  -6.917  1.00 31.81 ? 70   LYS A O   1 
ATOM   513  C CB  . LYS A 1 70  ? -8.230  -6.030  -4.982  1.00 32.26 ? 70   LYS A CB  1 
ATOM   514  C CG  . LYS A 1 70  ? -9.689  -6.408  -4.761  1.00 34.20 ? 70   LYS A CG  1 
ATOM   515  C CD  . LYS A 1 70  ? -10.473 -5.231  -4.231  1.00 34.61 ? 70   LYS A CD  1 
ATOM   516  C CE  . LYS A 1 70  ? -11.956 -5.429  -4.367  1.00 38.36 ? 70   LYS A CE  1 
ATOM   517  N NZ  . LYS A 1 70  ? -12.697 -4.509  -3.439  1.00 40.83 ? 70   LYS A NZ  1 
ATOM   518  N N   . LEU A 1 71  ? -5.144  -6.371  -4.724  1.00 31.11 ? 71   LEU A N   1 
ATOM   519  C CA  . LEU A 1 71  ? -3.815  -5.813  -4.902  1.00 30.26 ? 71   LEU A CA  1 
ATOM   520  C C   . LEU A 1 71  ? -2.977  -6.694  -5.855  1.00 30.17 ? 71   LEU A C   1 
ATOM   521  O O   . LEU A 1 71  ? -2.322  -6.196  -6.774  1.00 28.68 ? 71   LEU A O   1 
ATOM   522  C CB  . LEU A 1 71  ? -3.101  -5.679  -3.558  1.00 30.14 ? 71   LEU A CB  1 
ATOM   523  C CG  . LEU A 1 71  ? -3.754  -4.816  -2.462  1.00 30.69 ? 71   LEU A CG  1 
ATOM   524  C CD1 . LEU A 1 71  ? -2.778  -4.730  -1.320  1.00 33.73 ? 71   LEU A CD1 1 
ATOM   525  C CD2 . LEU A 1 71  ? -4.142  -3.397  -2.958  1.00 31.06 ? 71   LEU A CD2 1 
ATOM   526  N N   . LEU A 1 72  ? -3.022  -8.000  -5.607  1.00 29.40 ? 72   LEU A N   1 
ATOM   527  C CA  . LEU A 1 72  ? -2.230  -8.981  -6.336  1.00 30.15 ? 72   LEU A CA  1 
ATOM   528  C C   . LEU A 1 72  ? -2.726  -9.225  -7.768  1.00 30.31 ? 72   LEU A C   1 
ATOM   529  O O   . LEU A 1 72  ? -1.935  -9.321  -8.694  1.00 31.24 ? 72   LEU A O   1 
ATOM   530  C CB  . LEU A 1 72  ? -2.217  -10.298 -5.550  1.00 30.19 ? 72   LEU A CB  1 
ATOM   531  C CG  . LEU A 1 72  ? -1.850  -10.187 -4.055  1.00 31.28 ? 72   LEU A CG  1 
ATOM   532  C CD1 . LEU A 1 72  ? -1.742  -11.584 -3.419  1.00 33.75 ? 72   LEU A CD1 1 
ATOM   533  C CD2 . LEU A 1 72  ? -0.563  -9.370  -3.865  1.00 31.23 ? 72   LEU A CD2 1 
ATOM   534  N N   . ASP A 1 73  ? -4.028  -9.350  -7.929  1.00 30.66 ? 73   ASP A N   1 
ATOM   535  C CA  . ASP A 1 73  ? -4.611  -9.520  -9.243  1.00 31.34 ? 73   ASP A CA  1 
ATOM   536  C C   . ASP A 1 73  ? -4.309  -8.301  -10.090 1.00 30.56 ? 73   ASP A C   1 
ATOM   537  O O   . ASP A 1 73  ? -4.062  -8.458  -11.268 1.00 31.22 ? 73   ASP A O   1 
ATOM   538  C CB  . ASP A 1 73  ? -6.108  -9.749  -9.172  1.00 31.18 ? 73   ASP A CB  1 
ATOM   539  C CG  . ASP A 1 73  ? -6.472  -11.151 -8.704  1.00 33.20 ? 73   ASP A CG  1 
ATOM   540  O OD1 . ASP A 1 73  ? -5.589  -12.026 -8.489  1.00 33.30 ? 73   ASP A OD1 1 
ATOM   541  O OD2 . ASP A 1 73  ? -7.659  -11.443 -8.493  1.00 35.24 ? 73   ASP A OD2 1 
ATOM   542  N N   . PHE A 1 74  ? -4.272  -7.110  -9.476  1.00 30.15 ? 74   PHE A N   1 
ATOM   543  C CA  . PHE A 1 74  ? -3.944  -5.871  -10.186 1.00 29.00 ? 74   PHE A CA  1 
ATOM   544  C C   . PHE A 1 74  ? -2.517  -5.972  -10.730 1.00 29.05 ? 74   PHE A C   1 
ATOM   545  O O   . PHE A 1 74  ? -2.296  -5.791  -11.903 1.00 29.22 ? 74   PHE A O   1 
ATOM   546  C CB  . PHE A 1 74  ? -4.089  -4.647  -9.254  1.00 29.31 ? 74   PHE A CB  1 
ATOM   547  C CG  . PHE A 1 74  ? -3.668  -3.329  -9.876  1.00 29.67 ? 74   PHE A CG  1 
ATOM   548  C CD1 . PHE A 1 74  ? -4.517  -2.654  -10.750 1.00 30.95 ? 74   PHE A CD1 1 
ATOM   549  C CD2 . PHE A 1 74  ? -2.459  -2.746  -9.549  1.00 30.95 ? 74   PHE A CD2 1 
ATOM   550  C CE1 . PHE A 1 74  ? -4.136  -1.417  -11.316 1.00 31.11 ? 74   PHE A CE1 1 
ATOM   551  C CE2 . PHE A 1 74  ? -2.079  -1.515  -10.106 1.00 31.12 ? 74   PHE A CE2 1 
ATOM   552  C CZ  . PHE A 1 74  ? -2.924  -0.862  -10.988 1.00 30.28 ? 74   PHE A CZ  1 
ATOM   553  N N   . LEU A 1 75  ? -1.560  -6.299  -9.866  1.00 28.82 ? 75   LEU A N   1 
ATOM   554  C CA  . LEU A 1 75  ? -0.156  -6.392  -10.226 1.00 28.84 ? 75   LEU A CA  1 
ATOM   555  C C   . LEU A 1 75  ? 0.102   -7.432  -11.318 1.00 29.48 ? 75   LEU A C   1 
ATOM   556  O O   . LEU A 1 75  ? 0.953   -7.231  -12.186 1.00 29.24 ? 75   LEU A O   1 
ATOM   557  C CB  . LEU A 1 75  ? 0.695   -6.728  -8.992  1.00 28.66 ? 75   LEU A CB  1 
ATOM   558  C CG  . LEU A 1 75  ? 0.918   -5.613  -7.981  1.00 29.41 ? 75   LEU A CG  1 
ATOM   559  C CD1 . LEU A 1 75  ? 1.793   -6.079  -6.782  1.00 29.72 ? 75   LEU A CD1 1 
ATOM   560  C CD2 . LEU A 1 75  ? 1.585   -4.418  -8.691  1.00 28.74 ? 75   LEU A CD2 1 
ATOM   561  N N   . SER A 1 76  ? -0.654  -8.519  -11.306 1.00 29.76 ? 76   SER A N   1 
ATOM   562  C CA  . SER A 1 76  ? -0.376  -9.623  -12.207 1.00 30.21 ? 76   SER A CA  1 
ATOM   563  C C   . SER A 1 76  ? -0.699  -9.267  -13.649 1.00 30.26 ? 76   SER A C   1 
ATOM   564  O O   . SER A 1 76  ? -0.271  -9.951  -14.579 1.00 29.30 ? 76   SER A O   1 
ATOM   565  C CB  A SER A 1 76  ? -1.149  -10.882 -11.776 0.67 30.55 ? 76   SER A CB  1 
ATOM   566  C CB  B SER A 1 76  ? -1.139  -10.871 -11.771 0.33 30.20 ? 76   SER A CB  1 
ATOM   567  O OG  A SER A 1 76  ? -2.552  -10.718 -11.929 0.67 32.79 ? 76   SER A OG  1 
ATOM   568  O OG  B SER A 1 76  ? -0.739  -11.243 -10.467 0.33 29.85 ? 76   SER A OG  1 
ATOM   569  N N   . MET A 1 77  ? -1.423  -8.166  -13.835 1.00 30.57 ? 77   MET A N   1 
ATOM   570  C CA  . MET A 1 77  ? -1.756  -7.707  -15.159 1.00 31.12 ? 77   MET A CA  1 
ATOM   571  C C   . MET A 1 77  ? -0.629  -6.900  -15.813 1.00 30.22 ? 77   MET A C   1 
ATOM   572  O O   . MET A 1 77  ? -0.702  -6.605  -16.995 1.00 29.90 ? 77   MET A O   1 
ATOM   573  C CB  . MET A 1 77  ? -3.012  -6.848  -15.115 1.00 31.63 ? 77   MET A CB  1 
ATOM   574  C CG  . MET A 1 77  ? -4.234  -7.503  -14.549 1.00 33.55 ? 77   MET A CG  1 
ATOM   575  S SD  . MET A 1 77  ? -5.547  -6.238  -14.369 1.00 39.82 ? 77   MET A SD  1 
ATOM   576  C CE  . MET A 1 77  ? -5.760  -5.673  -16.068 1.00 42.44 ? 77   MET A CE  1 
ATOM   577  N N   . PHE A 1 78  ? 0.390   -6.537  -15.039 1.00 30.05 ? 78   PHE A N   1 
ATOM   578  C CA  . PHE A 1 78  ? 1.474   -5.686  -15.518 1.00 30.38 ? 78   PHE A CA  1 
ATOM   579  C C   . PHE A 1 78  ? 2.820   -6.403  -15.560 1.00 30.59 ? 78   PHE A C   1 
ATOM   580  O O   . PHE A 1 78  ? 3.088   -7.268  -14.743 1.00 32.77 ? 78   PHE A O   1 
ATOM   581  C CB  . PHE A 1 78  ? 1.574   -4.418  -14.676 1.00 30.36 ? 78   PHE A CB  1 
ATOM   582  C CG  . PHE A 1 78  ? 0.310   -3.608  -14.653 1.00 29.79 ? 78   PHE A CG  1 
ATOM   583  C CD1 . PHE A 1 78  ? -0.679  -3.888  -13.728 1.00 29.13 ? 78   PHE A CD1 1 
ATOM   584  C CD2 . PHE A 1 78  ? 0.115   -2.541  -15.535 1.00 28.71 ? 78   PHE A CD2 1 
ATOM   585  C CE1 . PHE A 1 78  ? -1.826  -3.145  -13.672 1.00 29.39 ? 78   PHE A CE1 1 
ATOM   586  C CE2 . PHE A 1 78  ? -1.052  -1.792  -15.487 1.00 27.35 ? 78   PHE A CE2 1 
ATOM   587  C CZ  . PHE A 1 78  ? -2.020  -2.092  -14.556 1.00 27.71 ? 78   PHE A CZ  1 
ATOM   588  N N   . THR A 1 79  ? 3.656   -6.054  -16.533 1.00 30.26 ? 79   THR A N   1 
ATOM   589  C CA  . THR A 1 79  ? 4.997   -6.619  -16.647 1.00 30.68 ? 79   THR A CA  1 
ATOM   590  C C   . THR A 1 79  ? 6.054   -5.805  -15.922 1.00 30.61 ? 79   THR A C   1 
ATOM   591  O O   . THR A 1 79  ? 7.225   -6.207  -15.886 1.00 32.39 ? 79   THR A O   1 
ATOM   592  C CB  . THR A 1 79  ? 5.411   -6.727  -18.090 1.00 31.20 ? 79   THR A CB  1 
ATOM   593  O OG1 . THR A 1 79  ? 5.276   -5.437  -18.689 1.00 31.26 ? 79   THR A OG1 1 
ATOM   594  C CG2 . THR A 1 79  ? 4.480   -7.652  -18.873 1.00 30.61 ? 79   THR A CG2 1 
ATOM   595  N N   . MET A 1 80  ? 5.669   -4.680  -15.349 1.00 30.00 ? 80   MET A N   1 
ATOM   596  C CA  . MET A 1 80  ? 6.552   -3.943  -14.437 1.00 29.34 ? 80   MET A CA  1 
ATOM   597  C C   . MET A 1 80  ? 6.823   -4.716  -13.132 1.00 29.86 ? 80   MET A C   1 
ATOM   598  O O   . MET A 1 80  ? 6.019   -5.560  -12.689 1.00 29.05 ? 80   MET A O   1 
ATOM   599  C CB  . MET A 1 80  ? 5.917   -2.585  -14.115 1.00 30.47 ? 80   MET A CB  1 
ATOM   600  C CG  . MET A 1 80  ? 5.737   -1.677  -15.315 1.00 29.40 ? 80   MET A CG  1 
ATOM   601  S SD  . MET A 1 80  ? 4.939   -0.070  -14.989 1.00 30.81 ? 80   MET A SD  1 
ATOM   602  C CE  . MET A 1 80  ? 6.099   0.752   -13.876 1.00 30.56 ? 80   MET A CE  1 
ATOM   603  N N   . LYS A 1 81  ? 7.958   -4.423  -12.507 1.00 29.98 ? 81   LYS A N   1 
ATOM   604  C CA  . LYS A 1 81  ? 8.162   -4.817  -11.121 1.00 30.20 ? 81   LYS A CA  1 
ATOM   605  C C   . LYS A 1 81  ? 6.993   -4.351  -10.285 1.00 30.06 ? 81   LYS A C   1 
ATOM   606  O O   . LYS A 1 81  ? 6.637   -3.178  -10.303 1.00 30.55 ? 81   LYS A O   1 
ATOM   607  C CB  . LYS A 1 81  ? 9.484   -4.286  -10.550 1.00 29.78 ? 81   LYS A CB  1 
ATOM   608  C CG  . LYS A 1 81  ? 9.674   -4.655  -9.069  1.00 30.07 ? 81   LYS A CG  1 
ATOM   609  C CD  . LYS A 1 81  ? 11.049  -4.277  -8.573  1.00 31.06 ? 81   LYS A CD  1 
ATOM   610  C CE  . LYS A 1 81  ? 11.118  -4.261  -7.030  1.00 32.76 ? 81   LYS A CE  1 
ATOM   611  N NZ  . LYS A 1 81  ? 12.524  -3.914  -6.674  1.00 35.84 ? 81   LYS A NZ  1 
ATOM   612  N N   . GLY A 1 82  ? 6.379   -5.285  -9.563  1.00 29.16 ? 82   GLY A N   1 
ATOM   613  C CA  . GLY A 1 82  ? 5.157   -5.021  -8.857  1.00 28.59 ? 82   GLY A CA  1 
ATOM   614  C C   . GLY A 1 82  ? 5.300   -5.339  -7.392  1.00 28.40 ? 82   GLY A C   1 
ATOM   615  O O   . GLY A 1 82  ? 5.627   -6.450  -7.037  1.00 27.99 ? 82   GLY A O   1 
ATOM   616  N N   . VAL A 1 83  ? 5.043   -4.355  -6.550  1.00 28.63 ? 83   VAL A N   1 
ATOM   617  C CA  . VAL A 1 83  ? 5.113   -4.509  -5.108  1.00 28.46 ? 83   VAL A CA  1 
ATOM   618  C C   . VAL A 1 83  ? 3.771   -4.161  -4.485  1.00 27.87 ? 83   VAL A C   1 
ATOM   619  O O   . VAL A 1 83  ? 3.336   -2.988  -4.538  1.00 27.47 ? 83   VAL A O   1 
ATOM   620  C CB  . VAL A 1 83  ? 6.174   -3.573  -4.526  1.00 28.60 ? 83   VAL A CB  1 
ATOM   621  C CG1 . VAL A 1 83  ? 6.323   -3.787  -3.047  1.00 30.79 ? 83   VAL A CG1 1 
ATOM   622  C CG2 . VAL A 1 83  ? 7.504   -3.789  -5.243  1.00 30.36 ? 83   VAL A CG2 1 
ATOM   623  N N   . PRO A 1 84  ? 3.116   -5.149  -3.888  1.00 26.31 ? 84   PRO A N   1 
ATOM   624  C CA  . PRO A 1 84  ? 1.877   -4.904  -3.165  1.00 27.07 ? 84   PRO A CA  1 
ATOM   625  C C   . PRO A 1 84  ? 2.176   -4.417  -1.742  1.00 27.14 ? 84   PRO A C   1 
ATOM   626  O O   . PRO A 1 84  ? 3.165   -4.842  -1.153  1.00 27.58 ? 84   PRO A O   1 
ATOM   627  C CB  . PRO A 1 84  ? 1.210   -6.283  -3.144  1.00 26.91 ? 84   PRO A CB  1 
ATOM   628  C CG  . PRO A 1 84  ? 2.367   -7.225  -3.123  1.00 25.63 ? 84   PRO A CG  1 
ATOM   629  C CD  . PRO A 1 84  ? 3.515   -6.572  -3.819  1.00 26.84 ? 84   PRO A CD  1 
ATOM   630  N N   . LEU A 1 85  ? 1.366   -3.488  -1.253  1.00 29.05 ? 85   LEU A N   1 
ATOM   631  C CA  . LEU A 1 85  ? 1.544   -2.860  0.061   1.00 29.82 ? 85   LEU A CA  1 
ATOM   632  C C   . LEU A 1 85  ? 0.222   -2.710  0.784   1.00 30.00 ? 85   LEU A C   1 
ATOM   633  O O   . LEU A 1 85  ? -0.778  -2.281  0.201   1.00 30.42 ? 85   LEU A O   1 
ATOM   634  C CB  . LEU A 1 85  ? 2.117   -1.462  -0.108  1.00 30.26 ? 85   LEU A CB  1 
ATOM   635  C CG  . LEU A 1 85  ? 3.481   -1.313  -0.748  1.00 31.89 ? 85   LEU A CG  1 
ATOM   636  C CD1 . LEU A 1 85  ? 3.703   0.187   -1.007  1.00 34.70 ? 85   LEU A CD1 1 
ATOM   637  C CD2 . LEU A 1 85  ? 4.571   -1.893  0.122   1.00 33.04 ? 85   LEU A CD2 1 
ATOM   638  N N   . ILE A 1 86  ? 0.225   -3.054  2.065   1.00 30.48 ? 86   ILE A N   1 
ATOM   639  C CA  . ILE A 1 86  ? -0.789  -2.595  2.990   1.00 30.81 ? 86   ILE A CA  1 
ATOM   640  C C   . ILE A 1 86  ? -0.158  -1.426  3.685   1.00 30.96 ? 86   ILE A C   1 
ATOM   641  O O   . ILE A 1 86  ? 0.740   -1.597  4.512   1.00 30.41 ? 86   ILE A O   1 
ATOM   642  C CB  . ILE A 1 86  ? -1.179  -3.641  4.047   1.00 30.78 ? 86   ILE A CB  1 
ATOM   643  C CG1 . ILE A 1 86  ? -1.365  -5.040  3.449   1.00 32.43 ? 86   ILE A CG1 1 
ATOM   644  C CG2 . ILE A 1 86  ? -2.415  -3.164  4.792   1.00 30.20 ? 86   ILE A CG2 1 
ATOM   645  C CD1 . ILE A 1 86  ? -2.594  -5.252  2.666   1.00 35.49 ? 86   ILE A CD1 1 
ATOM   646  N N   . ALA A 1 87  ? -0.605  -0.235  3.329   1.00 31.47 ? 87   ALA A N   1 
ATOM   647  C CA  . ALA A 1 87  ? -0.066  0.976   3.898   1.00 31.93 ? 87   ALA A CA  1 
ATOM   648  C C   . ALA A 1 87  ? -1.039  1.453   4.943   1.00 32.13 ? 87   ALA A C   1 
ATOM   649  O O   . ALA A 1 87  ? -2.189  1.765   4.635   1.00 33.06 ? 87   ALA A O   1 
ATOM   650  C CB  . ALA A 1 87  ? 0.135   2.011   2.828   1.00 31.69 ? 87   ALA A CB  1 
ATOM   651  N N   . ILE A 1 88  ? -0.552  1.501   6.179   1.00 32.32 ? 88   ILE A N   1 
ATOM   652  C CA  . ILE A 1 88  ? -1.339  1.818   7.348   1.00 32.59 ? 88   ILE A CA  1 
ATOM   653  C C   . ILE A 1 88  ? -0.774  3.036   8.039   1.00 32.29 ? 88   ILE A C   1 
ATOM   654  O O   . ILE A 1 88  ? 0.418   3.066   8.417   1.00 32.66 ? 88   ILE A O   1 
ATOM   655  C CB  . ILE A 1 88  ? -1.270  0.681   8.386   1.00 32.62 ? 88   ILE A CB  1 
ATOM   656  C CG1 . ILE A 1 88  ? -1.709  -0.673  7.806   1.00 32.98 ? 88   ILE A CG1 1 
ATOM   657  C CG2 . ILE A 1 88  ? -2.091  1.076   9.635   1.00 33.41 ? 88   ILE A CG2 1 
ATOM   658  C CD1 . ILE A 1 88  ? -3.107  -0.717  7.223   1.00 33.48 ? 88   ILE A CD1 1 
ATOM   659  N N   . LYS A 1 89  ? -1.620  4.024   8.266   1.00 32.35 ? 89   LYS A N   1 
ATOM   660  C CA  . LYS A 1 89  ? -1.227  5.105   9.138   1.00 32.96 ? 89   LYS A CA  1 
ATOM   661  C C   . LYS A 1 89  ? -1.622  4.755   10.563  1.00 32.33 ? 89   LYS A C   1 
ATOM   662  O O   . LYS A 1 89  ? -2.787  4.843   10.932  1.00 32.37 ? 89   LYS A O   1 
ATOM   663  C CB  . LYS A 1 89  ? -1.862  6.429   8.727   1.00 33.79 ? 89   LYS A CB  1 
ATOM   664  C CG  . LYS A 1 89  ? -1.306  7.562   9.519   1.00 35.74 ? 89   LYS A CG  1 
ATOM   665  C CD  . LYS A 1 89  ? -1.848  8.908   9.120   1.00 38.31 ? 89   LYS A CD  1 
ATOM   666  C CE  . LYS A 1 89  ? -0.920  9.975   9.686   1.00 40.79 ? 89   LYS A CE  1 
ATOM   667  N NZ  . LYS A 1 89  ? -1.486  11.344  9.534   1.00 42.67 ? 89   LYS A NZ  1 
ATOM   668  N N   . PHE A 1 90  ? -0.644  4.333   11.346  1.00 31.63 ? 90   PHE A N   1 
ATOM   669  C CA  . PHE A 1 90  ? -0.832  4.101   12.768  1.00 31.49 ? 90   PHE A CA  1 
ATOM   670  C C   . PHE A 1 90  ? -0.830  5.472   13.465  1.00 31.04 ? 90   PHE A C   1 
ATOM   671  O O   . PHE A 1 90  ? 0.212   6.030   13.744  1.00 31.26 ? 90   PHE A O   1 
ATOM   672  C CB  . PHE A 1 90  ? 0.274   3.165   13.272  1.00 31.01 ? 90   PHE A CB  1 
ATOM   673  C CG  . PHE A 1 90  ? 0.071   1.693   12.859  1.00 31.43 ? 90   PHE A CG  1 
ATOM   674  C CD1 . PHE A 1 90  ? -0.859  0.889   13.513  1.00 32.48 ? 90   PHE A CD1 1 
ATOM   675  C CD2 . PHE A 1 90  ? 0.831   1.124   11.834  1.00 32.81 ? 90   PHE A CD2 1 
ATOM   676  C CE1 . PHE A 1 90  ? -1.023  -0.465  13.164  1.00 33.58 ? 90   PHE A CE1 1 
ATOM   677  C CE2 . PHE A 1 90  ? 0.659   -0.213  11.461  1.00 31.67 ? 90   PHE A CE2 1 
ATOM   678  C CZ  . PHE A 1 90  ? -0.261  -1.006  12.130  1.00 33.51 ? 90   PHE A CZ  1 
ATOM   679  N N   . LYS A 1 91  ? -2.009  6.025   13.696  1.00 31.51 ? 91   LYS A N   1 
ATOM   680  C CA  . LYS A 1 91  ? -2.128  7.396   14.180  1.00 32.21 ? 91   LYS A CA  1 
ATOM   681  C C   . LYS A 1 91  ? -1.654  7.563   15.618  1.00 32.73 ? 91   LYS A C   1 
ATOM   682  O O   . LYS A 1 91  ? -1.328  8.661   16.009  1.00 31.88 ? 91   LYS A O   1 
ATOM   683  C CB  . LYS A 1 91  ? -3.564  7.888   14.068  1.00 32.76 ? 91   LYS A CB  1 
ATOM   684  C CG  . LYS A 1 91  ? -3.998  8.127   12.608  1.00 35.08 ? 91   LYS A CG  1 
ATOM   685  C CD  . LYS A 1 91  ? -5.498  8.289   12.470  1.00 35.68 ? 91   LYS A CD  1 
ATOM   686  C CE  . LYS A 1 91  ? -5.855  9.495   11.636  1.00 36.48 ? 91   LYS A CE  1 
ATOM   687  N NZ  . LYS A 1 91  ? -7.322  9.571   11.401  1.00 39.19 ? 91   LYS A NZ  1 
ATOM   688  N N   . GLN A 1 92  ? -1.638  6.477   16.388  1.00 32.59 ? 92   GLN A N   1 
ATOM   689  C CA  . GLN A 1 92  ? -1.145  6.506   17.765  1.00 33.26 ? 92   GLN A CA  1 
ATOM   690  C C   . GLN A 1 92  ? 0.280   7.004   17.836  1.00 33.11 ? 92   GLN A C   1 
ATOM   691  O O   . GLN A 1 92  ? 0.610   7.762   18.722  1.00 33.87 ? 92   GLN A O   1 
ATOM   692  C CB  . GLN A 1 92  ? -1.176  5.118   18.426  1.00 32.86 ? 92   GLN A CB  1 
ATOM   693  C CG  . GLN A 1 92  ? -2.538  4.639   18.775  1.00 32.81 ? 92   GLN A CG  1 
ATOM   694  C CD  . GLN A 1 92  ? -2.545  3.385   19.654  1.00 32.06 ? 92   GLN A CD  1 
ATOM   695  O OE1 . GLN A 1 92  ? -1.542  3.037   20.299  1.00 32.62 ? 92   GLN A OE1 1 
ATOM   696  N NE2 . GLN A 1 92  ? -3.704  2.733   19.709  1.00 29.73 ? 92   GLN A NE2 1 
ATOM   697  N N   . VAL A 1 93  ? 1.116   6.549   16.908  1.00 33.49 ? 93   VAL A N   1 
ATOM   698  C CA  . VAL A 1 93  ? 2.518   6.980   16.800  1.00 34.29 ? 93   VAL A CA  1 
ATOM   699  C C   . VAL A 1 93  ? 2.780   7.955   15.620  1.00 34.71 ? 93   VAL A C   1 
ATOM   700  O O   . VAL A 1 93  ? 3.940   8.302   15.324  1.00 33.88 ? 93   VAL A O   1 
ATOM   701  C CB  . VAL A 1 93  ? 3.431   5.744   16.678  1.00 34.38 ? 93   VAL A CB  1 
ATOM   702  C CG1 . VAL A 1 93  ? 3.393   4.932   17.969  1.00 34.67 ? 93   VAL A CG1 1 
ATOM   703  C CG2 . VAL A 1 93  ? 2.993   4.832   15.511  1.00 34.94 ? 93   VAL A CG2 1 
ATOM   704  N N   . HIS A 1 94  ? 1.702   8.381   14.960  1.00 34.86 ? 94   HIS A N   1 
ATOM   705  C CA  . HIS A 1 94  ? 1.766   9.348   13.857  1.00 36.56 ? 94   HIS A CA  1 
ATOM   706  C C   . HIS A 1 94  ? 2.687   8.872   12.739  1.00 36.27 ? 94   HIS A C   1 
ATOM   707  O O   . HIS A 1 94  ? 3.504   9.626   12.229  1.00 37.45 ? 94   HIS A O   1 
ATOM   708  C CB  . HIS A 1 94  ? 2.162   10.728  14.382  1.00 37.52 ? 94   HIS A CB  1 
ATOM   709  C CG  . HIS A 1 94  ? 1.367   11.129  15.578  1.00 39.06 ? 94   HIS A CG  1 
ATOM   710  N ND1 . HIS A 1 94  ? -0.009  11.019  15.614  1.00 43.57 ? 94   HIS A ND1 1 
ATOM   711  C CD2 . HIS A 1 94  ? 1.745   11.525  16.812  1.00 40.88 ? 94   HIS A CD2 1 
ATOM   712  C CE1 . HIS A 1 94  ? -0.447  11.379  16.811  1.00 42.03 ? 94   HIS A CE1 1 
ATOM   713  N NE2 . HIS A 1 94  ? 0.598   11.704  17.550  1.00 41.41 ? 94   HIS A NE2 1 
ATOM   714  N N   . GLU A 1 95  ? 2.510   7.612   12.355  1.00 36.38 ? 95   GLU A N   1 
ATOM   715  C CA  . GLU A 1 95  ? 3.434   6.909   11.472  1.00 36.37 ? 95   GLU A CA  1 
ATOM   716  C C   . GLU A 1 95  ? 2.756   6.129   10.359  1.00 35.34 ? 95   GLU A C   1 
ATOM   717  O O   . GLU A 1 95  ? 1.866   5.316   10.615  1.00 35.09 ? 95   GLU A O   1 
ATOM   718  C CB  . GLU A 1 95  ? 4.189   5.891   12.297  1.00 37.26 ? 95   GLU A CB  1 
ATOM   719  C CG  . GLU A 1 95  ? 5.644   6.169   12.512  1.00 40.12 ? 95   GLU A CG  1 
ATOM   720  C CD  . GLU A 1 95  ? 6.419   4.886   12.720  1.00 44.54 ? 95   GLU A CD  1 
ATOM   721  O OE1 . GLU A 1 95  ? 6.087   4.158   13.692  1.00 47.07 ? 95   GLU A OE1 1 
ATOM   722  O OE2 . GLU A 1 95  ? 7.345   4.605   11.916  1.00 46.18 ? 95   GLU A OE2 1 
ATOM   723  N N   . TRP A 1 96  ? 3.226   6.336   9.138   1.00 33.75 ? 96   TRP A N   1 
ATOM   724  C CA  . TRP A 1 96  ? 2.895   5.455   8.026   1.00 33.38 ? 96   TRP A CA  1 
ATOM   725  C C   . TRP A 1 96  ? 3.834   4.253   8.049   1.00 32.81 ? 96   TRP A C   1 
ATOM   726  O O   . TRP A 1 96  ? 5.055   4.412   8.059   1.00 33.56 ? 96   TRP A O   1 
ATOM   727  C CB  . TRP A 1 96  ? 3.024   6.188   6.695   1.00 32.75 ? 96   TRP A CB  1 
ATOM   728  C CG  . TRP A 1 96  ? 1.926   7.127   6.433   1.00 31.88 ? 96   TRP A CG  1 
ATOM   729  C CD1 . TRP A 1 96  ? 1.941   8.468   6.660   1.00 30.60 ? 96   TRP A CD1 1 
ATOM   730  C CD2 . TRP A 1 96  ? 0.619   6.822   5.905   1.00 30.00 ? 96   TRP A CD2 1 
ATOM   731  N NE1 . TRP A 1 96  ? 0.737   9.026   6.301   1.00 31.42 ? 96   TRP A NE1 1 
ATOM   732  C CE2 . TRP A 1 96  ? -0.088  8.040   5.818   1.00 31.44 ? 96   TRP A CE2 1 
ATOM   733  C CE3 . TRP A 1 96  ? -0.017  5.650   5.490   1.00 30.38 ? 96   TRP A CE3 1 
ATOM   734  C CZ2 . TRP A 1 96  ? -1.407  8.118   5.344   1.00 32.16 ? 96   TRP A CZ2 1 
ATOM   735  C CZ3 . TRP A 1 96  ? -1.331  5.722   5.007   1.00 29.12 ? 96   TRP A CZ3 1 
ATOM   736  C CH2 . TRP A 1 96  ? -2.011  6.949   4.949   1.00 31.68 ? 96   TRP A CH2 1 
ATOM   737  N N   . ARG A 1 97  ? 3.252   3.063   8.130   1.00 32.64 ? 97   ARG A N   1 
ATOM   738  C CA  . ARG A 1 97  ? 3.976   1.800   8.035   1.00 32.37 ? 97   ARG A CA  1 
ATOM   739  C C   . ARG A 1 97  ? 3.346   0.930   6.947   1.00 31.85 ? 97   ARG A C   1 
ATOM   740  O O   . ARG A 1 97  ? 2.176   1.084   6.620   1.00 32.03 ? 97   ARG A O   1 
ATOM   741  C CB  . ARG A 1 97  ? 3.964   1.063   9.382   1.00 32.89 ? 97   ARG A CB  1 
ATOM   742  C CG  . ARG A 1 97  ? 4.437   1.931   10.563  1.00 33.13 ? 97   ARG A CG  1 
ATOM   743  C CD  . ARG A 1 97  ? 4.512   1.200   11.900  1.00 34.35 ? 97   ARG A CD  1 
ATOM   744  N NE  . ARG A 1 97  ? 5.556   0.172   11.938  1.00 35.12 ? 97   ARG A NE  1 
ATOM   745  C CZ  . ARG A 1 97  ? 6.813   0.357   12.337  1.00 35.94 ? 97   ARG A CZ  1 
ATOM   746  N NH1 . ARG A 1 97  ? 7.239   1.536   12.750  1.00 37.11 ? 97   ARG A NH1 1 
ATOM   747  N NH2 . ARG A 1 97  ? 7.661   -0.657  12.327  1.00 36.03 ? 97   ARG A NH2 1 
ATOM   748  N N   . VAL A 1 98  ? 4.140   0.022   6.389   1.00 31.60 ? 98   VAL A N   1 
ATOM   749  C CA  . VAL A 1 98  ? 3.680   -0.869  5.330   1.00 31.39 ? 98   VAL A CA  1 
ATOM   750  C C   . VAL A 1 98  ? 4.050   -2.318  5.636   1.00 30.96 ? 98   VAL A C   1 
ATOM   751  O O   . VAL A 1 98  ? 5.062   -2.622  6.284   1.00 30.90 ? 98   VAL A O   1 
ATOM   752  C CB  . VAL A 1 98  ? 4.271   -0.512  3.947   1.00 30.62 ? 98   VAL A CB  1 
ATOM   753  C CG1 . VAL A 1 98  ? 3.835   0.914   3.499   1.00 30.99 ? 98   VAL A CG1 1 
ATOM   754  C CG2 . VAL A 1 98  ? 5.775   -0.664  3.953   1.00 31.69 ? 98   VAL A CG2 1 
ATOM   755  N N   . LEU A 1 99  ? 3.205   -3.196  5.143   1.00 31.29 ? 99   LEU A N   1 
ATOM   756  C CA  . LEU A 1 99  ? 3.452   -4.615  5.111   1.00 30.78 ? 99   LEU A CA  1 
ATOM   757  C C   . LEU A 1 99  ? 3.273   -5.077  3.650   1.00 31.08 ? 99   LEU A C   1 
ATOM   758  O O   . LEU A 1 99  ? 2.320   -4.681  2.969   1.00 29.97 ? 99   LEU A O   1 
ATOM   759  C CB  . LEU A 1 99  ? 2.490   -5.303  6.075   1.00 31.35 ? 99   LEU A CB  1 
ATOM   760  C CG  . LEU A 1 99  ? 2.592   -6.826  6.225   1.00 30.81 ? 99   LEU A CG  1 
ATOM   761  C CD1 . LEU A 1 99  ? 2.150   -7.237  7.616   1.00 33.43 ? 99   LEU A CD1 1 
ATOM   762  C CD2 . LEU A 1 99  ? 1.738   -7.524  5.170   1.00 33.14 ? 99   LEU A CD2 1 
ATOM   763  N N   . VAL A 1 100 ? 4.233   -5.860  3.160   1.00 31.82 ? 100  VAL A N   1 
ATOM   764  C CA  . VAL A 1 100 ? 4.160   -6.450  1.821   1.00 32.25 ? 100  VAL A CA  1 
ATOM   765  C C   . VAL A 1 100 ? 3.527   -7.827  2.001   1.00 32.76 ? 100  VAL A C   1 
ATOM   766  O O   . VAL A 1 100 ? 4.130   -8.674  2.627   1.00 32.45 ? 100  VAL A O   1 
ATOM   767  C CB  . VAL A 1 100 ? 5.545   -6.622  1.186   1.00 32.62 ? 100  VAL A CB  1 
ATOM   768  C CG1 . VAL A 1 100 ? 5.449   -7.315  -0.188  1.00 31.75 ? 100  VAL A CG1 1 
ATOM   769  C CG2 . VAL A 1 100 ? 6.261   -5.296  1.063   1.00 33.45 ? 100  VAL A CG2 1 
ATOM   770  N N   . PRO A 1 101 ? 2.316   -8.044  1.494   1.00 32.88 ? 101  PRO A N   1 
ATOM   771  C CA  . PRO A 1 101 ? 1.646   -9.347  1.648   1.00 33.81 ? 101  PRO A CA  1 
ATOM   772  C C   . PRO A 1 101 ? 2.330   -10.487 0.856   1.00 34.54 ? 101  PRO A C   1 
ATOM   773  O O   . PRO A 1 101 ? 2.776   -10.270 -0.254  1.00 34.48 ? 101  PRO A O   1 
ATOM   774  C CB  . PRO A 1 101 ? 0.230   -9.067  1.135   1.00 33.60 ? 101  PRO A CB  1 
ATOM   775  C CG  . PRO A 1 101 ? 0.372   -7.898  0.217   1.00 33.54 ? 101  PRO A CG  1 
ATOM   776  C CD  . PRO A 1 101 ? 1.482   -7.074  0.773   1.00 33.15 ? 101  PRO A CD  1 
ATOM   777  N N   . GLU A 1 102 ? 2.447   -11.668 1.456   1.00 35.73 ? 102  GLU A N   1 
ATOM   778  C CA  . GLU A 1 102 ? 3.036   -12.831 0.791   1.00 36.83 ? 102  GLU A CA  1 
ATOM   779  C C   . GLU A 1 102 ? 2.119   -13.333 -0.301  1.00 35.72 ? 102  GLU A C   1 
ATOM   780  O O   . GLU A 1 102 ? 2.567   -13.717 -1.376  1.00 35.28 ? 102  GLU A O   1 
ATOM   781  C CB  . GLU A 1 102 ? 3.208   -14.001 1.755   1.00 37.85 ? 102  GLU A CB  1 
ATOM   782  C CG  . GLU A 1 102 ? 4.314   -13.873 2.772   1.00 43.48 ? 102  GLU A CG  1 
ATOM   783  C CD  . GLU A 1 102 ? 4.230   -14.963 3.832   1.00 48.44 ? 102  GLU A CD  1 
ATOM   784  O OE1 . GLU A 1 102 ? 3.850   -16.120 3.484   1.00 52.21 ? 102  GLU A OE1 1 
ATOM   785  O OE2 . GLU A 1 102 ? 4.528   -14.651 5.013   1.00 53.18 ? 102  GLU A OE2 1 
ATOM   786  N N   . LYS A 1 103 ? 0.837   -13.355 0.033   1.00 35.62 ? 103  LYS A N   1 
ATOM   787  C CA  . LYS A 1 103 ? -0.213  -13.956 -0.784  1.00 35.77 ? 103  LYS A CA  1 
ATOM   788  C C   . LYS A 1 103 ? -1.591  -13.446 -0.325  1.00 35.58 ? 103  LYS A C   1 
ATOM   789  O O   . LYS A 1 103 ? -1.689  -12.736 0.674   1.00 36.01 ? 103  LYS A O   1 
ATOM   790  C CB  . LYS A 1 103 ? -0.136  -15.484 -0.653  1.00 35.41 ? 103  LYS A CB  1 
ATOM   791  C CG  . LYS A 1 103 ? -0.676  -16.003 0.659   1.00 36.82 ? 103  LYS A CG  1 
ATOM   792  C CD  . LYS A 1 103 ? -0.451  -17.502 0.818   1.00 39.62 ? 103  LYS A CD  1 
ATOM   793  C CE  . LYS A 1 103 ? -0.782  -17.937 2.235   1.00 39.75 ? 103  LYS A CE  1 
ATOM   794  N NZ  . LYS A 1 103 ? -0.771  -19.444 2.361   1.00 43.94 ? 103  LYS A NZ  1 
ATOM   795  N N   . ALA A 1 104 ? -2.644  -13.821 -1.045  1.00 35.58 ? 104  ALA A N   1 
ATOM   796  C CA  . ALA A 1 104 ? -3.992  -13.398 -0.719  1.00 36.23 ? 104  ALA A CA  1 
ATOM   797  C C   . ALA A 1 104 ? -4.475  -14.235 0.475   1.00 37.00 ? 104  ALA A C   1 
ATOM   798  O O   . ALA A 1 104 ? -4.719  -15.415 0.337   1.00 36.96 ? 104  ALA A O   1 
ATOM   799  C CB  . ALA A 1 104 ? -4.919  -13.589 -1.908  1.00 35.75 ? 104  ALA A CB  1 
ATOM   800  N N   . GLU A 1 105 ? -4.539  -13.596 1.637   1.00 37.97 ? 105  GLU A N   1 
ATOM   801  C CA  . GLU A 1 105 ? -5.061  -14.181 2.866   1.00 38.76 ? 105  GLU A CA  1 
ATOM   802  C C   . GLU A 1 105 ? -5.478  -13.030 3.790   1.00 39.33 ? 105  GLU A C   1 
ATOM   803  O O   . GLU A 1 105 ? -5.173  -11.850 3.525   1.00 38.87 ? 105  GLU A O   1 
ATOM   804  C CB  . GLU A 1 105 ? -3.996  -15.047 3.555   1.00 39.06 ? 105  GLU A CB  1 
ATOM   805  C CG  . GLU A 1 105 ? -2.673  -14.328 3.831   1.00 41.05 ? 105  GLU A CG  1 
ATOM   806  C CD  . GLU A 1 105 ? -1.613  -15.227 4.464   1.00 43.63 ? 105  GLU A CD  1 
ATOM   807  O OE1 . GLU A 1 105 ? -1.946  -16.371 4.857   1.00 48.10 ? 105  GLU A OE1 1 
ATOM   808  O OE2 . GLU A 1 105 ? -0.445  -14.791 4.573   1.00 45.08 ? 105  GLU A OE2 1 
ATOM   809  N N   . ASP A 1 106 ? -6.168  -13.369 4.872   1.00 39.96 ? 106  ASP A N   1 
ATOM   810  C CA  . ASP A 1 106 ? -6.457  -12.401 5.939   1.00 40.37 ? 106  ASP A CA  1 
ATOM   811  C C   . ASP A 1 106 ? -5.125  -12.038 6.599   1.00 40.00 ? 106  ASP A C   1 
ATOM   812  O O   . ASP A 1 106 ? -4.298  -12.920 6.864   1.00 40.36 ? 106  ASP A O   1 
ATOM   813  C CB  . ASP A 1 106 ? -7.376  -12.992 7.018   1.00 40.53 ? 106  ASP A CB  1 
ATOM   814  C CG  . ASP A 1 106 ? -8.839  -13.086 6.604   1.00 41.77 ? 106  ASP A CG  1 
ATOM   815  O OD1 . ASP A 1 106 ? -9.275  -12.516 5.578   1.00 42.26 ? 106  ASP A OD1 1 
ATOM   816  O OD2 . ASP A 1 106 ? -9.653  -13.720 7.305   1.00 46.35 ? 106  ASP A OD2 1 
ATOM   817  N N   . ILE A 1 107 ? -4.916  -10.756 6.886   1.00 39.66 ? 107  ILE A N   1 
ATOM   818  C CA  . ILE A 1 107 ? -3.672  -10.300 7.510   1.00 39.36 ? 107  ILE A CA  1 
ATOM   819  C C   . ILE A 1 107 ? -3.927  -9.286  8.630   1.00 39.10 ? 107  ILE A C   1 
ATOM   820  O O   . ILE A 1 107 ? -4.615  -8.291  8.441   1.00 38.19 ? 107  ILE A O   1 
ATOM   821  C CB  . ILE A 1 107 ? -2.712  -9.690  6.464   1.00 39.73 ? 107  ILE A CB  1 
ATOM   822  C CG1 . ILE A 1 107 ? -2.476  -10.645 5.276   1.00 39.76 ? 107  ILE A CG1 1 
ATOM   823  C CG2 . ILE A 1 107 ? -1.382  -9.345  7.131   1.00 40.58 ? 107  ILE A CG2 1 
ATOM   824  C CD1 . ILE A 1 107 ? -1.531  -10.080 4.209   1.00 40.39 ? 107  ILE A CD1 1 
ATOM   825  N N   . ILE A 1 108 ? -3.360  -9.539  9.802   1.00 39.01 ? 108  ILE A N   1 
ATOM   826  C CA  . ILE A 1 108 ? -3.415  -8.562  10.883  1.00 39.18 ? 108  ILE A CA  1 
ATOM   827  C C   . ILE A 1 108 ? -2.107  -7.778  10.876  1.00 38.70 ? 108  ILE A C   1 
ATOM   828  O O   . ILE A 1 108 ? -1.044  -8.308  11.161  1.00 37.83 ? 108  ILE A O   1 
ATOM   829  C CB  . ILE A 1 108 ? -3.685  -9.245  12.248  1.00 39.40 ? 108  ILE A CB  1 
ATOM   830  C CG1 . ILE A 1 108 ? -5.127  -9.773  12.284  1.00 40.45 ? 108  ILE A CG1 1 
ATOM   831  C CG2 . ILE A 1 108 ? -3.459  -8.262  13.399  1.00 39.76 ? 108  ILE A CG2 1 
ATOM   832  C CD1 . ILE A 1 108 ? -5.420  -10.804 13.403  1.00 41.45 ? 108  ILE A CD1 1 
ATOM   833  N N   . VAL A 1 109 ? -2.188  -6.510  10.501  1.00 38.16 ? 109  VAL A N   1 
ATOM   834  C CA  . VAL A 1 109 ? -1.003  -5.671  10.449  1.00 37.68 ? 109  VAL A CA  1 
ATOM   835  C C   . VAL A 1 109 ? -0.801  -5.000  11.809  1.00 38.05 ? 109  VAL A C   1 
ATOM   836  O O   . VAL A 1 109 ? -1.702  -4.378  12.319  1.00 38.18 ? 109  VAL A O   1 
ATOM   837  C CB  . VAL A 1 109 ? -1.130  -4.643  9.304   1.00 37.25 ? 109  VAL A CB  1 
ATOM   838  C CG1 . VAL A 1 109 ? 0.141   -3.850  9.146   1.00 36.85 ? 109  VAL A CG1 1 
ATOM   839  C CG2 . VAL A 1 109 ? -1.487  -5.365  7.985   1.00 36.58 ? 109  VAL A CG2 1 
ATOM   840  N N   . THR A 1 110 ? 0.383   -5.165  12.394  1.00 38.99 ? 110  THR A N   1 
ATOM   841  C CA  . THR A 1 110 ? 0.780   -4.504  13.647  1.00 39.85 ? 110  THR A CA  1 
ATOM   842  C C   . THR A 1 110 ? 2.036   -3.661  13.435  1.00 40.18 ? 110  THR A C   1 
ATOM   843  O O   . THR A 1 110 ? 2.577   -3.618  12.328  1.00 39.63 ? 110  THR A O   1 
ATOM   844  C CB  . THR A 1 110 ? 1.074   -5.561  14.734  1.00 39.96 ? 110  THR A CB  1 
ATOM   845  O OG1 . THR A 1 110 ? 2.348   -6.167  14.477  1.00 41.52 ? 110  THR A OG1 1 
ATOM   846  C CG2 . THR A 1 110 ? 0.103   -6.738  14.660  1.00 40.14 ? 110  THR A CG2 1 
ATOM   847  N N   . ILE A 1 111 ? 2.537   -3.016  14.495  1.00 40.95 ? 111  ILE A N   1 
ATOM   848  C CA  . ILE A 1 111 ? 3.847   -2.347  14.421  1.00 41.83 ? 111  ILE A CA  1 
ATOM   849  C C   . ILE A 1 111 ? 4.953   -3.383  14.203  1.00 42.00 ? 111  ILE A C   1 
ATOM   850  O O   . ILE A 1 111 ? 5.924   -3.121  13.485  1.00 41.80 ? 111  ILE A O   1 
ATOM   851  C CB  . ILE A 1 111 ? 4.156   -1.485  15.705  1.00 42.30 ? 111  ILE A CB  1 
ATOM   852  C CG1 . ILE A 1 111 ? 3.788   -0.012  15.484  1.00 44.30 ? 111  ILE A CG1 1 
ATOM   853  C CG2 . ILE A 1 111 ? 5.635   -1.547  16.083  1.00 43.10 ? 111  ILE A CG2 1 
ATOM   854  C CD1 . ILE A 1 111 ? 2.319   0.281   15.672  1.00 44.40 ? 111  ILE A CD1 1 
ATOM   855  N N   . ASP A 1 112 ? 4.807   -4.541  14.845  1.00 42.33 ? 112  ASP A N   1 
ATOM   856  C CA  . ASP A 1 112 ? 5.820   -5.586  14.823  1.00 42.94 ? 112  ASP A CA  1 
ATOM   857  C C   . ASP A 1 112 ? 6.077   -6.218  13.485  1.00 42.51 ? 112  ASP A C   1 
ATOM   858  O O   . ASP A 1 112 ? 7.211   -6.593  13.223  1.00 43.19 ? 112  ASP A O   1 
ATOM   859  C CB  . ASP A 1 112 ? 5.471   -6.708  15.805  1.00 43.62 ? 112  ASP A CB  1 
ATOM   860  C CG  . ASP A 1 112 ? 5.567   -6.256  17.227  1.00 46.25 ? 112  ASP A CG  1 
ATOM   861  O OD1 . ASP A 1 112 ? 6.580   -5.618  17.552  1.00 50.55 ? 112  ASP A OD1 1 
ATOM   862  O OD2 . ASP A 1 112 ? 4.676   -6.458  18.075  1.00 52.45 ? 112  ASP A OD2 1 
ATOM   863  N N   . ASN A 1 113 ? 5.036   -6.385  12.663  1.00 41.65 ? 113  ASN A N   1 
ATOM   864  C CA  . ASN A 1 113 ? 5.193   -7.015  11.348  1.00 40.62 ? 113  ASN A CA  1 
ATOM   865  C C   . ASN A 1 113 ? 5.152   -6.024  10.151  1.00 39.67 ? 113  ASN A C   1 
ATOM   866  O O   . ASN A 1 113 ? 5.093   -6.432  8.991   1.00 38.87 ? 113  ASN A O   1 
ATOM   867  C CB  . ASN A 1 113 ? 4.180   -8.160  11.173  1.00 40.32 ? 113  ASN A CB  1 
ATOM   868  C CG  . ASN A 1 113 ? 2.743   -7.677  11.021  1.00 41.00 ? 113  ASN A CG  1 
ATOM   869  O OD1 . ASN A 1 113 ? 2.474   -6.470  10.966  1.00 40.25 ? 113  ASN A OD1 1 
ATOM   870  N ND2 . ASN A 1 113 ? 1.810   -8.626  10.920  1.00 37.10 ? 113  ASN A ND2 1 
ATOM   871  N N   . SER A 1 114 ? 5.169   -4.731  10.456  1.00 38.69 ? 114  SER A N   1 
ATOM   872  C CA  . SER A 1 114 ? 5.266   -3.703  9.436   1.00 37.48 ? 114  SER A CA  1 
ATOM   873  C C   . SER A 1 114 ? 6.586   -2.968  9.577   1.00 37.13 ? 114  SER A C   1 
ATOM   874  O O   . SER A 1 114 ? 7.281   -3.086  10.589  1.00 37.60 ? 114  SER A O   1 
ATOM   875  C CB  . SER A 1 114 ? 4.103   -2.725  9.543   1.00 37.01 ? 114  SER A CB  1 
ATOM   876  O OG  . SER A 1 114 ? 4.057   -2.127  10.832  1.00 36.17 ? 114  SER A OG  1 
ATOM   877  N N   . ILE A 1 115 ? 6.932   -2.200  8.557   1.00 36.40 ? 115  ILE A N   1 
ATOM   878  C CA  . ILE A 1 115 ? 8.101   -1.312  8.622   1.00 36.55 ? 115  ILE A CA  1 
ATOM   879  C C   . ILE A 1 115 ? 7.696   0.119   8.302   1.00 36.06 ? 115  ILE A C   1 
ATOM   880  O O   . ILE A 1 115 ? 6.701   0.356   7.649   1.00 35.26 ? 115  ILE A O   1 
ATOM   881  C CB  . ILE A 1 115 ? 9.230   -1.785  7.674   1.00 36.09 ? 115  ILE A CB  1 
ATOM   882  C CG1 . ILE A 1 115 ? 8.790   -1.699  6.210   1.00 37.41 ? 115  ILE A CG1 1 
ATOM   883  C CG2 . ILE A 1 115 ? 9.681   -3.221  8.038   1.00 36.80 ? 115  ILE A CG2 1 
ATOM   884  C CD1 . ILE A 1 115 ? 9.889   -2.042  5.252   1.00 37.62 ? 115  ILE A CD1 1 
ATOM   885  N N   . PRO A 1 116 ? 8.477   1.077   8.753   1.00 37.33 ? 116  PRO A N   1 
ATOM   886  C CA  . PRO A 1 116 ? 8.263   2.476   8.365   1.00 37.47 ? 116  PRO A CA  1 
ATOM   887  C C   . PRO A 1 116 ? 8.297   2.592   6.854   1.00 37.60 ? 116  PRO A C   1 
ATOM   888  O O   . PRO A 1 116 ? 9.086   1.879   6.235   1.00 37.85 ? 116  PRO A O   1 
ATOM   889  C CB  . PRO A 1 116 ? 9.467   3.199   8.968   1.00 37.61 ? 116  PRO A CB  1 
ATOM   890  C CG  . PRO A 1 116 ? 9.996   2.288   10.040  1.00 37.64 ? 116  PRO A CG  1 
ATOM   891  C CD  . PRO A 1 116 ? 9.629   0.908   9.665   1.00 37.43 ? 116  PRO A CD  1 
ATOM   892  N N   . ILE A 1 117 ? 7.474   3.453   6.268   1.00 37.50 ? 117  ILE A N   1 
ATOM   893  C CA  . ILE A 1 117 ? 7.403   3.537   4.815   1.00 37.41 ? 117  ILE A CA  1 
ATOM   894  C C   . ILE A 1 117 ? 8.746   4.019   4.194   1.00 38.15 ? 117  ILE A C   1 
ATOM   895  O O   . ILE A 1 117 ? 9.107   3.607   3.094   1.00 37.48 ? 117  ILE A O   1 
ATOM   896  C CB  . ILE A 1 117 ? 6.188   4.404   4.365   1.00 37.70 ? 117  ILE A CB  1 
ATOM   897  C CG1 . ILE A 1 117 ? 5.853   4.113   2.895   1.00 35.72 ? 117  ILE A CG1 1 
ATOM   898  C CG2 . ILE A 1 117 ? 6.435   5.919   4.575   1.00 36.92 ? 117  ILE A CG2 1 
ATOM   899  C CD1 . ILE A 1 117 ? 4.659   4.870   2.412   1.00 37.29 ? 117  ILE A CD1 1 
ATOM   900  N N   . GLU A 1 118 ? 9.501   4.850   4.908   1.00 38.71 ? 118  GLU A N   1 
ATOM   901  C CA  . GLU A 1 118 ? 10.814  5.294   4.412   1.00 39.71 ? 118  GLU A CA  1 
ATOM   902  C C   . GLU A 1 118 ? 11.816  4.149   4.319   1.00 39.17 ? 118  GLU A C   1 
ATOM   903  O O   . GLU A 1 118 ? 12.710  4.195   3.486   1.00 39.58 ? 118  GLU A O   1 
ATOM   904  C CB  . GLU A 1 118 ? 11.371  6.463   5.251   1.00 41.04 ? 118  GLU A CB  1 
ATOM   905  C CG  . GLU A 1 118 ? 10.491  7.720   5.187   1.00 44.28 ? 118  GLU A CG  1 
ATOM   906  C CD  . GLU A 1 118 ? 10.684  8.549   3.912   1.00 50.87 ? 118  GLU A CD  1 
ATOM   907  O OE1 . GLU A 1 118 ? 11.834  8.584   3.375   1.00 55.03 ? 118  GLU A OE1 1 
ATOM   908  O OE2 . GLU A 1 118 ? 9.682   9.172   3.448   1.00 52.99 ? 118  GLU A OE2 1 
ATOM   909  N N   . ASP A 1 119 ? 11.656  3.119   5.146   1.00 38.82 ? 119  ASP A N   1 
ATOM   910  C CA  . ASP A 1 119 ? 12.439  1.890   5.007   1.00 39.12 ? 119  ASP A CA  1 
ATOM   911  C C   . ASP A 1 119 ? 12.101  1.143   3.719   1.00 38.99 ? 119  ASP A C   1 
ATOM   912  O O   . ASP A 1 119 ? 12.992  0.627   3.062   1.00 38.01 ? 119  ASP A O   1 
ATOM   913  C CB  . ASP A 1 119 ? 12.261  0.972   6.222   1.00 39.02 ? 119  ASP A CB  1 
ATOM   914  C CG  . ASP A 1 119 ? 12.936  1.528   7.474   1.00 40.61 ? 119  ASP A CG  1 
ATOM   915  O OD1 . ASP A 1 119 ? 13.595  2.592   7.407   1.00 42.07 ? 119  ASP A OD1 1 
ATOM   916  O OD2 . ASP A 1 119 ? 12.847  0.976   8.571   1.00 44.71 ? 119  ASP A OD2 1 
ATOM   917  N N   . LEU A 1 120 ? 10.822  1.074   3.368   1.00 39.24 ? 120  LEU A N   1 
ATOM   918  C CA  . LEU A 1 120 ? 10.448  0.482   2.091   1.00 39.96 ? 120  LEU A CA  1 
ATOM   919  C C   . LEU A 1 120 ? 11.123  1.215   0.939   1.00 40.39 ? 120  LEU A C   1 
ATOM   920  O O   . LEU A 1 120 ? 11.654  0.577   0.029   1.00 40.46 ? 120  LEU A O   1 
ATOM   921  C CB  . LEU A 1 120 ? 8.934   0.497   1.906   1.00 40.02 ? 120  LEU A CB  1 
ATOM   922  C CG  . LEU A 1 120 ? 8.492   0.079   0.507   1.00 41.18 ? 120  LEU A CG  1 
ATOM   923  C CD1 . LEU A 1 120 ? 8.637   -1.435  0.318   1.00 41.64 ? 120  LEU A CD1 1 
ATOM   924  C CD2 . LEU A 1 120 ? 7.101   0.528   0.245   1.00 43.72 ? 120  LEU A CD2 1 
ATOM   925  N N   . PHE A 1 121 ? 11.067  2.544   0.965   1.00 40.83 ? 121  PHE A N   1 
ATOM   926  C CA  . PHE A 1 121 ? 11.702  3.375   -0.054  1.00 42.55 ? 121  PHE A CA  1 
ATOM   927  C C   . PHE A 1 121 ? 13.198  3.092   -0.141  1.00 43.68 ? 121  PHE A C   1 
ATOM   928  O O   . PHE A 1 121 ? 13.757  3.079   -1.231  1.00 44.25 ? 121  PHE A O   1 
ATOM   929  C CB  . PHE A 1 121 ? 11.496  4.877   0.215   1.00 42.58 ? 121  PHE A CB  1 
ATOM   930  C CG  . PHE A 1 121 ? 10.062  5.342   0.158   1.00 41.95 ? 121  PHE A CG  1 
ATOM   931  C CD1 . PHE A 1 121 ? 9.133   4.742   -0.685  1.00 41.89 ? 121  PHE A CD1 1 
ATOM   932  C CD2 . PHE A 1 121 ? 9.655   6.428   0.922   1.00 40.74 ? 121  PHE A CD2 1 
ATOM   933  C CE1 . PHE A 1 121 ? 7.822   5.204   -0.752  1.00 41.75 ? 121  PHE A CE1 1 
ATOM   934  C CE2 . PHE A 1 121 ? 8.339   6.887   0.871   1.00 41.73 ? 121  PHE A CE2 1 
ATOM   935  C CZ  . PHE A 1 121 ? 7.419   6.267   0.033   1.00 41.60 ? 121  PHE A CZ  1 
ATOM   936  N N   . LYS A 1 122 ? 13.831  2.828   0.997   1.00 45.20 ? 122  LYS A N   1 
ATOM   937  C CA  . LYS A 1 122 ? 15.255  2.504   1.024   1.00 46.63 ? 122  LYS A CA  1 
ATOM   938  C C   . LYS A 1 122 ? 15.540  1.154   0.382   1.00 47.10 ? 122  LYS A C   1 
ATOM   939  O O   . LYS A 1 122 ? 16.478  1.034   -0.387  1.00 47.26 ? 122  LYS A O   1 
ATOM   940  C CB  . LYS A 1 122 ? 15.819  2.563   2.445   1.00 47.02 ? 122  LYS A CB  1 
ATOM   941  C CG  . LYS A 1 122 ? 16.103  3.994   2.921   1.00 50.03 ? 122  LYS A CG  1 
ATOM   942  C CD  . LYS A 1 122 ? 16.880  4.039   4.261   1.00 53.33 ? 122  LYS A CD  1 
ATOM   943  C CE  . LYS A 1 122 ? 16.252  5.002   5.293   1.00 55.42 ? 122  LYS A CE  1 
ATOM   944  N NZ  . LYS A 1 122 ? 17.076  6.238   5.510   1.00 56.14 ? 122  LYS A NZ  1 
ATOM   945  N N   . ILE A 1 123 ? 14.720  0.152   0.685   1.00 47.61 ? 123  ILE A N   1 
ATOM   946  C CA  . ILE A 1 123 ? 14.852  -1.163  0.080   1.00 48.28 ? 123  ILE A CA  1 
ATOM   947  C C   . ILE A 1 123 ? 14.772  -1.087  -1.445  1.00 49.18 ? 123  ILE A C   1 
ATOM   948  O O   . ILE A 1 123 ? 15.500  -1.798  -2.126  1.00 49.39 ? 123  ILE A O   1 
ATOM   949  C CB  . ILE A 1 123 ? 13.770  -2.137  0.621   1.00 48.11 ? 123  ILE A CB  1 
ATOM   950  C CG1 . ILE A 1 123 ? 14.091  -2.534  2.066   1.00 47.95 ? 123  ILE A CG1 1 
ATOM   951  C CG2 . ILE A 1 123 ? 13.666  -3.386  -0.268  1.00 47.38 ? 123  ILE A CG2 1 
ATOM   952  C CD1 . ILE A 1 123 ? 12.917  -3.210  2.833   1.00 47.49 ? 123  ILE A CD1 1 
ATOM   953  N N   . LEU A 1 124 ? 13.902  -0.233  -1.977  1.00 50.31 ? 124  LEU A N   1 
ATOM   954  C CA  . LEU A 1 124 ? 13.743  -0.120  -3.423  1.00 51.66 ? 124  LEU A CA  1 
ATOM   955  C C   . LEU A 1 124 ? 14.979  0.546   -4.051  1.00 53.57 ? 124  LEU A C   1 
ATOM   956  O O   . LEU A 1 124 ? 15.455  0.107   -5.096  1.00 53.88 ? 124  LEU A O   1 
ATOM   957  C CB  . LEU A 1 124 ? 12.457  0.630   -3.773  1.00 50.77 ? 124  LEU A CB  1 
ATOM   958  C CG  . LEU A 1 124 ? 11.170  -0.027  -3.259  1.00 49.98 ? 124  LEU A CG  1 
ATOM   959  C CD1 . LEU A 1 124 ? 9.990   0.903   -3.410  1.00 49.28 ? 124  LEU A CD1 1 
ATOM   960  C CD2 . LEU A 1 124 ? 10.896  -1.370  -3.951  1.00 49.37 ? 124  LEU A CD2 1 
ATOM   961  N N   . GLU A 1 125 ? 15.508  1.574   -3.385  1.00 55.76 ? 125  GLU A N   1 
ATOM   962  C CA  . GLU A 1 125 ? 16.720  2.293   -3.817  1.00 57.74 ? 125  GLU A CA  1 
ATOM   963  C C   . GLU A 1 125 ? 17.963  1.384   -3.798  1.00 58.57 ? 125  GLU A C   1 
ATOM   964  O O   . GLU A 1 125 ? 18.762  1.399   -4.729  1.00 58.68 ? 125  GLU A O   1 
ATOM   965  C CB  . GLU A 1 125 ? 16.921  3.576   -2.956  1.00 58.21 ? 125  GLU A CB  1 
ATOM   966  C CG  . GLU A 1 125 ? 18.334  3.881   -2.431  1.00 60.37 ? 125  GLU A CG  1 
ATOM   967  C CD  . GLU A 1 125 ? 18.364  4.248   -0.937  1.00 63.48 ? 125  GLU A CD  1 
ATOM   968  O OE1 . GLU A 1 125 ? 17.669  5.228   -0.549  1.00 66.16 ? 125  GLU A OE1 1 
ATOM   969  O OE2 . GLU A 1 125 ? 19.081  3.566   -0.149  1.00 63.38 ? 125  GLU A OE2 1 
ATOM   970  N N   . LYS A 1 126 ? 18.106  0.599   -2.733  1.00 59.89 ? 126  LYS A N   1 
ATOM   971  C CA  . LYS A 1 126 ? 19.230  -0.324  -2.570  1.00 60.96 ? 126  LYS A CA  1 
ATOM   972  C C   . LYS A 1 126 ? 19.269  -1.382  -3.666  1.00 62.10 ? 126  LYS A C   1 
ATOM   973  O O   . LYS A 1 126 ? 20.344  -1.886  -4.002  1.00 61.88 ? 126  LYS A O   1 
ATOM   974  C CB  . LYS A 1 126 ? 19.171  -1.021  -1.202  1.00 61.06 ? 126  LYS A CB  1 
ATOM   975  C CG  . LYS A 1 126 ? 19.880  -0.260  -0.078  1.00 61.37 ? 126  LYS A CG  1 
ATOM   976  C CD  . LYS A 1 126 ? 20.314  -1.198  1.058   1.00 61.77 ? 126  LYS A CD  1 
ATOM   977  C CE  . LYS A 1 126 ? 21.603  -1.977  0.730   1.00 61.81 ? 126  LYS A CE  1 
ATOM   978  N NZ  . LYS A 1 126 ? 21.377  -3.451  0.771   1.00 60.28 ? 126  LYS A NZ  1 
ATOM   979  N N   . ARG A 1 127 ? 18.101  -1.725  -4.205  1.00 63.48 ? 127  ARG A N   1 
ATOM   980  C CA  . ARG A 1 127 ? 18.011  -2.679  -5.310  1.00 64.95 ? 127  ARG A CA  1 
ATOM   981  C C   . ARG A 1 127 ? 18.521  -2.061  -6.623  1.00 65.97 ? 127  ARG A C   1 
ATOM   982  O O   . ARG A 1 127 ? 19.150  -2.755  -7.426  1.00 66.24 ? 127  ARG A O   1 
ATOM   983  C CB  . ARG A 1 127 ? 16.572  -3.204  -5.468  1.00 64.95 ? 127  ARG A CB  1 
ATOM   984  C CG  . ARG A 1 127 ? 16.391  -4.293  -6.540  1.00 65.39 ? 127  ARG A CG  1 
ATOM   985  C CD  . ARG A 1 127 ? 17.297  -5.524  -6.390  1.00 66.18 ? 127  ARG A CD  1 
ATOM   986  N NE  . ARG A 1 127 ? 17.224  -6.101  -5.050  1.00 66.83 ? 127  ARG A NE  1 
ATOM   987  C CZ  . ARG A 1 127 ? 18.057  -7.025  -4.572  1.00 67.40 ? 127  ARG A CZ  1 
ATOM   988  N NH1 . ARG A 1 127 ? 19.045  -7.511  -5.319  1.00 67.86 ? 127  ARG A NH1 1 
ATOM   989  N NH2 . ARG A 1 127 ? 17.900  -7.472  -3.331  1.00 67.08 ? 127  ARG A NH2 1 
ATOM   990  N N   . ILE A 1 128 ? 18.262  -0.765  -6.828  1.00 67.29 ? 128  ILE A N   1 
ATOM   991  C CA  . ILE A 1 128 ? 18.766  -0.046  -8.012  1.00 68.20 ? 128  ILE A CA  1 
ATOM   992  C C   . ILE A 1 128 ? 20.293  -0.215  -8.174  1.00 69.16 ? 128  ILE A C   1 
ATOM   993  O O   . ILE A 1 128 ? 20.788  -0.324  -9.298  1.00 69.15 ? 128  ILE A O   1 
ATOM   994  C CB  . ILE A 1 128 ? 18.384  1.470   -7.971  1.00 68.32 ? 128  ILE A CB  1 
ATOM   995  C CG1 . ILE A 1 128 ? 16.862  1.677   -7.814  1.00 68.61 ? 128  ILE A CG1 1 
ATOM   996  C CG2 . ILE A 1 128 ? 18.896  2.193   -9.222  1.00 68.11 ? 128  ILE A CG2 1 
ATOM   997  C CD1 . ILE A 1 128 ? 16.000  1.072   -8.905  1.00 68.61 ? 128  ILE A CD1 1 
ATOM   998  N N   . GLU A 1 129 ? 21.018  -0.233  -7.047  1.00 70.33 ? 129  GLU A N   1 
ATOM   999  C CA  . GLU A 1 129 ? 22.452  -0.579  -7.000  1.00 71.06 ? 129  GLU A CA  1 
ATOM   1000 C C   . GLU A 1 129 ? 23.305  0.239   -7.969  1.00 71.39 ? 129  GLU A C   1 
ATOM   1001 O O   . GLU A 1 129 ? 23.895  1.251   -7.585  1.00 72.20 ? 129  GLU A O   1 
ATOM   1002 C CB  . GLU A 1 129 ? 22.662  -2.074  -7.260  1.00 71.22 ? 129  GLU A CB  1 
ATOM   1003 C CG  . GLU A 1 129 ? 22.255  -2.959  -6.091  1.00 72.28 ? 129  GLU A CG  1 
ATOM   1004 C CD  . GLU A 1 129 ? 22.418  -4.442  -6.378  1.00 74.52 ? 129  GLU A CD  1 
ATOM   1005 O OE1 . GLU A 1 129 ? 22.800  -4.793  -7.522  1.00 76.34 ? 129  GLU A OE1 1 
ATOM   1006 O OE2 . GLU A 1 129 ? 22.160  -5.257  -5.458  1.00 74.56 ? 129  GLU A OE2 1 
HETATM 1007 C C1  . EDO B 2 .   ? 10.194  -5.573  -0.494  1.00 38.80 ? 1130 EDO A C1  1 
HETATM 1008 O O1  . EDO B 2 .   ? 9.200   -6.556  -0.732  1.00 34.03 ? 1130 EDO A O1  1 
HETATM 1009 C C2  . EDO B 2 .   ? 10.267  -4.564  -1.619  1.00 35.43 ? 1130 EDO A C2  1 
HETATM 1010 O O2  . EDO B 2 .   ? 11.029  -5.103  -2.679  1.00 40.03 ? 1130 EDO A O2  1 
HETATM 1011 C C   . FMT C 3 .   ? -2.623  11.825  13.064  1.00 55.34 ? 1131 FMT A C   1 
HETATM 1012 O O1  . FMT C 3 .   ? -3.208  12.434  13.978  1.00 55.12 ? 1131 FMT A O1  1 
HETATM 1013 O O2  . FMT C 3 .   ? -1.517  11.288  13.220  1.00 55.08 ? 1131 FMT A O2  1 
HETATM 1014 C C   . FMT D 3 .   ? 5.578   12.660  -9.441  1.00 70.80 ? 1132 FMT A C   1 
HETATM 1015 O O1  . FMT D 3 .   ? 4.541   13.262  -9.132  1.00 70.76 ? 1132 FMT A O1  1 
HETATM 1016 O O2  . FMT D 3 .   ? 6.657   12.867  -8.875  1.00 70.74 ? 1132 FMT A O2  1 
HETATM 1017 C C   . FMT E 3 .   ? 8.865   -2.971  -19.035 0.50 38.69 ? 1133 FMT A C   1 
HETATM 1018 O O1  . FMT E 3 .   ? 7.658   -2.954  -19.311 0.50 38.34 ? 1133 FMT A O1  1 
HETATM 1019 O O2  . FMT E 3 .   ? 9.306   -3.450  -17.982 0.50 38.32 ? 1133 FMT A O2  1 
HETATM 1020 C C   . FMT F 3 .   ? 0.758   11.436  -10.397 1.00 55.44 ? 1134 FMT A C   1 
HETATM 1021 O O1  . FMT F 3 .   ? 1.375   11.872  -9.426  1.00 54.48 ? 1134 FMT A O1  1 
HETATM 1022 O O2  . FMT F 3 .   ? 0.030   12.153  -11.095 1.00 56.27 ? 1134 FMT A O2  1 
HETATM 1023 C C   . FMT G 3 .   ? 13.101  4.740   -4.672  1.00 58.20 ? 1135 FMT A C   1 
HETATM 1024 O O1  . FMT G 3 .   ? 12.477  5.760   -4.333  1.00 58.08 ? 1135 FMT A O1  1 
HETATM 1025 O O2  . FMT G 3 .   ? 13.851  4.705   -5.663  1.00 57.73 ? 1135 FMT A O2  1 
HETATM 1026 C C   . FMT H 3 .   ? 10.457  0.159   13.897  1.00 64.65 ? 1136 FMT A C   1 
HETATM 1027 O O1  . FMT H 3 .   ? 10.146  1.345   13.732  1.00 64.68 ? 1136 FMT A O1  1 
HETATM 1028 O O2  . FMT H 3 .   ? 10.719  -0.588  12.951  1.00 64.45 ? 1136 FMT A O2  1 
HETATM 1029 C C   . FMT I 3 .   ? 1.706   -11.669 5.611   1.00 59.48 ? 1137 FMT A C   1 
HETATM 1030 O O1  . FMT I 3 .   ? 2.767   -11.425 6.189   1.00 59.68 ? 1137 FMT A O1  1 
HETATM 1031 O O2  . FMT I 3 .   ? 1.668   -11.861 4.398   1.00 58.87 ? 1137 FMT A O2  1 
HETATM 1032 O O   . HOH J 4 .   ? 18.001  8.744   -4.223  1.00 58.87 ? 2001 HOH A O   1 
HETATM 1033 O O   . HOH J 4 .   ? -12.026 5.857   7.652   1.00 59.46 ? 2002 HOH A O   1 
HETATM 1034 O O   . HOH J 4 .   ? -7.755  5.347   3.874   1.00 42.20 ? 2003 HOH A O   1 
HETATM 1035 O O   . HOH J 4 .   ? -5.708  14.759  3.652   1.00 62.13 ? 2004 HOH A O   1 
HETATM 1036 O O   . HOH J 4 .   ? -8.305  15.637  1.677   1.00 55.85 ? 2005 HOH A O   1 
HETATM 1037 O O   . HOH J 4 .   ? -10.470 12.279  7.656   1.00 56.36 ? 2006 HOH A O   1 
HETATM 1038 O O   . HOH J 4 .   ? -8.505  13.573  8.928   1.00 50.35 ? 2007 HOH A O   1 
HETATM 1039 O O   . HOH J 4 .   ? -10.563 2.244   4.410   1.00 63.57 ? 2008 HOH A O   1 
HETATM 1040 O O   . HOH J 4 .   ? 13.619  5.212   -15.307 1.00 59.38 ? 2009 HOH A O   1 
HETATM 1041 O O   . HOH J 4 .   ? 14.116  6.171   -11.462 1.00 66.20 ? 2010 HOH A O   1 
HETATM 1042 O O   . HOH J 4 .   ? -8.605  3.813   1.853   1.00 45.24 ? 2011 HOH A O   1 
HETATM 1043 O O   . HOH J 4 .   ? 6.491   15.114  0.591   1.00 70.51 ? 2012 HOH A O   1 
HETATM 1044 O O   . HOH J 4 .   ? 2.616   14.557  3.922   1.00 62.70 ? 2013 HOH A O   1 
HETATM 1045 O O   . HOH J 4 .   ? -4.396  14.112  -3.776  1.00 54.13 ? 2014 HOH A O   1 
HETATM 1046 O O   . HOH J 4 .   ? 11.964  13.359  -5.843  1.00 65.97 ? 2015 HOH A O   1 
HETATM 1047 O O   . HOH J 4 .   ? 12.914  8.106   -11.455 1.00 64.79 ? 2016 HOH A O   1 
HETATM 1048 O O   . HOH J 4 .   ? 1.839   12.390  7.892   1.00 67.47 ? 2017 HOH A O   1 
HETATM 1049 O O   . HOH J 4 .   ? -5.423  12.147  -4.573  1.00 52.85 ? 2018 HOH A O   1 
HETATM 1050 O O   . HOH J 4 .   ? 0.724   16.221  -3.928  1.00 59.86 ? 2019 HOH A O   1 
HETATM 1051 O O   . HOH J 4 .   ? -2.649  14.446  -2.512  1.00 49.55 ? 2020 HOH A O   1 
HETATM 1052 O O   . HOH J 4 .   ? 4.271   16.000  -2.499  1.00 43.62 ? 2021 HOH A O   1 
HETATM 1053 O O   . HOH J 4 .   ? 3.979   14.907  1.877   1.00 56.19 ? 2022 HOH A O   1 
HETATM 1054 O O   . HOH J 4 .   ? -1.702  16.103  1.604   1.00 65.31 ? 2023 HOH A O   1 
HETATM 1055 O O   . HOH J 4 .   ? -13.485 -2.085  1.415   1.00 56.53 ? 2024 HOH A O   1 
HETATM 1056 O O   . HOH J 4 .   ? 7.818   12.229  0.629   1.00 42.89 ? 2025 HOH A O   1 
HETATM 1057 O O   . HOH J 4 .   ? 9.766   14.338  -6.868  1.00 48.09 ? 2026 HOH A O   1 
HETATM 1058 O O   . HOH J 4 .   ? 6.088   16.535  -4.302  1.00 56.94 ? 2027 HOH A O   1 
HETATM 1059 O O   . HOH J 4 .   ? 13.837  3.920   -10.225 1.00 51.20 ? 2028 HOH A O   1 
HETATM 1060 O O   . HOH J 4 .   ? 11.461  -5.990  7.046   1.00 58.69 ? 2029 HOH A O   1 
HETATM 1061 O O   . HOH J 4 .   ? 13.700  11.126  -3.709  1.00 56.08 ? 2030 HOH A O   1 
HETATM 1062 O O   . HOH J 4 .   ? 9.955   10.425  0.991   1.00 47.89 ? 2031 HOH A O   1 
HETATM 1063 O O   . HOH J 4 .   ? 7.831   8.914   -11.321 1.00 52.39 ? 2032 HOH A O   1 
HETATM 1064 O O   . HOH J 4 .   ? 10.952  10.630  -9.991  1.00 49.74 ? 2033 HOH A O   1 
HETATM 1065 O O   . HOH J 4 .   ? 7.594   11.558  -12.564 1.00 58.00 ? 2034 HOH A O   1 
HETATM 1066 O O   . HOH J 4 .   ? 4.499   10.329  -15.774 1.00 63.14 ? 2035 HOH A O   1 
HETATM 1067 O O   . HOH J 4 .   ? 0.119   1.814   17.189  1.00 58.85 ? 2036 HOH A O   1 
HETATM 1068 O O   . HOH J 4 .   ? -5.111  10.777  -6.859  1.00 36.26 ? 2037 HOH A O   1 
HETATM 1069 O O   . HOH J 4 .   ? -11.585 6.615   -0.027  1.00 63.45 ? 2038 HOH A O   1 
HETATM 1070 O O   . HOH J 4 .   ? -8.028  12.577  -4.996  1.00 56.44 ? 2039 HOH A O   1 
HETATM 1071 O O   . HOH J 4 .   ? -10.086 3.873   -2.695  1.00 45.28 ? 2040 HOH A O   1 
HETATM 1072 O O   . HOH J 4 .   ? -11.506 -13.737 -7.383  1.00 75.64 ? 2041 HOH A O   1 
HETATM 1073 O O   . HOH J 4 .   ? -13.941 -6.538  3.641   1.00 68.77 ? 2042 HOH A O   1 
HETATM 1074 O O   . HOH J 4 .   ? -13.098 3.907   -2.119  1.00 59.67 ? 2043 HOH A O   1 
HETATM 1075 O O   . HOH J 4 .   ? -10.066 -16.223 -7.062  1.00 76.26 ? 2044 HOH A O   1 
HETATM 1076 O O   . HOH J 4 .   ? -19.176 3.772   -3.822  1.00 62.03 ? 2045 HOH A O   1 
HETATM 1077 O O   . HOH J 4 .   ? -15.188 0.460   0.497   1.00 69.08 ? 2046 HOH A O   1 
HETATM 1078 O O   . HOH J 4 .   ? 6.018   -10.708 -16.811 1.00 55.28 ? 2047 HOH A O   1 
HETATM 1079 O O   . HOH J 4 .   ? 16.751  -1.806  -10.842 1.00 65.17 ? 2048 HOH A O   1 
HETATM 1080 O O   . HOH J 4 .   ? -14.671 -0.864  -7.903  1.00 60.12 ? 2049 HOH A O   1 
HETATM 1081 O O   . HOH J 4 .   ? -12.853 -2.896  -6.305  1.00 48.99 ? 2050 HOH A O   1 
HETATM 1082 O O   . HOH J 4 .   ? -13.841 -8.168  -12.569 1.00 64.77 ? 2051 HOH A O   1 
HETATM 1083 O O   . HOH J 4 .   ? -5.813  10.714  8.072   1.00 66.76 ? 2052 HOH A O   1 
HETATM 1084 O O   . HOH J 4 .   ? -9.056  -1.688  -2.964  1.00 40.70 ? 2053 HOH A O   1 
HETATM 1085 O O   . HOH J 4 .   ? -9.358  -0.130  1.762   1.00 42.68 ? 2054 HOH A O   1 
HETATM 1086 O O   . HOH J 4 .   ? -3.148  -18.182 -5.329  1.00 53.57 ? 2055 HOH A O   1 
HETATM 1087 O O   . HOH J 4 .   ? -5.937  -13.081 10.547  1.00 58.51 ? 2056 HOH A O   1 
HETATM 1088 O O   . HOH J 4 .   ? -6.148  -18.179 3.028   1.00 67.96 ? 2057 HOH A O   1 
HETATM 1089 O O   . HOH J 4 .   ? 5.997   7.323   -12.791 1.00 41.60 ? 2058 HOH A O   1 
HETATM 1090 O O   . HOH J 4 .   ? 14.881  9.466   -7.303  1.00 63.40 ? 2059 HOH A O   1 
HETATM 1091 O O   . HOH J 4 .   ? 12.945  11.083  -7.121  1.00 58.30 ? 2060 HOH A O   1 
HETATM 1092 O O   . HOH J 4 .   ? 11.964  2.869   -8.467  1.00 57.56 ? 2061 HOH A O   1 
HETATM 1093 O O   . HOH J 4 .   ? 9.293   -6.635  10.132  1.00 59.37 ? 2062 HOH A O   1 
HETATM 1094 O O   . HOH J 4 .   ? 7.525   5.102   -14.824 1.00 40.97 ? 2063 HOH A O   1 
HETATM 1095 O O   . HOH J 4 .   ? 9.815   7.537   -12.926 1.00 41.18 ? 2064 HOH A O   1 
HETATM 1096 O O   . HOH J 4 .   ? 12.065  3.429   -16.474 1.00 60.63 ? 2065 HOH A O   1 
HETATM 1097 O O   . HOH J 4 .   ? 12.705  -3.089  -12.507 1.00 47.73 ? 2066 HOH A O   1 
HETATM 1098 O O   . HOH J 4 .   ? 13.527  1.531   -12.408 1.00 47.77 ? 2067 HOH A O   1 
HETATM 1099 O O   . HOH J 4 .   ? 11.366  -0.717  -18.353 1.00 61.28 ? 2068 HOH A O   1 
HETATM 1100 O O   . HOH J 4 .   ? 11.039  6.450   9.077   1.00 56.69 ? 2069 HOH A O   1 
HETATM 1101 O O   . HOH J 4 .   ? 12.045  0.743   -7.388  1.00 47.31 ? 2070 HOH A O   1 
HETATM 1102 O O   . HOH J 4 .   ? 12.510  -0.572  -11.112 1.00 42.45 ? 2071 HOH A O   1 
HETATM 1103 O O   . HOH J 4 .   ? 17.088  -4.870  1.472   1.00 58.04 ? 2072 HOH A O   1 
HETATM 1104 O O   . HOH J 4 .   ? -10.061 -4.956  4.320   1.00 42.53 ? 2073 HOH A O   1 
HETATM 1105 O O   . HOH J 4 .   ? -10.211 4.510   9.620   1.00 61.16 ? 2074 HOH A O   1 
HETATM 1106 O O   . HOH J 4 .   ? -9.193  0.789   9.223   1.00 67.83 ? 2075 HOH A O   1 
HETATM 1107 O O   . HOH J 4 .   ? -8.859  5.113   6.226   1.00 49.11 ? 2076 HOH A O   1 
HETATM 1108 O O   . HOH J 4 .   ? -9.156  2.728   7.050   1.00 60.84 ? 2077 HOH A O   1 
HETATM 1109 O O   . HOH J 4 .   ? -7.975  -0.652  13.069  1.00 41.83 ? 2078 HOH A O   1 
HETATM 1110 O O   . HOH J 4 .   ? -2.460  3.667   15.610  1.00 33.40 ? 2079 HOH A O   1 
HETATM 1111 O O   . HOH J 4 .   ? -5.415  -4.151  20.072  1.00 63.17 ? 2080 HOH A O   1 
HETATM 1112 O O   . HOH J 4 .   ? -2.657  -5.819  21.549  1.00 60.46 ? 2081 HOH A O   1 
HETATM 1113 O O   . HOH J 4 .   ? 1.065   -3.014  17.123  1.00 43.37 ? 2082 HOH A O   1 
HETATM 1114 O O   . HOH J 4 .   ? 1.256   -1.638  21.127  1.00 48.77 ? 2083 HOH A O   1 
HETATM 1115 O O   . HOH J 4 .   ? -2.017  -10.017 16.317  1.00 71.19 ? 2084 HOH A O   1 
HETATM 1116 O O   . HOH J 4 .   ? -12.696 -10.754 10.307  1.00 66.64 ? 2085 HOH A O   1 
HETATM 1117 O O   . HOH J 4 .   ? -9.340  -3.990  12.074  1.00 46.46 ? 2086 HOH A O   1 
HETATM 1118 O O   . HOH J 4 .   ? -8.631  -12.960 13.326  1.00 48.73 ? 2087 HOH A O   1 
HETATM 1119 O O   . HOH J 4 .   ? -14.186 -10.517 2.364   1.00 58.84 ? 2088 HOH A O   1 
HETATM 1120 O O   . HOH J 4 .   ? -10.973 -9.878  -4.666  1.00 43.83 ? 2089 HOH A O   1 
HETATM 1121 O O   . HOH J 4 .   ? -11.767 -12.350 -4.425  1.00 64.89 ? 2090 HOH A O   1 
HETATM 1122 O O   . HOH J 4 .   ? -12.158 -12.147 2.094   1.00 45.08 ? 2091 HOH A O   1 
HETATM 1123 O O   . HOH J 4 .   ? -13.654 -7.992  1.745   1.00 63.28 ? 2092 HOH A O   1 
HETATM 1124 O O   . HOH J 4 .   ? -5.296  -14.300 -6.867  1.00 47.96 ? 2093 HOH A O   1 
HETATM 1125 O O   . HOH J 4 .   ? -10.952 -13.726 -2.411  1.00 52.99 ? 2094 HOH A O   1 
HETATM 1126 O O   . HOH J 4 .   ? -10.532 -16.997 -4.727  1.00 67.12 ? 2095 HOH A O   1 
HETATM 1127 O O   . HOH J 4 .   ? -11.919 -1.950  -2.427  1.00 59.50 ? 2096 HOH A O   1 
HETATM 1128 O O   . HOH J 4 .   ? -9.637  -9.618  -7.044  1.00 41.20 ? 2097 HOH A O   1 
HETATM 1129 O O   . HOH J 4 .   ? -9.769  -10.827 -10.828 1.00 59.72 ? 2098 HOH A O   1 
HETATM 1130 O O   . HOH J 4 .   ? -8.975  -13.636 -8.471  1.00 43.78 ? 2099 HOH A O   1 
HETATM 1131 O O   . HOH J 4 .   ? -2.319  -12.562 -8.930  1.00 54.29 ? 2100 HOH A O   1 
HETATM 1132 O O   . HOH J 4 .   ? 3.232   -10.031 -14.551 1.00 64.57 ? 2101 HOH A O   1 
HETATM 1133 O O   . HOH J 4 .   ? 9.699   -6.027  -15.030 1.00 44.62 ? 2102 HOH A O   1 
HETATM 1134 O O   . HOH J 4 .   ? 8.143   -9.398  -16.701 1.00 54.09 ? 2103 HOH A O   1 
HETATM 1135 O O   . HOH J 4 .   ? 3.644   -6.362  -11.503 1.00 27.52 ? 2104 HOH A O   1 
HETATM 1136 O O   . HOH J 4 .   ? 14.515  -5.215  -8.878  1.00 47.10 ? 2105 HOH A O   1 
HETATM 1137 O O   . HOH J 4 .   ? 12.889  -4.290  -4.215  1.00 43.08 ? 2106 HOH A O   1 
HETATM 1138 O O   . HOH J 4 .   ? 14.203  -6.933  -6.760  1.00 56.30 ? 2107 HOH A O   1 
HETATM 1139 O O   . HOH J 4 .   ? 13.423  -1.211  -6.887  1.00 51.08 ? 2108 HOH A O   1 
HETATM 1140 O O   . HOH J 4 .   ? 14.947  -2.553  -8.940  1.00 56.66 ? 2109 HOH A O   1 
HETATM 1141 O O   . HOH J 4 .   ? -0.671  14.199  9.074   1.00 64.92 ? 2110 HOH A O   1 
HETATM 1142 O O   . HOH J 4 .   ? -4.077  11.589  9.453   1.00 57.53 ? 2111 HOH A O   1 
HETATM 1143 O O   . HOH J 4 .   ? -8.621  11.361  13.451  1.00 36.39 ? 2112 HOH A O   1 
HETATM 1144 O O   . HOH J 4 .   ? 1.095   1.915   19.182  1.00 56.51 ? 2113 HOH A O   1 
HETATM 1145 O O   . HOH J 4 .   ? 5.106   8.719   18.601  1.00 51.29 ? 2114 HOH A O   1 
HETATM 1146 O O   . HOH J 4 .   ? 6.098   9.900   14.522  1.00 64.21 ? 2115 HOH A O   1 
HETATM 1147 O O   . HOH J 4 .   ? 7.072   3.069   16.279  1.00 64.74 ? 2116 HOH A O   1 
HETATM 1148 O O   . HOH J 4 .   ? 7.167   5.940   9.112   1.00 47.42 ? 2117 HOH A O   1 
HETATM 1149 O O   . HOH J 4 .   ? 5.293   8.544   8.671   1.00 39.11 ? 2118 HOH A O   1 
HETATM 1150 O O   . HOH J 4 .   ? 4.672   -9.943  4.878   1.00 43.90 ? 2119 HOH A O   1 
HETATM 1151 O O   . HOH J 4 .   ? 6.586   -6.440  4.977   1.00 42.40 ? 2120 HOH A O   1 
HETATM 1152 O O   . HOH J 4 .   ? 1.770   -15.706 -3.460  1.00 43.90 ? 2121 HOH A O   1 
HETATM 1153 O O   . HOH J 4 .   ? 3.605   -17.257 1.080   1.00 54.55 ? 2122 HOH A O   1 
HETATM 1154 O O   . HOH J 4 .   ? 4.701   -15.339 7.578   1.00 61.82 ? 2123 HOH A O   1 
HETATM 1155 O O   . HOH J 4 .   ? -2.318  -15.159 -3.651  1.00 42.44 ? 2124 HOH A O   1 
HETATM 1156 O O   . HOH J 4 .   ? -0.652  -13.535 7.829   1.00 65.98 ? 2125 HOH A O   1 
HETATM 1157 O O   . HOH J 4 .   ? -7.601  -16.102 5.160   1.00 47.79 ? 2126 HOH A O   1 
HETATM 1158 O O   . HOH J 4 .   ? -11.539 -13.474 4.579   1.00 59.53 ? 2127 HOH A O   1 
HETATM 1159 O O   . HOH J 4 .   ? -8.663  -13.749 9.919   1.00 54.33 ? 2128 HOH A O   1 
HETATM 1160 O O   . HOH J 4 .   ? -1.655  -12.168 10.150  1.00 48.84 ? 2129 HOH A O   1 
HETATM 1161 O O   . HOH J 4 .   ? -0.202  -10.274 13.822  1.00 62.99 ? 2130 HOH A O   1 
HETATM 1162 O O   . HOH J 4 .   ? 2.596   -9.222  14.772  1.00 49.68 ? 2131 HOH A O   1 
HETATM 1163 O O   . HOH J 4 .   ? 2.406   -8.101  17.206  1.00 50.06 ? 2132 HOH A O   1 
HETATM 1164 O O   . HOH J 4 .   ? 8.939   -4.623  12.355  1.00 55.25 ? 2133 HOH A O   1 
HETATM 1165 O O   . HOH J 4 .   ? 5.692   -8.561  7.453   1.00 51.34 ? 2134 HOH A O   1 
HETATM 1166 O O   . HOH J 4 .   ? 2.877   -11.457 10.953  1.00 51.26 ? 2135 HOH A O   1 
HETATM 1167 O O   . HOH J 4 .   ? 8.967   6.350   7.535   1.00 44.83 ? 2136 HOH A O   1 
HETATM 1168 O O   . HOH J 4 .   ? 7.288   10.648  5.276   1.00 55.00 ? 2137 HOH A O   1 
HETATM 1169 O O   . HOH J 4 .   ? 15.715  -0.103  4.646   1.00 66.57 ? 2138 HOH A O   1 
HETATM 1170 O O   . HOH J 4 .   ? 17.215  -4.528  -1.490  1.00 58.58 ? 2139 HOH A O   1 
HETATM 1171 O O   . HOH J 4 .   ? 15.122  6.628   -0.445  1.00 55.71 ? 2140 HOH A O   1 
HETATM 1172 O O   . HOH J 4 .   ? 19.890  -4.407  -9.756  1.00 64.86 ? 2141 HOH A O   1 
HETATM 1173 O O   . HOH J 4 .   ? 23.225  -1.497  -10.496 1.00 65.57 ? 2142 HOH A O   1 
HETATM 1174 O O   . HOH J 4 .   ? 22.100  2.064   -5.379  1.00 66.74 ? 2143 HOH A O   1 
HETATM 1175 O O   . HOH J 4 .   ? 0.689   12.813  11.533  1.00 40.26 ? 2144 HOH A O   1 
HETATM 1176 O O   . HOH J 4 .   ? 3.520   13.966  -11.636 1.00 73.64 ? 2145 HOH A O   1 
HETATM 1177 O O   . HOH J 4 .   ? 0.130   10.272  -13.158 1.00 73.93 ? 2146 HOH A O   1 
HETATM 1178 O O   . HOH J 4 .   ? 16.343  5.467   -6.058  1.00 59.56 ? 2147 HOH A O   1 
HETATM 1179 O O   . HOH J 4 .   ? 9.783   4.128   13.307  1.00 52.04 ? 2148 HOH A O   1 
HETATM 1180 O O   . HOH J 4 .   ? 9.528   -2.676  15.692  1.00 64.48 ? 2149 HOH A O   1 
HETATM 1181 O O   . HOH J 4 .   ? 8.831   1.134   16.503  1.00 65.17 ? 2150 HOH A O   1 
HETATM 1182 O O   . HOH J 4 .   ? 3.116   -11.211 8.567   1.00 55.44 ? 2151 HOH A O   1 
# 
loop_
_pdbx_poly_seq_scheme.asym_id 
_pdbx_poly_seq_scheme.entity_id 
_pdbx_poly_seq_scheme.seq_id 
_pdbx_poly_seq_scheme.mon_id 
_pdbx_poly_seq_scheme.ndb_seq_num 
_pdbx_poly_seq_scheme.pdb_seq_num 
_pdbx_poly_seq_scheme.auth_seq_num 
_pdbx_poly_seq_scheme.pdb_mon_id 
_pdbx_poly_seq_scheme.auth_mon_id 
_pdbx_poly_seq_scheme.pdb_strand_id 
_pdbx_poly_seq_scheme.pdb_ins_code 
_pdbx_poly_seq_scheme.hetero 
A 1 1   MET 1   1   ?   ?   ?   A . n 
A 1 2   ASN 2   2   ?   ?   ?   A . n 
A 1 3   ARG 3   3   ?   ?   ?   A . n 
A 1 4   ASP 4   4   ?   ?   ?   A . n 
A 1 5   ILE 5   5   ?   ?   ?   A . n 
A 1 6   GLY 6   6   6   GLY GLY A . n 
A 1 7   LYS 7   7   7   LYS LYS A . n 
A 1 8   ASN 8   8   8   ASN ASN A . n 
A 1 9   ALA 9   9   9   ALA ALA A . n 
A 1 10  GLU 10  10  10  GLU GLU A . n 
A 1 11  ARG 11  11  11  ARG ARG A . n 
A 1 12  GLU 12  12  12  GLU GLU A . n 
A 1 13  LEU 13  13  13  LEU LEU A . n 
A 1 14  VAL 14  14  14  VAL VAL A . n 
A 1 15  SER 15  15  15  SER SER A . n 
A 1 16  ILE 16  16  16  ILE ILE A . n 
A 1 17  LEU 17  17  17  LEU LEU A . n 
A 1 18  ARG 18  18  18  ARG ARG A . n 
A 1 19  GLY 19  19  19  GLY GLY A . n 
A 1 20  GLU 20  20  20  GLU GLU A . n 
A 1 21  GLY 21  21  21  GLY GLY A . n 
A 1 22  PHE 22  22  22  PHE PHE A . n 
A 1 23  ASN 23  23  23  ASN ASN A . n 
A 1 24  ALA 24  24  24  ALA ALA A . n 
A 1 25  VAL 25  25  25  VAL VAL A . n 
A 1 26  ARG 26  26  26  ARG ARG A . n 
A 1 27  ILE 27  27  27  ILE ILE A . n 
A 1 28  PRO 28  28  28  PRO PRO A . n 
A 1 29  THR 29  29  29  THR THR A . n 
A 1 30  SER 30  30  30  SER SER A . n 
A 1 31  ASN 31  31  31  ASN ASN A . n 
A 1 32  SER 32  32  32  SER SER A . n 
A 1 33  SER 33  33  33  SER SER A . n 
A 1 34  PRO 34  34  34  PRO PRO A . n 
A 1 35  ASN 35  35  35  ASN ASN A . n 
A 1 36  PRO 36  36  36  PRO PRO A . n 
A 1 37  LEU 37  37  37  LEU LEU A . n 
A 1 38  PRO 38  38  38  PRO PRO A . n 
A 1 39  ASP 39  39  39  ASP ASP A . n 
A 1 40  ILE 40  40  40  ILE ILE A . n 
A 1 41  PHE 41  41  41  PHE PHE A . n 
A 1 42  ALA 42  42  42  ALA ALA A . n 
A 1 43  THR 43  43  43  THR THR A . n 
A 1 44  LYS 44  44  44  LYS LYS A . n 
A 1 45  GLY 45  45  45  GLY GLY A . n 
A 1 46  ASN 46  46  46  ASN ASN A . n 
A 1 47  THR 47  47  47  THR THR A . n 
A 1 48  LEU 48  48  48  LEU LEU A . n 
A 1 49  LEU 49  49  49  LEU LEU A . n 
A 1 50  SER 50  50  50  SER SER A . n 
A 1 51  ILE 51  51  51  ILE ILE A . n 
A 1 52  GLU 52  52  52  GLU GLU A . n 
A 1 53  CYS 53  53  53  CYS CYS A . n 
A 1 54  LYS 54  54  54  LYS LYS A . n 
A 1 55  SER 55  55  55  SER SER A . n 
A 1 56  THR 56  56  56  THR THR A . n 
A 1 57  TRP 57  57  57  TRP TRP A . n 
A 1 58  GLU 58  58  58  GLU GLU A . n 
A 1 59  ASN 59  59  59  ASN ASN A . n 
A 1 60  LYS 60  60  60  LYS LYS A . n 
A 1 61  VAL 61  61  61  VAL VAL A . n 
A 1 62  LYS 62  62  62  LYS LYS A . n 
A 1 63  VAL 63  63  63  VAL VAL A . n 
A 1 64  LYS 64  64  64  LYS LYS A . n 
A 1 65  GLU 65  65  65  GLU GLU A . n 
A 1 66  HIS 66  66  66  HIS HIS A . n 
A 1 67  GLN 67  67  67  GLN GLN A . n 
A 1 68  VAL 68  68  68  VAL VAL A . n 
A 1 69  ARG 69  69  69  ARG ARG A . n 
A 1 70  LYS 70  70  70  LYS LYS A . n 
A 1 71  LEU 71  71  71  LEU LEU A . n 
A 1 72  LEU 72  72  72  LEU LEU A . n 
A 1 73  ASP 73  73  73  ASP ASP A . n 
A 1 74  PHE 74  74  74  PHE PHE A . n 
A 1 75  LEU 75  75  75  LEU LEU A . n 
A 1 76  SER 76  76  76  SER SER A . n 
A 1 77  MET 77  77  77  MET MET A . n 
A 1 78  PHE 78  78  78  PHE PHE A . n 
A 1 79  THR 79  79  79  THR THR A . n 
A 1 80  MET 80  80  80  MET MET A . n 
A 1 81  LYS 81  81  81  LYS LYS A . n 
A 1 82  GLY 82  82  82  GLY GLY A . n 
A 1 83  VAL 83  83  83  VAL VAL A . n 
A 1 84  PRO 84  84  84  PRO PRO A . n 
A 1 85  LEU 85  85  85  LEU LEU A . n 
A 1 86  ILE 86  86  86  ILE ILE A . n 
A 1 87  ALA 87  87  87  ALA ALA A . n 
A 1 88  ILE 88  88  88  ILE ILE A . n 
A 1 89  LYS 89  89  89  LYS LYS A . n 
A 1 90  PHE 90  90  90  PHE PHE A . n 
A 1 91  LYS 91  91  91  LYS LYS A . n 
A 1 92  GLN 92  92  92  GLN GLN A . n 
A 1 93  VAL 93  93  93  VAL VAL A . n 
A 1 94  HIS 94  94  94  HIS HIS A . n 
A 1 95  GLU 95  95  95  GLU GLU A . n 
A 1 96  TRP 96  96  96  TRP TRP A . n 
A 1 97  ARG 97  97  97  ARG ARG A . n 
A 1 98  VAL 98  98  98  VAL VAL A . n 
A 1 99  LEU 99  99  99  LEU LEU A . n 
A 1 100 VAL 100 100 100 VAL VAL A . n 
A 1 101 PRO 101 101 101 PRO PRO A . n 
A 1 102 GLU 102 102 102 GLU GLU A . n 
A 1 103 LYS 103 103 103 LYS LYS A . n 
A 1 104 ALA 104 104 104 ALA ALA A . n 
A 1 105 GLU 105 105 105 GLU GLU A . n 
A 1 106 ASP 106 106 106 ASP ASP A . n 
A 1 107 ILE 107 107 107 ILE ILE A . n 
A 1 108 ILE 108 108 108 ILE ILE A . n 
A 1 109 VAL 109 109 109 VAL VAL A . n 
A 1 110 THR 110 110 110 THR THR A . n 
A 1 111 ILE 111 111 111 ILE ILE A . n 
A 1 112 ASP 112 112 112 ASP ASP A . n 
A 1 113 ASN 113 113 113 ASN ASN A . n 
A 1 114 SER 114 114 114 SER SER A . n 
A 1 115 ILE 115 115 115 ILE ILE A . n 
A 1 116 PRO 116 116 116 PRO PRO A . n 
A 1 117 ILE 117 117 117 ILE ILE A . n 
A 1 118 GLU 118 118 118 GLU GLU A . n 
A 1 119 ASP 119 119 119 ASP ASP A . n 
A 1 120 LEU 120 120 120 LEU LEU A . n 
A 1 121 PHE 121 121 121 PHE PHE A . n 
A 1 122 LYS 122 122 122 LYS LYS A . n 
A 1 123 ILE 123 123 123 ILE ILE A . n 
A 1 124 LEU 124 124 124 LEU LEU A . n 
A 1 125 GLU 125 125 125 GLU GLU A . n 
A 1 126 LYS 126 126 126 LYS LYS A . n 
A 1 127 ARG 127 127 127 ARG ARG A . n 
A 1 128 ILE 128 128 128 ILE ILE A . n 
A 1 129 GLU 129 129 129 GLU GLU A . n 
A 1 130 GLU 130 130 ?   ?   ?   A . n 
A 1 131 LYS 131 131 ?   ?   ?   A . n 
A 1 132 ILE 132 132 ?   ?   ?   A . n 
A 1 133 LEU 133 133 ?   ?   ?   A . n 
A 1 134 THR 134 134 ?   ?   ?   A . n 
A 1 135 PRO 135 135 ?   ?   ?   A . n 
# 
loop_
_pdbx_nonpoly_scheme.asym_id 
_pdbx_nonpoly_scheme.entity_id 
_pdbx_nonpoly_scheme.mon_id 
_pdbx_nonpoly_scheme.ndb_seq_num 
_pdbx_nonpoly_scheme.pdb_seq_num 
_pdbx_nonpoly_scheme.auth_seq_num 
_pdbx_nonpoly_scheme.pdb_mon_id 
_pdbx_nonpoly_scheme.auth_mon_id 
_pdbx_nonpoly_scheme.pdb_strand_id 
_pdbx_nonpoly_scheme.pdb_ins_code 
B 2 EDO 1   1130 1130 EDO EDO A . 
C 3 FMT 1   1131 1131 FMT FMT A . 
D 3 FMT 1   1132 1132 FMT FMT A . 
E 3 FMT 1   1133 1133 FMT FMT A . 
F 3 FMT 1   1134 1134 FMT FMT A . 
G 3 FMT 1   1135 1135 FMT FMT A . 
H 3 FMT 1   1136 1136 FMT FMT A . 
I 3 FMT 1   1137 1137 FMT FMT A . 
J 4 HOH 1   2001 2001 HOH HOH A . 
J 4 HOH 2   2002 2002 HOH HOH A . 
J 4 HOH 3   2003 2003 HOH HOH A . 
J 4 HOH 4   2004 2004 HOH HOH A . 
J 4 HOH 5   2005 2005 HOH HOH A . 
J 4 HOH 6   2006 2006 HOH HOH A . 
J 4 HOH 7   2007 2007 HOH HOH A . 
J 4 HOH 8   2008 2008 HOH HOH A . 
J 4 HOH 9   2009 2009 HOH HOH A . 
J 4 HOH 10  2010 2010 HOH HOH A . 
J 4 HOH 11  2011 2011 HOH HOH A . 
J 4 HOH 12  2012 2012 HOH HOH A . 
J 4 HOH 13  2013 2013 HOH HOH A . 
J 4 HOH 14  2014 2014 HOH HOH A . 
J 4 HOH 15  2015 2015 HOH HOH A . 
J 4 HOH 16  2016 2016 HOH HOH A . 
J 4 HOH 17  2017 2017 HOH HOH A . 
J 4 HOH 18  2018 2018 HOH HOH A . 
J 4 HOH 19  2019 2019 HOH HOH A . 
J 4 HOH 20  2020 2020 HOH HOH A . 
J 4 HOH 21  2021 2021 HOH HOH A . 
J 4 HOH 22  2022 2022 HOH HOH A . 
J 4 HOH 23  2023 2023 HOH HOH A . 
J 4 HOH 24  2024 2024 HOH HOH A . 
J 4 HOH 25  2025 2025 HOH HOH A . 
J 4 HOH 26  2026 2026 HOH HOH A . 
J 4 HOH 27  2027 2027 HOH HOH A . 
J 4 HOH 28  2028 2028 HOH HOH A . 
J 4 HOH 29  2029 2029 HOH HOH A . 
J 4 HOH 30  2030 2030 HOH HOH A . 
J 4 HOH 31  2031 2031 HOH HOH A . 
J 4 HOH 32  2032 2032 HOH HOH A . 
J 4 HOH 33  2033 2033 HOH HOH A . 
J 4 HOH 34  2034 2034 HOH HOH A . 
J 4 HOH 35  2035 2035 HOH HOH A . 
J 4 HOH 36  2036 2036 HOH HOH A . 
J 4 HOH 37  2037 2037 HOH HOH A . 
J 4 HOH 38  2038 2038 HOH HOH A . 
J 4 HOH 39  2039 2039 HOH HOH A . 
J 4 HOH 40  2040 2040 HOH HOH A . 
J 4 HOH 41  2041 2041 HOH HOH A . 
J 4 HOH 42  2042 2042 HOH HOH A . 
J 4 HOH 43  2043 2043 HOH HOH A . 
J 4 HOH 44  2044 2044 HOH HOH A . 
J 4 HOH 45  2045 2045 HOH HOH A . 
J 4 HOH 46  2046 2046 HOH HOH A . 
J 4 HOH 47  2047 2047 HOH HOH A . 
J 4 HOH 48  2048 2048 HOH HOH A . 
J 4 HOH 49  2049 2049 HOH HOH A . 
J 4 HOH 50  2050 2050 HOH HOH A . 
J 4 HOH 51  2051 2051 HOH HOH A . 
J 4 HOH 52  2052 2052 HOH HOH A . 
J 4 HOH 53  2053 2053 HOH HOH A . 
J 4 HOH 54  2054 2054 HOH HOH A . 
J 4 HOH 55  2055 2055 HOH HOH A . 
J 4 HOH 56  2056 2056 HOH HOH A . 
J 4 HOH 57  2057 2057 HOH HOH A . 
J 4 HOH 58  2058 2058 HOH HOH A . 
J 4 HOH 59  2059 2059 HOH HOH A . 
J 4 HOH 60  2060 2060 HOH HOH A . 
J 4 HOH 61  2061 2061 HOH HOH A . 
J 4 HOH 62  2062 2062 HOH HOH A . 
J 4 HOH 63  2063 2063 HOH HOH A . 
J 4 HOH 64  2064 2064 HOH HOH A . 
J 4 HOH 65  2065 2065 HOH HOH A . 
J 4 HOH 66  2066 2066 HOH HOH A . 
J 4 HOH 67  2067 2067 HOH HOH A . 
J 4 HOH 68  2068 2068 HOH HOH A . 
J 4 HOH 69  2069 2069 HOH HOH A . 
J 4 HOH 70  2070 2070 HOH HOH A . 
J 4 HOH 71  2071 2071 HOH HOH A . 
J 4 HOH 72  2072 2072 HOH HOH A . 
J 4 HOH 73  2073 2073 HOH HOH A . 
J 4 HOH 74  2074 2074 HOH HOH A . 
J 4 HOH 75  2075 2075 HOH HOH A . 
J 4 HOH 76  2076 2076 HOH HOH A . 
J 4 HOH 77  2077 2077 HOH HOH A . 
J 4 HOH 78  2078 2078 HOH HOH A . 
J 4 HOH 79  2079 2079 HOH HOH A . 
J 4 HOH 80  2080 2080 HOH HOH A . 
J 4 HOH 81  2081 2081 HOH HOH A . 
J 4 HOH 82  2082 2082 HOH HOH A . 
J 4 HOH 83  2083 2083 HOH HOH A . 
J 4 HOH 84  2084 2084 HOH HOH A . 
J 4 HOH 85  2085 2085 HOH HOH A . 
J 4 HOH 86  2086 2086 HOH HOH A . 
J 4 HOH 87  2087 2087 HOH HOH A . 
J 4 HOH 88  2088 2088 HOH HOH A . 
J 4 HOH 89  2089 2089 HOH HOH A . 
J 4 HOH 90  2090 2090 HOH HOH A . 
J 4 HOH 91  2091 2091 HOH HOH A . 
J 4 HOH 92  2092 2092 HOH HOH A . 
J 4 HOH 93  2093 2093 HOH HOH A . 
J 4 HOH 94  2094 2094 HOH HOH A . 
J 4 HOH 95  2095 2095 HOH HOH A . 
J 4 HOH 96  2096 2096 HOH HOH A . 
J 4 HOH 97  2097 2097 HOH HOH A . 
J 4 HOH 98  2098 2098 HOH HOH A . 
J 4 HOH 99  2099 2099 HOH HOH A . 
J 4 HOH 100 2100 2100 HOH HOH A . 
J 4 HOH 101 2101 2101 HOH HOH A . 
J 4 HOH 102 2102 2102 HOH HOH A . 
J 4 HOH 103 2103 2103 HOH HOH A . 
J 4 HOH 104 2104 2104 HOH HOH A . 
J 4 HOH 105 2105 2105 HOH HOH A . 
J 4 HOH 106 2106 2106 HOH HOH A . 
J 4 HOH 107 2107 2107 HOH HOH A . 
J 4 HOH 108 2108 2108 HOH HOH A . 
J 4 HOH 109 2109 2109 HOH HOH A . 
J 4 HOH 110 2110 2110 HOH HOH A . 
J 4 HOH 111 2111 2111 HOH HOH A . 
J 4 HOH 112 2112 2112 HOH HOH A . 
J 4 HOH 113 2113 2113 HOH HOH A . 
J 4 HOH 114 2114 2114 HOH HOH A . 
J 4 HOH 115 2115 2115 HOH HOH A . 
J 4 HOH 116 2116 2116 HOH HOH A . 
J 4 HOH 117 2117 2117 HOH HOH A . 
J 4 HOH 118 2118 2118 HOH HOH A . 
J 4 HOH 119 2119 2119 HOH HOH A . 
J 4 HOH 120 2120 2120 HOH HOH A . 
J 4 HOH 121 2121 2121 HOH HOH A . 
J 4 HOH 122 2122 2122 HOH HOH A . 
J 4 HOH 123 2123 2123 HOH HOH A . 
J 4 HOH 124 2124 2124 HOH HOH A . 
J 4 HOH 125 2125 2125 HOH HOH A . 
J 4 HOH 126 2126 2126 HOH HOH A . 
J 4 HOH 127 2127 2127 HOH HOH A . 
J 4 HOH 128 2128 2128 HOH HOH A . 
J 4 HOH 129 2129 2129 HOH HOH A . 
J 4 HOH 130 2130 2130 HOH HOH A . 
J 4 HOH 131 2131 2131 HOH HOH A . 
J 4 HOH 132 2132 2132 HOH HOH A . 
J 4 HOH 133 2133 2133 HOH HOH A . 
J 4 HOH 134 2134 2134 HOH HOH A . 
J 4 HOH 135 2135 2135 HOH HOH A . 
J 4 HOH 136 2136 2136 HOH HOH A . 
J 4 HOH 137 2137 2137 HOH HOH A . 
J 4 HOH 138 2138 2138 HOH HOH A . 
J 4 HOH 139 2139 2139 HOH HOH A . 
J 4 HOH 140 2140 2140 HOH HOH A . 
J 4 HOH 141 2141 2141 HOH HOH A . 
J 4 HOH 142 2142 2142 HOH HOH A . 
J 4 HOH 143 2143 2143 HOH HOH A . 
J 4 HOH 144 2144 2144 HOH HOH A . 
J 4 HOH 145 2145 2145 HOH HOH A . 
J 4 HOH 146 2146 2146 HOH HOH A . 
J 4 HOH 147 2147 2147 HOH HOH A . 
J 4 HOH 148 2148 2148 HOH HOH A . 
J 4 HOH 149 2149 2149 HOH HOH A . 
J 4 HOH 150 2150 2150 HOH HOH A . 
J 4 HOH 151 2151 2151 HOH HOH A . 
# 
_pdbx_struct_assembly.id                   1 
_pdbx_struct_assembly.details              author_and_software_defined_assembly 
_pdbx_struct_assembly.method_details       PQS 
_pdbx_struct_assembly.oligomeric_details   dimeric 
_pdbx_struct_assembly.oligomeric_count     2 
# 
_pdbx_struct_assembly_gen.assembly_id       1 
_pdbx_struct_assembly_gen.oper_expression   1,2 
_pdbx_struct_assembly_gen.asym_id_list      A,B,C,D,E,F,G,H,I,J 
# 
loop_
_pdbx_struct_oper_list.id 
_pdbx_struct_oper_list.type 
_pdbx_struct_oper_list.name 
_pdbx_struct_oper_list.symmetry_operation 
_pdbx_struct_oper_list.matrix[1][1] 
_pdbx_struct_oper_list.matrix[1][2] 
_pdbx_struct_oper_list.matrix[1][3] 
_pdbx_struct_oper_list.vector[1] 
_pdbx_struct_oper_list.matrix[2][1] 
_pdbx_struct_oper_list.matrix[2][2] 
_pdbx_struct_oper_list.matrix[2][3] 
_pdbx_struct_oper_list.vector[2] 
_pdbx_struct_oper_list.matrix[3][1] 
_pdbx_struct_oper_list.matrix[3][2] 
_pdbx_struct_oper_list.matrix[3][3] 
_pdbx_struct_oper_list.vector[3] 
1 'identity operation'         1_555 x,y,z     1.0000000000 0.0000000000  0.0000000000  0.0000000000   0.0000000000  1.0000000000  0.0000000000 0.0000000000 0.0000000000  0.0000000000 1.0000000000  0.0000000000   
2 'crystal symmetry operation' 6_655 -x+1,-y,z 0.5054707757 -0.5365003165 -0.6757711930 -10.5133722555 -0.5365003165 -0.8088089160 0.2408226481 2.7062393519 -0.6757711930 0.2408226481 -0.6966618597 -25.5700052507 
# 
loop_
_pdbx_audit_revision_history.ordinal 
_pdbx_audit_revision_history.data_content_type 
_pdbx_audit_revision_history.major_revision 
_pdbx_audit_revision_history.minor_revision 
_pdbx_audit_revision_history.revision_date 
1 'Structure model' 1 0 2004-10-15 
2 'Structure model' 1 1 2011-05-08 
3 'Structure model' 1 2 2011-07-13 
4 'Structure model' 1 3 2017-07-05 
5 'Structure model' 1 4 2018-01-31 
6 'Structure model' 1 5 2019-03-06 
7 'Structure model' 1 6 2023-12-13 
# 
_pdbx_audit_revision_details.ordinal             1 
_pdbx_audit_revision_details.revision_ordinal    1 
_pdbx_audit_revision_details.data_content_type   'Structure model' 
_pdbx_audit_revision_details.provider            repository 
_pdbx_audit_revision_details.type                'Initial release' 
_pdbx_audit_revision_details.description         ? 
_pdbx_audit_revision_details.details             ? 
# 
loop_
_pdbx_audit_revision_group.ordinal 
_pdbx_audit_revision_group.revision_ordinal 
_pdbx_audit_revision_group.data_content_type 
_pdbx_audit_revision_group.group 
1  2 'Structure model' 'Version format compliance' 
2  3 'Structure model' 'Version format compliance' 
3  4 'Structure model' 'Data collection'           
4  5 'Structure model' 'Source and taxonomy'       
5  6 'Structure model' 'Data collection'           
6  6 'Structure model' 'Experimental preparation'  
7  7 'Structure model' 'Data collection'           
8  7 'Structure model' 'Database references'       
9  7 'Structure model' Other                       
10 7 'Structure model' 'Refinement description'    
# 
loop_
_pdbx_audit_revision_category.ordinal 
_pdbx_audit_revision_category.revision_ordinal 
_pdbx_audit_revision_category.data_content_type 
_pdbx_audit_revision_category.category 
1 4 'Structure model' diffrn_source                 
2 5 'Structure model' entity_src_gen                
3 6 'Structure model' exptl_crystal_grow            
4 7 'Structure model' chem_comp_atom                
5 7 'Structure model' chem_comp_bond                
6 7 'Structure model' database_2                    
7 7 'Structure model' pdbx_database_status          
8 7 'Structure model' pdbx_initial_refinement_model 
# 
loop_
_pdbx_audit_revision_item.ordinal 
_pdbx_audit_revision_item.revision_ordinal 
_pdbx_audit_revision_item.data_content_type 
_pdbx_audit_revision_item.item 
1 4 'Structure model' '_diffrn_source.type'                            
2 5 'Structure model' '_entity_src_gen.pdbx_host_org_cell_line'        
3 5 'Structure model' '_entity_src_gen.pdbx_host_org_ncbi_taxonomy_id' 
4 5 'Structure model' '_entity_src_gen.pdbx_host_org_scientific_name'  
5 5 'Structure model' '_entity_src_gen.pdbx_host_org_strain'           
6 6 'Structure model' '_exptl_crystal_grow.temp'                       
7 7 'Structure model' '_database_2.pdbx_DOI'                           
8 7 'Structure model' '_database_2.pdbx_database_accession'            
9 7 'Structure model' '_pdbx_database_status.status_code_sf'           
# 
loop_
_software.name 
_software.classification 
_software.version 
_software.citation_id 
_software.pdbx_ordinal 
REFMAC    refinement       5.1.19 ? 1 
DENZO     'data reduction' .      ? 2 
SCALEPACK 'data scaling'   .      ? 3 
MOLREP    phasing          .      ? 4 
# 
_pdbx_validate_close_contact.id               1 
_pdbx_validate_close_contact.PDB_model_num    1 
_pdbx_validate_close_contact.auth_atom_id_1   O 
_pdbx_validate_close_contact.auth_asym_id_1   A 
_pdbx_validate_close_contact.auth_comp_id_1   HOH 
_pdbx_validate_close_contact.auth_seq_id_1    2014 
_pdbx_validate_close_contact.PDB_ins_code_1   ? 
_pdbx_validate_close_contact.label_alt_id_1   ? 
_pdbx_validate_close_contact.auth_atom_id_2   O 
_pdbx_validate_close_contact.auth_asym_id_2   A 
_pdbx_validate_close_contact.auth_comp_id_2   HOH 
_pdbx_validate_close_contact.auth_seq_id_2    2020 
_pdbx_validate_close_contact.PDB_ins_code_2   ? 
_pdbx_validate_close_contact.label_alt_id_2   ? 
_pdbx_validate_close_contact.dist             2.18 
# 
loop_
_pdbx_validate_torsion.id 
_pdbx_validate_torsion.PDB_model_num 
_pdbx_validate_torsion.auth_comp_id 
_pdbx_validate_torsion.auth_asym_id 
_pdbx_validate_torsion.auth_seq_id 
_pdbx_validate_torsion.PDB_ins_code 
_pdbx_validate_torsion.label_alt_id 
_pdbx_validate_torsion.phi 
_pdbx_validate_torsion.psi 
1 1 SER A 30 ? ? -43.04 97.39  
2 1 SER A 32 ? ? -45.76 -12.72 
3 1 SER A 33 ? ? -30.14 167.15 
# 
_pdbx_distant_solvent_atoms.id                                1 
_pdbx_distant_solvent_atoms.PDB_model_num                     1 
_pdbx_distant_solvent_atoms.auth_atom_id                      O 
_pdbx_distant_solvent_atoms.label_alt_id                      ? 
_pdbx_distant_solvent_atoms.auth_asym_id                      A 
_pdbx_distant_solvent_atoms.auth_comp_id                      HOH 
_pdbx_distant_solvent_atoms.auth_seq_id                       2029 
_pdbx_distant_solvent_atoms.PDB_ins_code                      ? 
_pdbx_distant_solvent_atoms.neighbor_macromolecule_distance   6.10 
_pdbx_distant_solvent_atoms.neighbor_ligand_distance          . 
# 
loop_
_pdbx_unobs_or_zero_occ_residues.id 
_pdbx_unobs_or_zero_occ_residues.PDB_model_num 
_pdbx_unobs_or_zero_occ_residues.polymer_flag 
_pdbx_unobs_or_zero_occ_residues.occupancy_flag 
_pdbx_unobs_or_zero_occ_residues.auth_asym_id 
_pdbx_unobs_or_zero_occ_residues.auth_comp_id 
_pdbx_unobs_or_zero_occ_residues.auth_seq_id 
_pdbx_unobs_or_zero_occ_residues.PDB_ins_code 
_pdbx_unobs_or_zero_occ_residues.label_asym_id 
_pdbx_unobs_or_zero_occ_residues.label_comp_id 
_pdbx_unobs_or_zero_occ_residues.label_seq_id 
1  1 Y 1 A MET 1   ? A MET 1   
2  1 Y 1 A ASN 2   ? A ASN 2   
3  1 Y 1 A ARG 3   ? A ARG 3   
4  1 Y 1 A ASP 4   ? A ASP 4   
5  1 Y 1 A ILE 5   ? A ILE 5   
6  1 Y 1 A GLU 130 ? A GLU 130 
7  1 Y 1 A LYS 131 ? A LYS 131 
8  1 Y 1 A ILE 132 ? A ILE 132 
9  1 Y 1 A LEU 133 ? A LEU 133 
10 1 Y 1 A THR 134 ? A THR 134 
11 1 Y 1 A PRO 135 ? A PRO 135 
# 
loop_
_chem_comp_atom.comp_id 
_chem_comp_atom.atom_id 
_chem_comp_atom.type_symbol 
_chem_comp_atom.pdbx_aromatic_flag 
_chem_comp_atom.pdbx_stereo_config 
_chem_comp_atom.pdbx_ordinal 
ALA N    N N N 1   
ALA CA   C N S 2   
ALA C    C N N 3   
ALA O    O N N 4   
ALA CB   C N N 5   
ALA OXT  O N N 6   
ALA H    H N N 7   
ALA H2   H N N 8   
ALA HA   H N N 9   
ALA HB1  H N N 10  
ALA HB2  H N N 11  
ALA HB3  H N N 12  
ALA HXT  H N N 13  
ARG N    N N N 14  
ARG CA   C N S 15  
ARG C    C N N 16  
ARG O    O N N 17  
ARG CB   C N N 18  
ARG CG   C N N 19  
ARG CD   C N N 20  
ARG NE   N N N 21  
ARG CZ   C N N 22  
ARG NH1  N N N 23  
ARG NH2  N N N 24  
ARG OXT  O N N 25  
ARG H    H N N 26  
ARG H2   H N N 27  
ARG HA   H N N 28  
ARG HB2  H N N 29  
ARG HB3  H N N 30  
ARG HG2  H N N 31  
ARG HG3  H N N 32  
ARG HD2  H N N 33  
ARG HD3  H N N 34  
ARG HE   H N N 35  
ARG HH11 H N N 36  
ARG HH12 H N N 37  
ARG HH21 H N N 38  
ARG HH22 H N N 39  
ARG HXT  H N N 40  
ASN N    N N N 41  
ASN CA   C N S 42  
ASN C    C N N 43  
ASN O    O N N 44  
ASN CB   C N N 45  
ASN CG   C N N 46  
ASN OD1  O N N 47  
ASN ND2  N N N 48  
ASN OXT  O N N 49  
ASN H    H N N 50  
ASN H2   H N N 51  
ASN HA   H N N 52  
ASN HB2  H N N 53  
ASN HB3  H N N 54  
ASN HD21 H N N 55  
ASN HD22 H N N 56  
ASN HXT  H N N 57  
ASP N    N N N 58  
ASP CA   C N S 59  
ASP C    C N N 60  
ASP O    O N N 61  
ASP CB   C N N 62  
ASP CG   C N N 63  
ASP OD1  O N N 64  
ASP OD2  O N N 65  
ASP OXT  O N N 66  
ASP H    H N N 67  
ASP H2   H N N 68  
ASP HA   H N N 69  
ASP HB2  H N N 70  
ASP HB3  H N N 71  
ASP HD2  H N N 72  
ASP HXT  H N N 73  
CYS N    N N N 74  
CYS CA   C N R 75  
CYS C    C N N 76  
CYS O    O N N 77  
CYS CB   C N N 78  
CYS SG   S N N 79  
CYS OXT  O N N 80  
CYS H    H N N 81  
CYS H2   H N N 82  
CYS HA   H N N 83  
CYS HB2  H N N 84  
CYS HB3  H N N 85  
CYS HG   H N N 86  
CYS HXT  H N N 87  
EDO C1   C N N 88  
EDO O1   O N N 89  
EDO C2   C N N 90  
EDO O2   O N N 91  
EDO H11  H N N 92  
EDO H12  H N N 93  
EDO HO1  H N N 94  
EDO H21  H N N 95  
EDO H22  H N N 96  
EDO HO2  H N N 97  
FMT C    C N N 98  
FMT O1   O N N 99  
FMT O2   O N N 100 
FMT H    H N N 101 
FMT HO2  H N N 102 
GLN N    N N N 103 
GLN CA   C N S 104 
GLN C    C N N 105 
GLN O    O N N 106 
GLN CB   C N N 107 
GLN CG   C N N 108 
GLN CD   C N N 109 
GLN OE1  O N N 110 
GLN NE2  N N N 111 
GLN OXT  O N N 112 
GLN H    H N N 113 
GLN H2   H N N 114 
GLN HA   H N N 115 
GLN HB2  H N N 116 
GLN HB3  H N N 117 
GLN HG2  H N N 118 
GLN HG3  H N N 119 
GLN HE21 H N N 120 
GLN HE22 H N N 121 
GLN HXT  H N N 122 
GLU N    N N N 123 
GLU CA   C N S 124 
GLU C    C N N 125 
GLU O    O N N 126 
GLU CB   C N N 127 
GLU CG   C N N 128 
GLU CD   C N N 129 
GLU OE1  O N N 130 
GLU OE2  O N N 131 
GLU OXT  O N N 132 
GLU H    H N N 133 
GLU H2   H N N 134 
GLU HA   H N N 135 
GLU HB2  H N N 136 
GLU HB3  H N N 137 
GLU HG2  H N N 138 
GLU HG3  H N N 139 
GLU HE2  H N N 140 
GLU HXT  H N N 141 
GLY N    N N N 142 
GLY CA   C N N 143 
GLY C    C N N 144 
GLY O    O N N 145 
GLY OXT  O N N 146 
GLY H    H N N 147 
GLY H2   H N N 148 
GLY HA2  H N N 149 
GLY HA3  H N N 150 
GLY HXT  H N N 151 
HIS N    N N N 152 
HIS CA   C N S 153 
HIS C    C N N 154 
HIS O    O N N 155 
HIS CB   C N N 156 
HIS CG   C Y N 157 
HIS ND1  N Y N 158 
HIS CD2  C Y N 159 
HIS CE1  C Y N 160 
HIS NE2  N Y N 161 
HIS OXT  O N N 162 
HIS H    H N N 163 
HIS H2   H N N 164 
HIS HA   H N N 165 
HIS HB2  H N N 166 
HIS HB3  H N N 167 
HIS HD1  H N N 168 
HIS HD2  H N N 169 
HIS HE1  H N N 170 
HIS HE2  H N N 171 
HIS HXT  H N N 172 
HOH O    O N N 173 
HOH H1   H N N 174 
HOH H2   H N N 175 
ILE N    N N N 176 
ILE CA   C N S 177 
ILE C    C N N 178 
ILE O    O N N 179 
ILE CB   C N S 180 
ILE CG1  C N N 181 
ILE CG2  C N N 182 
ILE CD1  C N N 183 
ILE OXT  O N N 184 
ILE H    H N N 185 
ILE H2   H N N 186 
ILE HA   H N N 187 
ILE HB   H N N 188 
ILE HG12 H N N 189 
ILE HG13 H N N 190 
ILE HG21 H N N 191 
ILE HG22 H N N 192 
ILE HG23 H N N 193 
ILE HD11 H N N 194 
ILE HD12 H N N 195 
ILE HD13 H N N 196 
ILE HXT  H N N 197 
LEU N    N N N 198 
LEU CA   C N S 199 
LEU C    C N N 200 
LEU O    O N N 201 
LEU CB   C N N 202 
LEU CG   C N N 203 
LEU CD1  C N N 204 
LEU CD2  C N N 205 
LEU OXT  O N N 206 
LEU H    H N N 207 
LEU H2   H N N 208 
LEU HA   H N N 209 
LEU HB2  H N N 210 
LEU HB3  H N N 211 
LEU HG   H N N 212 
LEU HD11 H N N 213 
LEU HD12 H N N 214 
LEU HD13 H N N 215 
LEU HD21 H N N 216 
LEU HD22 H N N 217 
LEU HD23 H N N 218 
LEU HXT  H N N 219 
LYS N    N N N 220 
LYS CA   C N S 221 
LYS C    C N N 222 
LYS O    O N N 223 
LYS CB   C N N 224 
LYS CG   C N N 225 
LYS CD   C N N 226 
LYS CE   C N N 227 
LYS NZ   N N N 228 
LYS OXT  O N N 229 
LYS H    H N N 230 
LYS H2   H N N 231 
LYS HA   H N N 232 
LYS HB2  H N N 233 
LYS HB3  H N N 234 
LYS HG2  H N N 235 
LYS HG3  H N N 236 
LYS HD2  H N N 237 
LYS HD3  H N N 238 
LYS HE2  H N N 239 
LYS HE3  H N N 240 
LYS HZ1  H N N 241 
LYS HZ2  H N N 242 
LYS HZ3  H N N 243 
LYS HXT  H N N 244 
MET N    N N N 245 
MET CA   C N S 246 
MET C    C N N 247 
MET O    O N N 248 
MET CB   C N N 249 
MET CG   C N N 250 
MET SD   S N N 251 
MET CE   C N N 252 
MET OXT  O N N 253 
MET H    H N N 254 
MET H2   H N N 255 
MET HA   H N N 256 
MET HB2  H N N 257 
MET HB3  H N N 258 
MET HG2  H N N 259 
MET HG3  H N N 260 
MET HE1  H N N 261 
MET HE2  H N N 262 
MET HE3  H N N 263 
MET HXT  H N N 264 
PHE N    N N N 265 
PHE CA   C N S 266 
PHE C    C N N 267 
PHE O    O N N 268 
PHE CB   C N N 269 
PHE CG   C Y N 270 
PHE CD1  C Y N 271 
PHE CD2  C Y N 272 
PHE CE1  C Y N 273 
PHE CE2  C Y N 274 
PHE CZ   C Y N 275 
PHE OXT  O N N 276 
PHE H    H N N 277 
PHE H2   H N N 278 
PHE HA   H N N 279 
PHE HB2  H N N 280 
PHE HB3  H N N 281 
PHE HD1  H N N 282 
PHE HD2  H N N 283 
PHE HE1  H N N 284 
PHE HE2  H N N 285 
PHE HZ   H N N 286 
PHE HXT  H N N 287 
PRO N    N N N 288 
PRO CA   C N S 289 
PRO C    C N N 290 
PRO O    O N N 291 
PRO CB   C N N 292 
PRO CG   C N N 293 
PRO CD   C N N 294 
PRO OXT  O N N 295 
PRO H    H N N 296 
PRO HA   H N N 297 
PRO HB2  H N N 298 
PRO HB3  H N N 299 
PRO HG2  H N N 300 
PRO HG3  H N N 301 
PRO HD2  H N N 302 
PRO HD3  H N N 303 
PRO HXT  H N N 304 
SER N    N N N 305 
SER CA   C N S 306 
SER C    C N N 307 
SER O    O N N 308 
SER CB   C N N 309 
SER OG   O N N 310 
SER OXT  O N N 311 
SER H    H N N 312 
SER H2   H N N 313 
SER HA   H N N 314 
SER HB2  H N N 315 
SER HB3  H N N 316 
SER HG   H N N 317 
SER HXT  H N N 318 
THR N    N N N 319 
THR CA   C N S 320 
THR C    C N N 321 
THR O    O N N 322 
THR CB   C N R 323 
THR OG1  O N N 324 
THR CG2  C N N 325 
THR OXT  O N N 326 
THR H    H N N 327 
THR H2   H N N 328 
THR HA   H N N 329 
THR HB   H N N 330 
THR HG1  H N N 331 
THR HG21 H N N 332 
THR HG22 H N N 333 
THR HG23 H N N 334 
THR HXT  H N N 335 
TRP N    N N N 336 
TRP CA   C N S 337 
TRP C    C N N 338 
TRP O    O N N 339 
TRP CB   C N N 340 
TRP CG   C Y N 341 
TRP CD1  C Y N 342 
TRP CD2  C Y N 343 
TRP NE1  N Y N 344 
TRP CE2  C Y N 345 
TRP CE3  C Y N 346 
TRP CZ2  C Y N 347 
TRP CZ3  C Y N 348 
TRP CH2  C Y N 349 
TRP OXT  O N N 350 
TRP H    H N N 351 
TRP H2   H N N 352 
TRP HA   H N N 353 
TRP HB2  H N N 354 
TRP HB3  H N N 355 
TRP HD1  H N N 356 
TRP HE1  H N N 357 
TRP HE3  H N N 358 
TRP HZ2  H N N 359 
TRP HZ3  H N N 360 
TRP HH2  H N N 361 
TRP HXT  H N N 362 
VAL N    N N N 363 
VAL CA   C N S 364 
VAL C    C N N 365 
VAL O    O N N 366 
VAL CB   C N N 367 
VAL CG1  C N N 368 
VAL CG2  C N N 369 
VAL OXT  O N N 370 
VAL H    H N N 371 
VAL H2   H N N 372 
VAL HA   H N N 373 
VAL HB   H N N 374 
VAL HG11 H N N 375 
VAL HG12 H N N 376 
VAL HG13 H N N 377 
VAL HG21 H N N 378 
VAL HG22 H N N 379 
VAL HG23 H N N 380 
VAL HXT  H N N 381 
# 
loop_
_chem_comp_bond.comp_id 
_chem_comp_bond.atom_id_1 
_chem_comp_bond.atom_id_2 
_chem_comp_bond.value_order 
_chem_comp_bond.pdbx_aromatic_flag 
_chem_comp_bond.pdbx_stereo_config 
_chem_comp_bond.pdbx_ordinal 
ALA N   CA   sing N N 1   
ALA N   H    sing N N 2   
ALA N   H2   sing N N 3   
ALA CA  C    sing N N 4   
ALA CA  CB   sing N N 5   
ALA CA  HA   sing N N 6   
ALA C   O    doub N N 7   
ALA C   OXT  sing N N 8   
ALA CB  HB1  sing N N 9   
ALA CB  HB2  sing N N 10  
ALA CB  HB3  sing N N 11  
ALA OXT HXT  sing N N 12  
ARG N   CA   sing N N 13  
ARG N   H    sing N N 14  
ARG N   H2   sing N N 15  
ARG CA  C    sing N N 16  
ARG CA  CB   sing N N 17  
ARG CA  HA   sing N N 18  
ARG C   O    doub N N 19  
ARG C   OXT  sing N N 20  
ARG CB  CG   sing N N 21  
ARG CB  HB2  sing N N 22  
ARG CB  HB3  sing N N 23  
ARG CG  CD   sing N N 24  
ARG CG  HG2  sing N N 25  
ARG CG  HG3  sing N N 26  
ARG CD  NE   sing N N 27  
ARG CD  HD2  sing N N 28  
ARG CD  HD3  sing N N 29  
ARG NE  CZ   sing N N 30  
ARG NE  HE   sing N N 31  
ARG CZ  NH1  sing N N 32  
ARG CZ  NH2  doub N N 33  
ARG NH1 HH11 sing N N 34  
ARG NH1 HH12 sing N N 35  
ARG NH2 HH21 sing N N 36  
ARG NH2 HH22 sing N N 37  
ARG OXT HXT  sing N N 38  
ASN N   CA   sing N N 39  
ASN N   H    sing N N 40  
ASN N   H2   sing N N 41  
ASN CA  C    sing N N 42  
ASN CA  CB   sing N N 43  
ASN CA  HA   sing N N 44  
ASN C   O    doub N N 45  
ASN C   OXT  sing N N 46  
ASN CB  CG   sing N N 47  
ASN CB  HB2  sing N N 48  
ASN CB  HB3  sing N N 49  
ASN CG  OD1  doub N N 50  
ASN CG  ND2  sing N N 51  
ASN ND2 HD21 sing N N 52  
ASN ND2 HD22 sing N N 53  
ASN OXT HXT  sing N N 54  
ASP N   CA   sing N N 55  
ASP N   H    sing N N 56  
ASP N   H2   sing N N 57  
ASP CA  C    sing N N 58  
ASP CA  CB   sing N N 59  
ASP CA  HA   sing N N 60  
ASP C   O    doub N N 61  
ASP C   OXT  sing N N 62  
ASP CB  CG   sing N N 63  
ASP CB  HB2  sing N N 64  
ASP CB  HB3  sing N N 65  
ASP CG  OD1  doub N N 66  
ASP CG  OD2  sing N N 67  
ASP OD2 HD2  sing N N 68  
ASP OXT HXT  sing N N 69  
CYS N   CA   sing N N 70  
CYS N   H    sing N N 71  
CYS N   H2   sing N N 72  
CYS CA  C    sing N N 73  
CYS CA  CB   sing N N 74  
CYS CA  HA   sing N N 75  
CYS C   O    doub N N 76  
CYS C   OXT  sing N N 77  
CYS CB  SG   sing N N 78  
CYS CB  HB2  sing N N 79  
CYS CB  HB3  sing N N 80  
CYS SG  HG   sing N N 81  
CYS OXT HXT  sing N N 82  
EDO C1  O1   sing N N 83  
EDO C1  C2   sing N N 84  
EDO C1  H11  sing N N 85  
EDO C1  H12  sing N N 86  
EDO O1  HO1  sing N N 87  
EDO C2  O2   sing N N 88  
EDO C2  H21  sing N N 89  
EDO C2  H22  sing N N 90  
EDO O2  HO2  sing N N 91  
FMT C   O1   doub N N 92  
FMT C   O2   sing N N 93  
FMT C   H    sing N N 94  
FMT O2  HO2  sing N N 95  
GLN N   CA   sing N N 96  
GLN N   H    sing N N 97  
GLN N   H2   sing N N 98  
GLN CA  C    sing N N 99  
GLN CA  CB   sing N N 100 
GLN CA  HA   sing N N 101 
GLN C   O    doub N N 102 
GLN C   OXT  sing N N 103 
GLN CB  CG   sing N N 104 
GLN CB  HB2  sing N N 105 
GLN CB  HB3  sing N N 106 
GLN CG  CD   sing N N 107 
GLN CG  HG2  sing N N 108 
GLN CG  HG3  sing N N 109 
GLN CD  OE1  doub N N 110 
GLN CD  NE2  sing N N 111 
GLN NE2 HE21 sing N N 112 
GLN NE2 HE22 sing N N 113 
GLN OXT HXT  sing N N 114 
GLU N   CA   sing N N 115 
GLU N   H    sing N N 116 
GLU N   H2   sing N N 117 
GLU CA  C    sing N N 118 
GLU CA  CB   sing N N 119 
GLU CA  HA   sing N N 120 
GLU C   O    doub N N 121 
GLU C   OXT  sing N N 122 
GLU CB  CG   sing N N 123 
GLU CB  HB2  sing N N 124 
GLU CB  HB3  sing N N 125 
GLU CG  CD   sing N N 126 
GLU CG  HG2  sing N N 127 
GLU CG  HG3  sing N N 128 
GLU CD  OE1  doub N N 129 
GLU CD  OE2  sing N N 130 
GLU OE2 HE2  sing N N 131 
GLU OXT HXT  sing N N 132 
GLY N   CA   sing N N 133 
GLY N   H    sing N N 134 
GLY N   H2   sing N N 135 
GLY CA  C    sing N N 136 
GLY CA  HA2  sing N N 137 
GLY CA  HA3  sing N N 138 
GLY C   O    doub N N 139 
GLY C   OXT  sing N N 140 
GLY OXT HXT  sing N N 141 
HIS N   CA   sing N N 142 
HIS N   H    sing N N 143 
HIS N   H2   sing N N 144 
HIS CA  C    sing N N 145 
HIS CA  CB   sing N N 146 
HIS CA  HA   sing N N 147 
HIS C   O    doub N N 148 
HIS C   OXT  sing N N 149 
HIS CB  CG   sing N N 150 
HIS CB  HB2  sing N N 151 
HIS CB  HB3  sing N N 152 
HIS CG  ND1  sing Y N 153 
HIS CG  CD2  doub Y N 154 
HIS ND1 CE1  doub Y N 155 
HIS ND1 HD1  sing N N 156 
HIS CD2 NE2  sing Y N 157 
HIS CD2 HD2  sing N N 158 
HIS CE1 NE2  sing Y N 159 
HIS CE1 HE1  sing N N 160 
HIS NE2 HE2  sing N N 161 
HIS OXT HXT  sing N N 162 
HOH O   H1   sing N N 163 
HOH O   H2   sing N N 164 
ILE N   CA   sing N N 165 
ILE N   H    sing N N 166 
ILE N   H2   sing N N 167 
ILE CA  C    sing N N 168 
ILE CA  CB   sing N N 169 
ILE CA  HA   sing N N 170 
ILE C   O    doub N N 171 
ILE C   OXT  sing N N 172 
ILE CB  CG1  sing N N 173 
ILE CB  CG2  sing N N 174 
ILE CB  HB   sing N N 175 
ILE CG1 CD1  sing N N 176 
ILE CG1 HG12 sing N N 177 
ILE CG1 HG13 sing N N 178 
ILE CG2 HG21 sing N N 179 
ILE CG2 HG22 sing N N 180 
ILE CG2 HG23 sing N N 181 
ILE CD1 HD11 sing N N 182 
ILE CD1 HD12 sing N N 183 
ILE CD1 HD13 sing N N 184 
ILE OXT HXT  sing N N 185 
LEU N   CA   sing N N 186 
LEU N   H    sing N N 187 
LEU N   H2   sing N N 188 
LEU CA  C    sing N N 189 
LEU CA  CB   sing N N 190 
LEU CA  HA   sing N N 191 
LEU C   O    doub N N 192 
LEU C   OXT  sing N N 193 
LEU CB  CG   sing N N 194 
LEU CB  HB2  sing N N 195 
LEU CB  HB3  sing N N 196 
LEU CG  CD1  sing N N 197 
LEU CG  CD2  sing N N 198 
LEU CG  HG   sing N N 199 
LEU CD1 HD11 sing N N 200 
LEU CD1 HD12 sing N N 201 
LEU CD1 HD13 sing N N 202 
LEU CD2 HD21 sing N N 203 
LEU CD2 HD22 sing N N 204 
LEU CD2 HD23 sing N N 205 
LEU OXT HXT  sing N N 206 
LYS N   CA   sing N N 207 
LYS N   H    sing N N 208 
LYS N   H2   sing N N 209 
LYS CA  C    sing N N 210 
LYS CA  CB   sing N N 211 
LYS CA  HA   sing N N 212 
LYS C   O    doub N N 213 
LYS C   OXT  sing N N 214 
LYS CB  CG   sing N N 215 
LYS CB  HB2  sing N N 216 
LYS CB  HB3  sing N N 217 
LYS CG  CD   sing N N 218 
LYS CG  HG2  sing N N 219 
LYS CG  HG3  sing N N 220 
LYS CD  CE   sing N N 221 
LYS CD  HD2  sing N N 222 
LYS CD  HD3  sing N N 223 
LYS CE  NZ   sing N N 224 
LYS CE  HE2  sing N N 225 
LYS CE  HE3  sing N N 226 
LYS NZ  HZ1  sing N N 227 
LYS NZ  HZ2  sing N N 228 
LYS NZ  HZ3  sing N N 229 
LYS OXT HXT  sing N N 230 
MET N   CA   sing N N 231 
MET N   H    sing N N 232 
MET N   H2   sing N N 233 
MET CA  C    sing N N 234 
MET CA  CB   sing N N 235 
MET CA  HA   sing N N 236 
MET C   O    doub N N 237 
MET C   OXT  sing N N 238 
MET CB  CG   sing N N 239 
MET CB  HB2  sing N N 240 
MET CB  HB3  sing N N 241 
MET CG  SD   sing N N 242 
MET CG  HG2  sing N N 243 
MET CG  HG3  sing N N 244 
MET SD  CE   sing N N 245 
MET CE  HE1  sing N N 246 
MET CE  HE2  sing N N 247 
MET CE  HE3  sing N N 248 
MET OXT HXT  sing N N 249 
PHE N   CA   sing N N 250 
PHE N   H    sing N N 251 
PHE N   H2   sing N N 252 
PHE CA  C    sing N N 253 
PHE CA  CB   sing N N 254 
PHE CA  HA   sing N N 255 
PHE C   O    doub N N 256 
PHE C   OXT  sing N N 257 
PHE CB  CG   sing N N 258 
PHE CB  HB2  sing N N 259 
PHE CB  HB3  sing N N 260 
PHE CG  CD1  doub Y N 261 
PHE CG  CD2  sing Y N 262 
PHE CD1 CE1  sing Y N 263 
PHE CD1 HD1  sing N N 264 
PHE CD2 CE2  doub Y N 265 
PHE CD2 HD2  sing N N 266 
PHE CE1 CZ   doub Y N 267 
PHE CE1 HE1  sing N N 268 
PHE CE2 CZ   sing Y N 269 
PHE CE2 HE2  sing N N 270 
PHE CZ  HZ   sing N N 271 
PHE OXT HXT  sing N N 272 
PRO N   CA   sing N N 273 
PRO N   CD   sing N N 274 
PRO N   H    sing N N 275 
PRO CA  C    sing N N 276 
PRO CA  CB   sing N N 277 
PRO CA  HA   sing N N 278 
PRO C   O    doub N N 279 
PRO C   OXT  sing N N 280 
PRO CB  CG   sing N N 281 
PRO CB  HB2  sing N N 282 
PRO CB  HB3  sing N N 283 
PRO CG  CD   sing N N 284 
PRO CG  HG2  sing N N 285 
PRO CG  HG3  sing N N 286 
PRO CD  HD2  sing N N 287 
PRO CD  HD3  sing N N 288 
PRO OXT HXT  sing N N 289 
SER N   CA   sing N N 290 
SER N   H    sing N N 291 
SER N   H2   sing N N 292 
SER CA  C    sing N N 293 
SER CA  CB   sing N N 294 
SER CA  HA   sing N N 295 
SER C   O    doub N N 296 
SER C   OXT  sing N N 297 
SER CB  OG   sing N N 298 
SER CB  HB2  sing N N 299 
SER CB  HB3  sing N N 300 
SER OG  HG   sing N N 301 
SER OXT HXT  sing N N 302 
THR N   CA   sing N N 303 
THR N   H    sing N N 304 
THR N   H2   sing N N 305 
THR CA  C    sing N N 306 
THR CA  CB   sing N N 307 
THR CA  HA   sing N N 308 
THR C   O    doub N N 309 
THR C   OXT  sing N N 310 
THR CB  OG1  sing N N 311 
THR CB  CG2  sing N N 312 
THR CB  HB   sing N N 313 
THR OG1 HG1  sing N N 314 
THR CG2 HG21 sing N N 315 
THR CG2 HG22 sing N N 316 
THR CG2 HG23 sing N N 317 
THR OXT HXT  sing N N 318 
TRP N   CA   sing N N 319 
TRP N   H    sing N N 320 
TRP N   H2   sing N N 321 
TRP CA  C    sing N N 322 
TRP CA  CB   sing N N 323 
TRP CA  HA   sing N N 324 
TRP C   O    doub N N 325 
TRP C   OXT  sing N N 326 
TRP CB  CG   sing N N 327 
TRP CB  HB2  sing N N 328 
TRP CB  HB3  sing N N 329 
TRP CG  CD1  doub Y N 330 
TRP CG  CD2  sing Y N 331 
TRP CD1 NE1  sing Y N 332 
TRP CD1 HD1  sing N N 333 
TRP CD2 CE2  doub Y N 334 
TRP CD2 CE3  sing Y N 335 
TRP NE1 CE2  sing Y N 336 
TRP NE1 HE1  sing N N 337 
TRP CE2 CZ2  sing Y N 338 
TRP CE3 CZ3  doub Y N 339 
TRP CE3 HE3  sing N N 340 
TRP CZ2 CH2  doub Y N 341 
TRP CZ2 HZ2  sing N N 342 
TRP CZ3 CH2  sing Y N 343 
TRP CZ3 HZ3  sing N N 344 
TRP CH2 HH2  sing N N 345 
TRP OXT HXT  sing N N 346 
VAL N   CA   sing N N 347 
VAL N   H    sing N N 348 
VAL N   H2   sing N N 349 
VAL CA  C    sing N N 350 
VAL CA  CB   sing N N 351 
VAL CA  HA   sing N N 352 
VAL C   O    doub N N 353 
VAL C   OXT  sing N N 354 
VAL CB  CG1  sing N N 355 
VAL CB  CG2  sing N N 356 
VAL CB  HB   sing N N 357 
VAL CG1 HG11 sing N N 358 
VAL CG1 HG12 sing N N 359 
VAL CG1 HG13 sing N N 360 
VAL CG2 HG21 sing N N 361 
VAL CG2 HG22 sing N N 362 
VAL CG2 HG23 sing N N 363 
VAL OXT HXT  sing N N 364 
# 
loop_
_pdbx_entity_nonpoly.entity_id 
_pdbx_entity_nonpoly.name 
_pdbx_entity_nonpoly.comp_id 
2 1,2-ETHANEDIOL EDO 
3 'FORMIC ACID'  FMT 
4 water          HOH 
# 
_pdbx_initial_refinement_model.id               1 
_pdbx_initial_refinement_model.entity_id_list   ? 
_pdbx_initial_refinement_model.type             'experimental model' 
_pdbx_initial_refinement_model.source_name      PDB 
_pdbx_initial_refinement_model.accession_code   1OB8 
_pdbx_initial_refinement_model.details          'PDB ENTRY 1OB8' 
# 
